data_1TLL
#
_entry.id   1TLL
#
_cell.length_a   65.756
_cell.length_b   69.174
_cell.length_c   82.628
_cell.angle_alpha   76.80
_cell.angle_beta   72.07
_cell.angle_gamma   67.14
#
_symmetry.space_group_name_H-M   'P 1'
#
loop_
_entity.id
_entity.type
_entity.pdbx_description
1 polymer 'Nitric-oxide synthase, brain'
2 non-polymer 'SULFITE ION'
3 non-polymer 'FLAVIN MONONUCLEOTIDE'
4 non-polymer 'FLAVIN-ADENINE DINUCLEOTIDE'
5 non-polymer 'NADP NICOTINAMIDE-ADENINE-DINUCLEOTIDE PHOSPHATE'
6 water water
#
_entity_poly.entity_id   1
_entity_poly.type   'polypeptide(L)'
_entity_poly.pdbx_seq_one_letter_code
;AKLMGQAMAKRVKATILYATETGKSQAYAKTLCEIFKHAFDAKAMSMEEYDIVHLEHEALVLVVTSTFGNGDPPENGEKF
GCALMEMRHPNSVQEERKSYKVRFNSVSSYSDSRKSSGDGPDLRDNFESTGPLANVRFSVFGLGSRAYPHFCAFGHAVDT
LLEELGGERILKMREGDELCGQEEAFRTWAKKVFKAACDVFCVGDDVNIEKPNNSLISNDRSWKRNKFRLTYVAEAPDLT
QGLSNVHKKRVSAARLLSRQNLQSPKSSRSTIFVRLHTNGNQELQYQPGDHLGVFPGNHEDLVNALIERLEDAPPANHVV
KVEMLEERNTALGVISNWKDESRLPPCTIFQAFKYYLDITTPPTPLQLQQFASLATNEKEKQRLLVLSKGLQEYEEWKWG
KNPTMVEVLEEFPSIQMPATLLLTQLSLLQPRYYSISSSPDMYPDEVHLTVAIVSYHTRDGEGPVHHGVCSSWLNRIQAD
DVVPCFVRGAPSFHLPRNPQVPCILVGPGTGIAPFRSFWQQRQFDIQHKGMNPCPMVLVFGCRQSKIDHIYREETLQAKN
KGVFRELYTAYSREPDRPKKYVQDVLQEQLAESVYRALKEQGGHIYVCGDVTMAADVLKAIQRIMTQQGKLSEEDAGVFI
SRLRDDNRYHEDIFGVTLRTYEVTNRLRSESIAFIEESKKDADEVFSS
;
_entity_poly.pdbx_strand_id   A,B
#
loop_
_chem_comp.id
_chem_comp.type
_chem_comp.name
_chem_comp.formula
FAD non-polymer 'FLAVIN-ADENINE DINUCLEOTIDE' 'C27 H33 N9 O15 P2'
FMN non-polymer 'FLAVIN MONONUCLEOTIDE' 'C17 H21 N4 O9 P'
NAP non-polymer 'NADP NICOTINAMIDE-ADENINE-DINUCLEOTIDE PHOSPHATE' 'C21 H28 N7 O17 P3'
SO3 non-polymer 'SULFITE ION' 'O3 S -2'
#
# COMPACT_ATOMS: atom_id res chain seq x y z
N ALA A 9 -24.30 27.19 -17.59
CA ALA A 9 -24.77 25.86 -17.10
C ALA A 9 -25.23 24.99 -18.27
N LYS A 10 -24.51 25.10 -19.38
CA LYS A 10 -24.83 24.32 -20.57
C LYS A 10 -23.79 23.21 -20.68
N ARG A 11 -24.09 22.17 -21.44
CA ARG A 11 -23.20 21.03 -21.55
C ARG A 11 -23.20 20.46 -20.15
N VAL A 12 -24.29 19.80 -19.79
CA VAL A 12 -24.43 19.21 -18.48
C VAL A 12 -23.39 18.11 -18.26
N LYS A 13 -22.78 18.14 -17.08
CA LYS A 13 -21.76 17.17 -16.70
C LYS A 13 -22.41 15.90 -16.17
N ALA A 14 -21.93 14.76 -16.64
CA ALA A 14 -22.43 13.47 -16.20
C ALA A 14 -21.27 12.78 -15.48
N THR A 15 -21.40 12.55 -14.18
CA THR A 15 -20.31 11.90 -13.44
C THR A 15 -20.60 10.43 -13.27
N ILE A 16 -19.76 9.62 -13.89
CA ILE A 16 -19.90 8.17 -13.84
C ILE A 16 -18.95 7.54 -12.82
N LEU A 17 -19.49 7.11 -11.69
CA LEU A 17 -18.70 6.49 -10.64
C LEU A 17 -18.77 4.98 -10.76
N TYR A 18 -17.65 4.31 -10.53
CA TYR A 18 -17.61 2.85 -10.60
C TYR A 18 -16.75 2.28 -9.47
N ALA A 19 -16.96 1.00 -9.20
CA ALA A 19 -16.22 0.24 -8.19
C ALA A 19 -16.14 -1.10 -8.87
N THR A 20 -15.03 -1.81 -8.71
CA THR A 20 -14.85 -3.08 -9.39
C THR A 20 -13.76 -3.85 -8.66
N GLU A 21 -13.66 -5.16 -8.90
CA GLU A 21 -12.64 -5.98 -8.27
C GLU A 21 -11.88 -6.75 -9.33
N THR A 22 -12.51 -6.97 -10.48
CA THR A 22 -11.84 -7.69 -11.57
C THR A 22 -11.88 -6.90 -12.87
N GLY A 23 -12.47 -5.70 -12.84
CA GLY A 23 -12.50 -4.86 -14.02
C GLY A 23 -13.75 -4.74 -14.87
N LYS A 24 -14.77 -5.55 -14.61
CA LYS A 24 -15.99 -5.48 -15.39
C LYS A 24 -16.73 -4.16 -15.22
N SER A 25 -16.97 -3.74 -13.98
CA SER A 25 -17.70 -2.49 -13.80
C SER A 25 -16.94 -1.37 -14.49
N GLN A 26 -15.62 -1.39 -14.38
CA GLN A 26 -14.77 -0.37 -14.97
C GLN A 26 -14.95 -0.31 -16.49
N ALA A 27 -15.00 -1.46 -17.13
CA ALA A 27 -15.18 -1.52 -18.57
C ALA A 27 -16.52 -0.94 -18.95
N TYR A 28 -17.59 -1.47 -18.36
CA TYR A 28 -18.94 -0.98 -18.64
C TYR A 28 -19.04 0.52 -18.40
N ALA A 29 -18.39 0.99 -17.35
CA ALA A 29 -18.42 2.42 -17.05
C ALA A 29 -17.75 3.23 -18.16
N LYS A 30 -16.70 2.67 -18.76
CA LYS A 30 -16.00 3.37 -19.83
C LYS A 30 -16.95 3.47 -21.03
N THR A 31 -17.54 2.33 -21.35
CA THR A 31 -18.49 2.21 -22.44
C THR A 31 -19.66 3.18 -22.21
N LEU A 32 -20.06 3.35 -20.96
CA LEU A 32 -21.16 4.23 -20.60
C LEU A 32 -20.76 5.70 -20.72
N CYS A 33 -19.50 6.00 -20.45
CA CYS A 33 -19.02 7.37 -20.54
C CYS A 33 -18.98 7.74 -22.01
N GLU A 34 -18.50 6.81 -22.82
CA GLU A 34 -18.39 7.02 -24.24
C GLU A 34 -19.77 7.39 -24.80
N ILE A 35 -20.79 6.69 -24.33
CA ILE A 35 -22.15 6.97 -24.79
C ILE A 35 -22.59 8.37 -24.36
N PHE A 36 -22.49 8.66 -23.06
CA PHE A 36 -22.88 9.97 -22.60
C PHE A 36 -22.04 11.12 -23.16
N LYS A 37 -20.91 10.83 -23.80
CA LYS A 37 -20.10 11.91 -24.35
C LYS A 37 -20.90 12.60 -25.46
N HIS A 38 -21.87 11.90 -26.03
CA HIS A 38 -22.70 12.44 -27.10
C HIS A 38 -23.50 13.68 -26.73
N ALA A 39 -24.30 13.60 -25.66
CA ALA A 39 -25.13 14.71 -25.24
C ALA A 39 -24.61 15.43 -23.99
N PHE A 40 -23.76 14.75 -23.22
CA PHE A 40 -23.23 15.35 -22.00
C PHE A 40 -21.71 15.46 -21.97
N ASP A 41 -21.25 16.13 -20.92
CA ASP A 41 -19.82 16.27 -20.68
C ASP A 41 -19.59 15.22 -19.59
N ALA A 42 -19.25 14.01 -20.03
CA ALA A 42 -19.08 12.88 -19.12
C ALA A 42 -17.67 12.47 -18.70
N LYS A 43 -17.59 11.98 -17.47
CA LYS A 43 -16.34 11.52 -16.90
C LYS A 43 -16.54 10.24 -16.08
N ALA A 44 -15.61 9.31 -16.22
CA ALA A 44 -15.66 8.03 -15.53
C ALA A 44 -14.57 7.93 -14.47
N MET A 45 -14.97 7.91 -13.20
CA MET A 45 -14.01 7.82 -12.11
C MET A 45 -14.28 6.72 -11.12
N SER A 46 -13.21 6.12 -10.62
CA SER A 46 -13.33 5.08 -9.62
C SER A 46 -13.90 5.78 -8.41
N MET A 47 -14.72 5.09 -7.64
CA MET A 47 -15.30 5.70 -6.45
C MET A 47 -14.25 6.27 -5.50
N GLU A 48 -13.07 5.66 -5.46
CA GLU A 48 -12.02 6.14 -4.56
C GLU A 48 -11.28 7.35 -5.11
N GLU A 49 -11.22 7.45 -6.42
CA GLU A 49 -10.57 8.55 -7.10
C GLU A 49 -11.42 9.82 -6.93
N TYR A 50 -12.73 9.63 -6.81
CA TYR A 50 -13.68 10.73 -6.67
C TYR A 50 -13.65 11.36 -5.29
N ASP A 51 -13.78 12.69 -5.26
CA ASP A 51 -13.79 13.46 -4.03
C ASP A 51 -15.24 13.68 -3.63
N ILE A 52 -15.69 12.99 -2.58
CA ILE A 52 -17.07 13.07 -2.11
C ILE A 52 -17.56 14.48 -1.87
N VAL A 53 -16.66 15.43 -1.76
CA VAL A 53 -17.07 16.82 -1.52
C VAL A 53 -17.85 17.42 -2.70
N HIS A 54 -17.65 16.91 -3.91
CA HIS A 54 -18.37 17.44 -5.06
C HIS A 54 -19.83 16.93 -5.18
N LEU A 55 -20.07 15.70 -4.75
CA LEU A 55 -21.38 15.09 -4.84
C LEU A 55 -22.63 15.96 -4.73
N GLU A 56 -22.77 16.77 -3.68
CA GLU A 56 -23.98 17.60 -3.53
C GLU A 56 -24.18 18.62 -4.65
N HIS A 57 -23.11 18.92 -5.39
CA HIS A 57 -23.17 19.87 -6.48
C HIS A 57 -23.18 19.17 -7.84
N GLU A 58 -23.28 17.85 -7.81
CA GLU A 58 -23.30 17.06 -9.02
C GLU A 58 -24.70 17.18 -9.60
N ALA A 59 -24.82 17.25 -10.92
CA ALA A 59 -26.15 17.34 -11.54
C ALA A 59 -26.66 15.95 -11.82
N LEU A 60 -25.81 15.15 -12.47
CA LEU A 60 -26.13 13.78 -12.81
C LEU A 60 -25.01 12.86 -12.36
N VAL A 61 -25.36 11.76 -11.70
CA VAL A 61 -24.38 10.79 -11.23
C VAL A 61 -24.82 9.37 -11.57
N LEU A 62 -24.02 8.67 -12.34
CA LEU A 62 -24.33 7.30 -12.70
C LEU A 62 -23.34 6.33 -12.05
N VAL A 63 -23.87 5.37 -11.30
CA VAL A 63 -23.08 4.38 -10.59
C VAL A 63 -23.13 2.98 -11.23
N VAL A 64 -21.94 2.41 -11.46
CA VAL A 64 -21.82 1.06 -12.01
C VAL A 64 -20.88 0.38 -11.03
N THR A 65 -21.40 -0.53 -10.23
CA THR A 65 -20.58 -1.20 -9.25
C THR A 65 -20.94 -2.64 -9.02
N SER A 66 -19.92 -3.46 -8.76
CA SER A 66 -20.13 -4.86 -8.47
C SER A 66 -20.26 -4.96 -6.96
N THR A 67 -20.36 -6.19 -6.47
CA THR A 67 -20.48 -6.44 -5.05
C THR A 67 -19.48 -7.54 -4.84
N PHE A 68 -18.83 -7.55 -3.69
CA PHE A 68 -17.87 -8.59 -3.44
C PHE A 68 -17.97 -9.21 -2.06
N GLY A 69 -17.10 -10.17 -1.80
CA GLY A 69 -17.10 -10.84 -0.52
C GLY A 69 -18.48 -11.29 -0.13
N ASN A 70 -18.88 -10.92 1.08
CA ASN A 70 -20.18 -11.31 1.60
C ASN A 70 -21.21 -10.17 1.48
N GLY A 71 -21.54 -9.81 0.24
CA GLY A 71 -22.50 -8.74 0.01
C GLY A 71 -21.86 -7.39 0.31
N ASP A 72 -20.55 -7.31 0.15
CA ASP A 72 -19.83 -6.09 0.48
C ASP A 72 -19.41 -5.23 -0.72
N PRO A 73 -18.93 -4.00 -0.44
CA PRO A 73 -18.49 -3.04 -1.46
C PRO A 73 -17.20 -3.56 -2.05
N PRO A 74 -16.94 -3.26 -3.33
CA PRO A 74 -15.67 -3.78 -3.85
C PRO A 74 -14.71 -3.04 -2.94
N GLU A 75 -13.46 -3.46 -2.85
CA GLU A 75 -12.54 -2.78 -1.95
C GLU A 75 -12.39 -1.30 -2.30
N ASN A 76 -12.28 -0.98 -3.58
CA ASN A 76 -12.16 0.42 -3.97
C ASN A 76 -13.51 1.14 -3.91
N GLY A 77 -14.49 0.53 -3.27
CA GLY A 77 -15.81 1.15 -3.16
C GLY A 77 -16.21 1.44 -1.72
N GLU A 78 -15.49 0.81 -0.79
CA GLU A 78 -15.71 0.93 0.66
C GLU A 78 -15.72 2.35 1.21
N LYS A 79 -14.73 3.15 0.82
CA LYS A 79 -14.65 4.53 1.29
C LYS A 79 -15.91 5.32 0.90
N PHE A 80 -16.32 5.19 -0.36
CA PHE A 80 -17.49 5.89 -0.86
C PHE A 80 -18.77 5.42 -0.19
N GLY A 81 -18.86 4.12 0.08
CA GLY A 81 -20.05 3.59 0.73
C GLY A 81 -20.17 4.04 2.19
N CYS A 82 -19.04 4.11 2.88
CA CYS A 82 -19.04 4.55 4.27
C CYS A 82 -19.46 6.01 4.30
N ALA A 83 -18.85 6.81 3.41
CA ALA A 83 -19.14 8.24 3.31
C ALA A 83 -20.63 8.53 3.20
N LEU A 84 -21.32 7.84 2.29
CA LEU A 84 -22.76 8.01 2.12
C LEU A 84 -23.43 7.58 3.40
N MET A 85 -23.10 6.36 3.80
CA MET A 85 -23.63 5.75 5.01
C MET A 85 -23.52 6.75 6.16
N GLU A 86 -22.47 7.58 6.09
CA GLU A 86 -22.23 8.59 7.12
C GLU A 86 -23.12 9.83 7.00
N MET A 87 -23.06 10.52 5.85
CA MET A 87 -23.87 11.73 5.64
C MET A 87 -25.33 11.48 5.97
N ARG A 88 -25.75 10.24 5.78
CA ARG A 88 -27.12 9.80 6.02
C ARG A 88 -27.40 9.41 7.47
N HIS A 89 -26.36 9.14 8.24
CA HIS A 89 -26.54 8.74 9.61
C HIS A 89 -26.34 9.74 10.75
N GLU A 95 -30.55 10.77 16.89
CA GLU A 95 -31.24 9.82 15.96
C GLU A 95 -30.24 8.73 15.61
N GLU A 96 -30.61 7.46 15.79
CA GLU A 96 -29.67 6.39 15.47
C GLU A 96 -30.21 4.97 15.21
N ARG A 97 -29.55 4.26 14.28
CA ARG A 97 -29.92 2.88 13.95
C ARG A 97 -29.39 2.28 12.65
N LYS A 98 -29.84 1.05 12.40
CA LYS A 98 -29.52 0.22 11.23
C LYS A 98 -28.14 0.17 10.56
N SER A 99 -27.57 -1.02 10.58
CA SER A 99 -26.26 -1.26 9.99
C SER A 99 -26.37 -1.68 8.52
N TYR A 100 -25.22 -1.65 7.83
CA TYR A 100 -25.15 -2.04 6.43
C TYR A 100 -25.51 -3.50 6.30
N LYS A 101 -24.92 -4.31 7.17
CA LYS A 101 -25.19 -5.74 7.15
C LYS A 101 -26.64 -6.01 7.50
N VAL A 102 -27.29 -5.11 8.24
CA VAL A 102 -28.67 -5.34 8.58
C VAL A 102 -29.63 -5.08 7.43
N ARG A 103 -29.62 -3.87 6.89
CA ARG A 103 -30.55 -3.52 5.80
C ARG A 103 -30.27 -4.13 4.44
N PHE A 104 -29.02 -4.08 4.01
CA PHE A 104 -28.69 -4.57 2.68
C PHE A 104 -28.23 -6.02 2.50
N ASN A 105 -27.73 -6.61 3.56
CA ASN A 105 -27.32 -7.99 3.52
C ASN A 105 -28.03 -8.61 4.69
N SER A 106 -29.34 -8.63 4.55
CA SER A 106 -30.25 -9.12 5.58
C SER A 106 -30.85 -10.53 5.49
N VAL A 107 -31.02 -11.08 6.68
CA VAL A 107 -31.52 -12.42 7.03
C VAL A 107 -32.97 -12.88 6.70
N SER A 108 -33.50 -12.52 5.53
CA SER A 108 -34.85 -12.95 5.18
C SER A 108 -35.08 -12.95 3.66
N GLY A 131 -32.81 17.45 2.12
CA GLY A 131 -31.79 16.40 1.83
C GLY A 131 -30.52 16.97 1.22
N PRO A 132 -29.35 16.48 1.63
CA PRO A 132 -28.06 16.95 1.12
C PRO A 132 -27.90 16.86 -0.40
N LEU A 133 -28.52 15.85 -0.99
CA LEU A 133 -28.42 15.63 -2.43
C LEU A 133 -29.66 15.98 -3.27
N ALA A 134 -30.45 16.96 -2.82
CA ALA A 134 -31.65 17.37 -3.53
C ALA A 134 -31.42 17.74 -5.00
N ASN A 135 -30.29 18.40 -5.26
CA ASN A 135 -29.90 18.87 -6.59
C ASN A 135 -29.50 17.74 -7.55
N VAL A 136 -29.13 16.60 -6.97
CA VAL A 136 -28.65 15.44 -7.73
C VAL A 136 -29.61 14.42 -8.34
N ARG A 137 -29.32 14.02 -9.58
CA ARG A 137 -30.08 12.99 -10.29
C ARG A 137 -29.10 11.84 -10.50
N PHE A 138 -29.56 10.61 -10.35
CA PHE A 138 -28.68 9.47 -10.48
C PHE A 138 -29.44 8.24 -10.94
N SER A 139 -28.68 7.20 -11.20
CA SER A 139 -29.23 5.91 -11.59
C SER A 139 -28.13 4.90 -11.31
N VAL A 140 -28.51 3.71 -10.92
CA VAL A 140 -27.54 2.68 -10.59
C VAL A 140 -27.63 1.41 -11.40
N PHE A 141 -26.46 0.87 -11.74
CA PHE A 141 -26.39 -0.43 -12.42
C PHE A 141 -25.43 -1.25 -11.55
N GLY A 142 -25.90 -2.39 -11.08
CA GLY A 142 -25.04 -3.22 -10.25
C GLY A 142 -24.75 -4.57 -10.85
N LEU A 143 -23.50 -4.98 -10.73
CA LEU A 143 -23.06 -6.27 -11.21
C LEU A 143 -23.08 -7.22 -10.00
N GLY A 144 -23.31 -8.50 -10.25
CA GLY A 144 -23.37 -9.48 -9.18
C GLY A 144 -23.58 -10.89 -9.70
N SER A 145 -24.08 -11.78 -8.85
CA SER A 145 -24.33 -13.16 -9.25
C SER A 145 -25.44 -13.77 -8.40
N ARG A 146 -26.37 -14.47 -9.06
CA ARG A 146 -27.48 -15.08 -8.35
C ARG A 146 -26.99 -16.22 -7.51
N ALA A 147 -25.73 -16.58 -7.69
CA ALA A 147 -25.14 -17.66 -6.91
C ALA A 147 -24.90 -17.20 -5.46
N TYR A 148 -25.01 -15.91 -5.22
CA TYR A 148 -24.77 -15.37 -3.89
C TYR A 148 -26.07 -14.86 -3.23
N PRO A 149 -26.16 -15.03 -1.89
CA PRO A 149 -27.27 -14.62 -1.02
C PRO A 149 -27.78 -13.19 -1.26
N HIS A 150 -26.87 -12.24 -1.15
CA HIS A 150 -27.22 -10.83 -1.32
C HIS A 150 -26.80 -10.34 -2.69
N PHE A 151 -27.61 -10.68 -3.68
CA PHE A 151 -27.40 -10.34 -5.07
C PHE A 151 -27.32 -8.83 -5.29
N CYS A 152 -26.19 -8.36 -5.83
CA CYS A 152 -25.99 -6.93 -6.10
C CYS A 152 -26.22 -6.04 -4.90
N ALA A 153 -25.80 -6.48 -3.72
CA ALA A 153 -26.01 -5.72 -2.50
C ALA A 153 -25.45 -4.30 -2.47
N PHE A 154 -24.22 -4.11 -2.94
CA PHE A 154 -23.63 -2.78 -2.90
C PHE A 154 -24.32 -1.79 -3.84
N GLY A 155 -24.85 -2.28 -4.95
CA GLY A 155 -25.55 -1.42 -5.89
C GLY A 155 -26.84 -0.96 -5.24
N HIS A 156 -27.53 -1.90 -4.61
CA HIS A 156 -28.79 -1.58 -3.93
C HIS A 156 -28.55 -0.60 -2.77
N ALA A 157 -27.44 -0.73 -2.05
CA ALA A 157 -27.22 0.20 -0.94
C ALA A 157 -26.96 1.61 -1.46
N VAL A 158 -26.12 1.71 -2.48
CA VAL A 158 -25.82 3.01 -3.06
C VAL A 158 -27.12 3.59 -3.61
N ASP A 159 -27.85 2.77 -4.36
CA ASP A 159 -29.11 3.21 -4.94
C ASP A 159 -30.07 3.64 -3.84
N THR A 160 -30.18 2.85 -2.78
CA THR A 160 -31.06 3.21 -1.67
C THR A 160 -30.56 4.46 -1.00
N LEU A 161 -29.25 4.52 -0.75
CA LEU A 161 -28.65 5.66 -0.07
C LEU A 161 -28.71 7.01 -0.81
N LEU A 162 -28.47 7.03 -2.10
CA LEU A 162 -28.54 8.30 -2.81
C LEU A 162 -29.94 8.89 -2.75
N GLU A 163 -30.96 8.02 -2.67
CA GLU A 163 -32.34 8.48 -2.59
C GLU A 163 -32.73 9.08 -1.23
N GLU A 164 -32.23 8.49 -0.15
CA GLU A 164 -32.55 9.02 1.18
C GLU A 164 -31.78 10.32 1.44
N LEU A 165 -30.66 10.48 0.75
CA LEU A 165 -29.87 11.69 0.91
C LEU A 165 -30.49 12.85 0.11
N GLY A 166 -31.62 12.59 -0.53
CA GLY A 166 -32.30 13.61 -1.29
C GLY A 166 -32.13 13.56 -2.81
N GLY A 167 -31.51 12.52 -3.32
CA GLY A 167 -31.32 12.41 -4.75
C GLY A 167 -32.58 12.00 -5.49
N GLU A 168 -32.64 12.33 -6.78
CA GLU A 168 -33.78 11.97 -7.59
C GLU A 168 -33.35 10.89 -8.57
N ARG A 169 -33.81 9.67 -8.34
CA ARG A 169 -33.48 8.53 -9.20
C ARG A 169 -34.13 8.67 -10.58
N ILE A 170 -33.34 8.49 -11.65
CA ILE A 170 -33.85 8.59 -13.01
C ILE A 170 -34.55 7.30 -13.42
N LEU A 171 -33.80 6.20 -13.45
CA LEU A 171 -34.32 4.89 -13.78
C LEU A 171 -34.21 4.02 -12.53
N LYS A 172 -35.04 2.99 -12.45
CA LYS A 172 -34.99 2.10 -11.31
C LYS A 172 -33.67 1.34 -11.45
N MET A 173 -33.12 0.83 -10.35
CA MET A 173 -31.86 0.11 -10.44
C MET A 173 -31.99 -1.16 -11.24
N ARG A 174 -31.01 -1.39 -12.11
CA ARG A 174 -30.98 -2.59 -12.92
C ARG A 174 -29.83 -3.49 -12.42
N GLU A 175 -29.99 -4.80 -12.58
CA GLU A 175 -28.98 -5.73 -12.10
C GLU A 175 -28.41 -6.58 -13.22
N GLY A 176 -27.08 -6.70 -13.22
CA GLY A 176 -26.40 -7.51 -14.23
C GLY A 176 -25.89 -8.80 -13.60
N ASP A 177 -26.47 -9.93 -14.00
CA ASP A 177 -26.08 -11.23 -13.47
C ASP A 177 -24.95 -11.88 -14.26
N GLU A 178 -23.82 -12.10 -13.60
CA GLU A 178 -22.64 -12.71 -14.22
C GLU A 178 -22.96 -14.08 -14.76
N LEU A 179 -23.99 -14.70 -14.21
CA LEU A 179 -24.38 -16.04 -14.63
C LEU A 179 -25.21 -16.02 -15.90
N CYS A 180 -25.91 -14.92 -16.15
CA CYS A 180 -26.74 -14.86 -17.35
C CYS A 180 -27.03 -13.48 -17.92
N GLY A 181 -26.42 -13.18 -19.07
CA GLY A 181 -26.62 -11.91 -19.74
C GLY A 181 -26.18 -10.63 -19.06
N GLN A 182 -25.04 -10.66 -18.38
CA GLN A 182 -24.56 -9.47 -17.69
C GLN A 182 -24.27 -8.33 -18.66
N GLU A 183 -23.37 -8.59 -19.61
CA GLU A 183 -23.00 -7.59 -20.61
C GLU A 183 -24.26 -7.17 -21.37
N GLU A 184 -25.16 -8.12 -21.62
CA GLU A 184 -26.40 -7.83 -22.33
C GLU A 184 -27.33 -6.87 -21.59
N ALA A 185 -27.51 -7.08 -20.29
CA ALA A 185 -28.40 -6.24 -19.51
C ALA A 185 -27.81 -4.84 -19.34
N PHE A 186 -26.51 -4.71 -19.58
CA PHE A 186 -25.85 -3.44 -19.46
C PHE A 186 -26.28 -2.52 -20.60
N ARG A 187 -26.30 -3.07 -21.81
CA ARG A 187 -26.71 -2.32 -23.00
C ARG A 187 -28.11 -1.78 -22.82
N THR A 188 -29.04 -2.67 -22.52
CA THR A 188 -30.41 -2.27 -22.31
C THR A 188 -30.46 -1.05 -21.43
N TRP A 189 -29.95 -1.19 -20.21
CA TRP A 189 -29.91 -0.10 -19.23
C TRP A 189 -29.16 1.11 -19.74
N ALA A 190 -28.00 0.88 -20.35
CA ALA A 190 -27.21 1.97 -20.89
C ALA A 190 -28.03 2.77 -21.89
N LYS A 191 -28.83 2.07 -22.69
CA LYS A 191 -29.67 2.74 -23.67
C LYS A 191 -30.73 3.59 -22.98
N LYS A 192 -31.56 2.95 -22.16
CA LYS A 192 -32.62 3.65 -21.45
C LYS A 192 -32.13 4.84 -20.62
N VAL A 193 -31.14 4.62 -19.76
CA VAL A 193 -30.67 5.70 -18.91
C VAL A 193 -30.17 6.91 -19.67
N PHE A 194 -29.53 6.68 -20.80
CA PHE A 194 -29.06 7.79 -21.61
C PHE A 194 -30.31 8.52 -22.11
N LYS A 195 -31.23 7.76 -22.70
CA LYS A 195 -32.47 8.34 -23.21
C LYS A 195 -33.21 9.08 -22.09
N ALA A 196 -33.25 8.49 -20.90
CA ALA A 196 -33.95 9.11 -19.78
C ALA A 196 -33.26 10.38 -19.30
N ALA A 197 -31.93 10.41 -19.38
CA ALA A 197 -31.17 11.57 -18.94
C ALA A 197 -31.38 12.72 -19.93
N CYS A 198 -31.32 12.39 -21.20
CA CYS A 198 -31.53 13.37 -22.26
C CYS A 198 -32.89 14.01 -22.08
N ASP A 199 -33.89 13.17 -21.88
CA ASP A 199 -35.22 13.69 -21.68
C ASP A 199 -35.25 14.63 -20.49
N VAL A 200 -34.89 14.17 -19.29
CA VAL A 200 -34.96 15.05 -18.13
C VAL A 200 -34.16 16.33 -18.25
N PHE A 201 -32.92 16.26 -18.70
CA PHE A 201 -32.15 17.48 -18.83
C PHE A 201 -32.44 18.27 -20.11
N CYS A 202 -33.34 17.74 -20.94
CA CYS A 202 -33.71 18.44 -22.17
C CYS A 202 -32.49 18.81 -23.01
N VAL A 203 -31.71 17.81 -23.35
CA VAL A 203 -30.50 17.95 -24.17
C VAL A 203 -30.58 16.62 -24.87
N GLY A 204 -30.13 16.52 -26.12
CA GLY A 204 -30.20 15.26 -26.81
C GLY A 204 -31.28 15.29 -27.89
N ASP A 205 -31.24 16.38 -28.65
CA ASP A 205 -32.13 16.62 -29.77
C ASP A 205 -31.09 16.76 -30.88
N ASP A 206 -29.83 16.55 -30.54
CA ASP A 206 -28.82 16.61 -31.58
C ASP A 206 -27.99 15.36 -31.44
N VAL A 207 -28.26 14.61 -30.38
CA VAL A 207 -27.59 13.35 -30.15
C VAL A 207 -28.56 12.43 -30.84
N ASN A 208 -28.04 11.38 -31.46
CA ASN A 208 -28.84 10.51 -32.30
C ASN A 208 -29.06 9.04 -31.93
N ILE A 209 -30.14 8.48 -32.49
CA ILE A 209 -30.46 7.07 -32.29
C ILE A 209 -29.28 6.35 -32.94
N GLU A 210 -28.64 5.45 -32.20
CA GLU A 210 -27.48 4.71 -32.69
C GLU A 210 -27.66 3.25 -33.04
N SER A 218 -18.45 -2.22 -33.36
CA SER A 218 -17.73 -1.51 -32.25
C SER A 218 -18.22 -0.07 -32.23
N ASN A 219 -17.31 0.89 -32.03
CA ASN A 219 -17.65 2.31 -32.01
C ASN A 219 -16.80 3.35 -31.27
N ASP A 220 -16.12 2.96 -30.19
CA ASP A 220 -15.35 3.96 -29.45
C ASP A 220 -13.87 3.64 -29.34
N ARG A 221 -13.28 3.98 -28.19
CA ARG A 221 -11.87 3.73 -27.90
C ARG A 221 -11.58 2.24 -28.01
N SER A 222 -12.53 1.49 -28.57
CA SER A 222 -12.37 0.05 -28.77
C SER A 222 -11.04 -0.06 -29.50
N TRP A 223 -11.03 -0.67 -30.68
CA TRP A 223 -9.77 -0.75 -31.36
C TRP A 223 -9.87 -0.42 -32.84
N LYS A 224 -8.82 0.23 -33.31
CA LYS A 224 -8.70 0.66 -34.69
C LYS A 224 -7.19 0.77 -34.95
N ARG A 225 -6.75 0.18 -36.06
CA ARG A 225 -5.36 0.13 -36.48
C ARG A 225 -4.52 1.39 -36.66
N ASN A 226 -5.16 2.55 -36.78
CA ASN A 226 -4.42 3.79 -36.95
C ASN A 226 -4.50 4.55 -35.64
N LYS A 227 -4.78 3.81 -34.56
CA LYS A 227 -4.91 4.40 -33.23
C LYS A 227 -3.84 3.89 -32.27
N PHE A 228 -3.61 2.58 -32.24
CA PHE A 228 -2.61 2.03 -31.34
C PHE A 228 -1.32 1.57 -31.99
N ARG A 229 -0.21 1.89 -31.34
CA ARG A 229 1.10 1.55 -31.84
C ARG A 229 2.07 1.12 -30.73
N LEU A 230 2.81 0.05 -31.00
CA LEU A 230 3.79 -0.51 -30.07
C LEU A 230 5.19 0.01 -30.41
N THR A 231 5.76 0.84 -29.57
CA THR A 231 7.09 1.37 -29.85
C THR A 231 8.17 0.80 -28.95
N TYR A 232 9.37 0.67 -29.51
CA TYR A 232 10.52 0.10 -28.80
C TYR A 232 10.97 0.86 -27.57
N VAL A 233 11.44 0.11 -26.58
CA VAL A 233 11.94 0.68 -25.33
C VAL A 233 13.14 -0.16 -24.89
N ALA A 234 14.08 0.47 -24.20
CA ALA A 234 15.29 -0.19 -23.74
C ALA A 234 15.29 -0.55 -22.26
N GLU A 235 14.33 -0.01 -21.51
CA GLU A 235 14.21 -0.28 -20.09
C GLU A 235 12.93 -1.03 -19.75
N ALA A 236 13.08 -2.26 -19.29
CA ALA A 236 11.95 -3.08 -18.89
C ALA A 236 12.06 -3.17 -17.39
N PRO A 237 10.98 -2.80 -16.66
CA PRO A 237 11.01 -2.83 -15.20
C PRO A 237 11.23 -4.24 -14.65
N ASP A 238 11.06 -4.35 -13.34
CA ASP A 238 11.20 -5.61 -12.63
C ASP A 238 9.74 -6.05 -12.46
N LEU A 239 9.47 -7.36 -12.48
CA LEU A 239 8.11 -7.86 -12.36
C LEU A 239 7.28 -7.26 -11.23
N THR A 240 7.77 -7.36 -10.00
CA THR A 240 7.01 -6.83 -8.86
C THR A 240 6.79 -5.34 -8.94
N GLN A 241 7.74 -4.63 -9.55
CA GLN A 241 7.62 -3.17 -9.68
C GLN A 241 6.62 -2.84 -10.78
N GLY A 242 6.65 -3.61 -11.86
CA GLY A 242 5.72 -3.39 -12.96
C GLY A 242 4.29 -3.67 -12.54
N LEU A 243 4.10 -4.69 -11.68
CA LEU A 243 2.76 -5.03 -11.21
C LEU A 243 2.25 -4.00 -10.21
N SER A 244 3.17 -3.31 -9.54
CA SER A 244 2.77 -2.29 -8.58
C SER A 244 2.18 -1.10 -9.35
N ASN A 245 2.83 -0.74 -10.45
CA ASN A 245 2.35 0.38 -11.26
C ASN A 245 0.99 0.01 -11.82
N VAL A 246 0.98 -1.10 -12.56
CA VAL A 246 -0.22 -1.61 -13.19
C VAL A 246 -1.45 -1.69 -12.29
N HIS A 247 -1.29 -2.16 -11.05
CA HIS A 247 -2.43 -2.29 -10.16
C HIS A 247 -2.46 -1.28 -9.02
N LYS A 248 -1.66 -0.23 -9.15
CA LYS A 248 -1.59 0.84 -8.14
C LYS A 248 -1.55 0.33 -6.70
N LYS A 249 -0.55 -0.47 -6.39
CA LYS A 249 -0.39 -1.00 -5.04
C LYS A 249 1.00 -1.60 -4.97
N ARG A 250 1.52 -1.74 -3.75
CA ARG A 250 2.85 -2.29 -3.56
C ARG A 250 2.86 -3.79 -3.49
N VAL A 251 3.50 -4.39 -4.48
CA VAL A 251 3.62 -5.83 -4.58
C VAL A 251 5.04 -6.19 -4.14
N SER A 252 5.15 -7.15 -3.23
CA SER A 252 6.43 -7.60 -2.71
C SER A 252 6.77 -8.90 -3.40
N ALA A 253 8.06 -9.22 -3.45
CA ALA A 253 8.50 -10.47 -4.04
C ALA A 253 8.65 -11.44 -2.87
N ALA A 254 7.95 -12.56 -2.95
CA ALA A 254 8.06 -13.53 -1.90
C ALA A 254 8.94 -14.60 -2.47
N ARG A 255 9.16 -15.65 -1.71
CA ARG A 255 9.99 -16.72 -2.21
C ARG A 255 9.42 -18.08 -1.87
N LEU A 256 9.47 -18.97 -2.84
CA LEU A 256 8.95 -20.32 -2.68
C LEU A 256 9.97 -21.14 -1.92
N LEU A 257 9.53 -21.78 -0.84
CA LEU A 257 10.42 -22.62 -0.05
C LEU A 257 10.14 -24.09 -0.37
N SER A 258 8.87 -24.46 -0.39
CA SER A 258 8.51 -25.84 -0.68
C SER A 258 7.03 -26.00 -0.99
N ARG A 259 6.66 -27.15 -1.55
CA ARG A 259 5.26 -27.43 -1.85
C ARG A 259 5.07 -28.91 -1.59
N GLN A 260 3.97 -29.26 -0.93
CA GLN A 260 3.68 -30.65 -0.60
C GLN A 260 2.22 -31.00 -0.90
N ASN A 261 1.96 -32.26 -1.21
CA ASN A 261 0.60 -32.70 -1.47
C ASN A 261 -0.09 -33.01 -0.13
N LEU A 262 -1.29 -32.48 0.06
CA LEU A 262 -2.02 -32.73 1.29
C LEU A 262 -3.02 -33.87 1.18
N GLN A 263 -3.18 -34.43 -0.02
CA GLN A 263 -4.11 -35.55 -0.22
C GLN A 263 -3.34 -36.82 -0.55
N SER A 264 -4.00 -37.96 -0.35
CA SER A 264 -3.41 -39.25 -0.67
C SER A 264 -2.97 -39.26 -2.12
N PRO A 265 -1.90 -40.00 -2.45
CA PRO A 265 -1.45 -40.06 -3.83
C PRO A 265 -2.49 -40.81 -4.66
N LYS A 266 -3.40 -41.46 -3.94
CA LYS A 266 -4.46 -42.25 -4.57
C LYS A 266 -5.73 -41.44 -4.78
N SER A 267 -5.60 -40.12 -4.66
CA SER A 267 -6.73 -39.23 -4.86
C SER A 267 -6.73 -38.86 -6.34
N SER A 268 -7.88 -38.44 -6.84
CA SER A 268 -7.97 -38.04 -8.23
C SER A 268 -7.74 -36.54 -8.20
N ARG A 269 -8.02 -35.95 -7.04
CA ARG A 269 -7.85 -34.51 -6.83
C ARG A 269 -6.50 -34.23 -6.17
N SER A 270 -6.19 -32.95 -6.03
CA SER A 270 -4.93 -32.54 -5.45
C SER A 270 -5.05 -31.21 -4.75
N THR A 271 -4.44 -31.11 -3.58
CA THR A 271 -4.42 -29.90 -2.77
C THR A 271 -2.98 -29.76 -2.29
N ILE A 272 -2.40 -28.58 -2.46
CA ILE A 272 -1.01 -28.38 -2.08
C ILE A 272 -0.76 -27.44 -0.91
N PHE A 273 0.25 -27.78 -0.12
CA PHE A 273 0.66 -26.97 1.02
C PHE A 273 1.92 -26.27 0.52
N VAL A 274 1.87 -24.94 0.46
CA VAL A 274 2.95 -24.11 -0.04
C VAL A 274 3.60 -23.21 1.00
N ARG A 275 4.93 -23.23 1.07
CA ARG A 275 5.65 -22.40 2.03
C ARG A 275 6.42 -21.29 1.32
N LEU A 276 6.20 -20.04 1.72
CA LEU A 276 6.88 -18.89 1.13
C LEU A 276 7.72 -18.12 2.14
N HIS A 277 8.85 -17.58 1.69
CA HIS A 277 9.69 -16.79 2.59
C HIS A 277 9.42 -15.34 2.26
N THR A 278 9.01 -14.58 3.26
CA THR A 278 8.68 -13.18 3.07
C THR A 278 9.93 -12.33 3.04
N ASN A 279 11.05 -12.86 3.50
CA ASN A 279 12.32 -12.15 3.52
C ASN A 279 12.36 -10.90 4.41
N GLY A 280 11.64 -10.94 5.51
CA GLY A 280 11.62 -9.81 6.43
C GLY A 280 10.71 -8.66 6.05
N ASN A 281 10.49 -8.49 4.75
CA ASN A 281 9.65 -7.42 4.21
C ASN A 281 8.45 -7.08 5.09
N GLN A 282 8.44 -5.88 5.65
CA GLN A 282 7.37 -5.45 6.53
C GLN A 282 6.07 -5.27 5.76
N GLU A 283 6.19 -5.38 4.44
CA GLU A 283 5.04 -5.24 3.57
C GLU A 283 4.16 -6.47 3.75
N LEU A 284 4.81 -7.57 4.10
CA LEU A 284 4.14 -8.84 4.28
C LEU A 284 3.79 -9.25 5.72
N GLN A 285 3.55 -8.30 6.61
CA GLN A 285 3.17 -8.64 7.99
C GLN A 285 1.72 -8.99 7.91
N TYR A 286 1.27 -9.91 8.75
CA TYR A 286 -0.13 -10.28 8.73
C TYR A 286 -0.56 -10.88 10.05
N GLN A 287 -1.86 -11.03 10.18
CA GLN A 287 -2.44 -11.61 11.37
C GLN A 287 -3.22 -12.83 10.94
N PRO A 288 -3.43 -13.79 11.84
CA PRO A 288 -4.20 -14.95 11.38
C PRO A 288 -5.58 -14.48 10.89
N GLY A 289 -5.98 -14.96 9.71
CA GLY A 289 -7.26 -14.59 9.12
C GLY A 289 -7.07 -13.85 7.80
N ASP A 290 -6.00 -13.08 7.72
CA ASP A 290 -5.68 -12.29 6.54
C ASP A 290 -5.43 -13.14 5.30
N HIS A 291 -5.55 -12.52 4.12
CA HIS A 291 -5.32 -13.23 2.87
C HIS A 291 -4.05 -12.76 2.21
N LEU A 292 -3.54 -13.59 1.32
CA LEU A 292 -2.37 -13.25 0.53
C LEU A 292 -2.88 -13.13 -0.91
N GLY A 293 -2.69 -11.98 -1.55
CA GLY A 293 -3.10 -11.84 -2.93
C GLY A 293 -1.89 -12.27 -3.73
N VAL A 294 -2.05 -13.19 -4.69
CA VAL A 294 -0.94 -13.68 -5.52
C VAL A 294 -1.10 -13.37 -7.02
N PHE A 295 0.01 -13.00 -7.68
CA PHE A 295 -0.01 -12.67 -9.10
C PHE A 295 0.64 -13.79 -9.85
N PRO A 296 -0.13 -14.56 -10.63
CA PRO A 296 0.32 -15.69 -11.43
C PRO A 296 0.91 -15.38 -12.79
N GLY A 297 1.35 -16.45 -13.43
CA GLY A 297 1.89 -16.37 -14.77
C GLY A 297 1.10 -17.40 -15.55
N ASN A 298 0.63 -17.04 -16.74
CA ASN A 298 -0.12 -17.97 -17.57
C ASN A 298 0.87 -19.02 -18.05
N HIS A 299 0.40 -20.23 -18.30
CA HIS A 299 1.31 -21.28 -18.77
C HIS A 299 1.98 -20.85 -20.07
N GLU A 300 3.30 -20.97 -20.13
CA GLU A 300 4.09 -20.57 -21.30
C GLU A 300 3.63 -21.16 -22.63
N ASP A 301 3.23 -22.42 -22.63
CA ASP A 301 2.77 -23.03 -23.87
C ASP A 301 1.55 -22.27 -24.41
N LEU A 302 0.61 -21.97 -23.54
CA LEU A 302 -0.59 -21.26 -23.95
C LEU A 302 -0.19 -19.87 -24.43
N VAL A 303 0.70 -19.21 -23.70
CA VAL A 303 1.17 -17.88 -24.07
C VAL A 303 1.83 -17.94 -25.45
N ASN A 304 2.62 -18.99 -25.67
CA ASN A 304 3.28 -19.13 -26.95
C ASN A 304 2.31 -19.42 -28.08
N ALA A 305 1.42 -20.38 -27.89
CA ALA A 305 0.44 -20.70 -28.93
C ALA A 305 -0.23 -19.40 -29.34
N LEU A 306 -0.62 -18.60 -28.36
CA LEU A 306 -1.27 -17.33 -28.62
C LEU A 306 -0.38 -16.42 -29.47
N ILE A 307 0.85 -16.18 -29.03
CA ILE A 307 1.75 -15.30 -29.77
C ILE A 307 1.97 -15.75 -31.21
N GLU A 308 2.12 -17.07 -31.41
CA GLU A 308 2.34 -17.65 -32.73
C GLU A 308 1.07 -17.63 -33.58
N ARG A 309 0.07 -16.88 -33.14
CA ARG A 309 -1.18 -16.79 -33.87
C ARG A 309 -1.48 -15.35 -34.23
N LEU A 310 -0.58 -14.45 -33.81
CA LEU A 310 -0.72 -13.04 -34.11
C LEU A 310 -0.21 -12.83 -35.53
N GLU A 311 -0.75 -11.84 -36.22
CA GLU A 311 -0.32 -11.56 -37.60
C GLU A 311 0.98 -10.77 -37.58
N ASP A 312 0.89 -9.50 -37.23
CA ASP A 312 2.07 -8.65 -37.15
C ASP A 312 2.43 -8.50 -35.68
N ALA A 313 3.52 -9.14 -35.26
CA ALA A 313 3.92 -9.07 -33.88
C ALA A 313 5.39 -9.30 -33.72
N PRO A 314 6.12 -8.32 -33.20
CA PRO A 314 7.55 -8.55 -33.03
C PRO A 314 7.80 -9.91 -32.40
N PRO A 315 9.06 -10.38 -32.45
CA PRO A 315 9.32 -11.69 -31.83
C PRO A 315 8.72 -11.51 -30.43
N ALA A 316 8.27 -12.59 -29.80
CA ALA A 316 7.70 -12.43 -28.47
C ALA A 316 8.82 -12.03 -27.49
N ASN A 317 9.68 -11.13 -27.91
CA ASN A 317 10.79 -10.65 -27.09
C ASN A 317 11.44 -9.29 -27.41
N HIS A 318 10.82 -8.20 -27.01
CA HIS A 318 11.47 -6.93 -27.26
C HIS A 318 10.67 -5.99 -26.42
N VAL A 319 11.33 -5.32 -25.48
CA VAL A 319 10.64 -4.40 -24.60
C VAL A 319 9.95 -3.36 -25.45
N VAL A 320 8.62 -3.39 -25.47
CA VAL A 320 7.84 -2.45 -26.25
C VAL A 320 6.74 -1.76 -25.46
N LYS A 321 6.77 -0.43 -25.41
CA LYS A 321 5.73 0.32 -24.72
C LYS A 321 4.60 0.45 -25.73
N VAL A 322 3.38 0.68 -25.26
CA VAL A 322 2.28 0.87 -26.19
C VAL A 322 1.90 2.34 -26.19
N GLU A 323 2.00 2.96 -27.35
CA GLU A 323 1.65 4.37 -27.51
C GLU A 323 0.37 4.46 -28.30
N MET A 324 -0.52 5.34 -27.88
CA MET A 324 -1.79 5.50 -28.58
C MET A 324 -2.00 6.88 -29.17
N LEU A 325 -2.60 6.92 -30.35
CA LEU A 325 -2.88 8.18 -31.02
C LEU A 325 -4.09 8.81 -30.33
N GLU A 326 -3.84 9.79 -29.46
CA GLU A 326 -4.91 10.46 -28.74
C GLU A 326 -5.28 11.79 -29.41
N GLU A 327 -6.50 11.86 -29.94
CA GLU A 327 -6.99 13.05 -30.61
C GLU A 327 -7.78 13.95 -29.66
N ARG A 328 -7.07 14.82 -28.96
CA ARG A 328 -7.66 15.76 -28.02
C ARG A 328 -8.54 16.73 -28.82
N ASN A 329 -9.01 17.80 -28.19
CA ASN A 329 -9.87 18.77 -28.88
C ASN A 329 -9.72 20.16 -28.26
N THR A 330 -9.45 21.18 -29.07
CA THR A 330 -9.25 22.54 -28.56
C THR A 330 -10.16 23.59 -29.17
N ALA A 331 -9.96 24.85 -28.77
CA ALA A 331 -10.72 25.99 -29.28
C ALA A 331 -10.19 26.26 -30.68
N LEU A 332 -8.97 25.82 -30.93
CA LEU A 332 -8.34 26.00 -32.23
C LEU A 332 -8.90 24.94 -33.19
N GLY A 333 -9.35 23.83 -32.62
CA GLY A 333 -9.91 22.77 -33.45
C GLY A 333 -9.76 21.37 -32.88
N VAL A 334 -8.69 20.69 -33.27
CA VAL A 334 -8.45 19.32 -32.82
C VAL A 334 -6.97 18.98 -32.80
N ILE A 335 -6.42 18.83 -31.59
CA ILE A 335 -5.01 18.49 -31.42
C ILE A 335 -4.82 16.97 -31.30
N SER A 336 -4.13 16.40 -32.27
CA SER A 336 -3.90 14.95 -32.32
C SER A 336 -2.42 14.60 -32.15
N ASN A 337 -2.13 13.65 -31.27
CA ASN A 337 -0.76 13.21 -31.01
C ASN A 337 -0.61 11.84 -30.35
N TRP A 338 0.64 11.37 -30.26
CA TRP A 338 0.94 10.08 -29.65
C TRP A 338 1.21 10.19 -28.15
N LYS A 339 0.72 9.21 -27.39
CA LYS A 339 0.88 9.18 -25.95
C LYS A 339 1.20 7.75 -25.50
N ASP A 340 1.37 7.56 -24.19
CA ASP A 340 1.62 6.24 -23.65
C ASP A 340 0.27 5.72 -23.17
N GLU A 341 -0.12 4.53 -23.59
CA GLU A 341 -1.38 3.98 -23.13
C GLU A 341 -1.28 4.07 -21.62
N SER A 342 -0.13 3.64 -21.11
CA SER A 342 0.17 3.67 -19.69
C SER A 342 -0.67 2.72 -18.84
N ARG A 343 -1.05 1.58 -19.41
CA ARG A 343 -1.81 0.58 -18.69
C ARG A 343 -0.78 -0.45 -18.25
N LEU A 344 -0.10 -1.04 -19.23
CA LEU A 344 0.94 -2.02 -18.97
C LEU A 344 2.26 -1.26 -18.93
N PRO A 345 3.26 -1.83 -18.24
CA PRO A 345 4.53 -1.13 -18.20
C PRO A 345 5.35 -1.70 -19.35
N PRO A 346 6.44 -1.04 -19.72
CA PRO A 346 7.31 -1.50 -20.81
C PRO A 346 7.66 -2.98 -20.63
N CYS A 347 7.58 -3.78 -21.69
CA CYS A 347 7.95 -5.19 -21.58
C CYS A 347 7.76 -5.96 -22.87
N THR A 348 8.27 -7.19 -22.90
CA THR A 348 8.15 -8.02 -24.08
C THR A 348 6.72 -8.52 -24.11
N ILE A 349 6.19 -8.69 -25.31
CA ILE A 349 4.81 -9.16 -25.47
C ILE A 349 4.60 -10.48 -24.75
N PHE A 350 5.68 -11.25 -24.59
CA PHE A 350 5.64 -12.53 -23.91
C PHE A 350 5.36 -12.31 -22.43
N GLN A 351 6.09 -11.36 -21.84
CA GLN A 351 5.90 -11.03 -20.43
C GLN A 351 4.53 -10.42 -20.23
N ALA A 352 4.06 -9.73 -21.25
CA ALA A 352 2.76 -9.08 -21.19
C ALA A 352 1.64 -10.13 -21.12
N PHE A 353 1.65 -11.06 -22.07
CA PHE A 353 0.63 -12.10 -22.11
C PHE A 353 0.81 -13.08 -20.95
N LYS A 354 2.06 -13.21 -20.48
CA LYS A 354 2.37 -14.11 -19.38
C LYS A 354 2.10 -13.58 -17.98
N TYR A 355 2.36 -12.29 -17.74
CA TYR A 355 2.17 -11.73 -16.40
C TYR A 355 1.16 -10.61 -16.23
N TYR A 356 0.70 -10.02 -17.32
CA TYR A 356 -0.21 -8.89 -17.17
C TYR A 356 -1.56 -8.99 -17.81
N LEU A 357 -1.75 -9.94 -18.72
CA LEU A 357 -3.03 -10.02 -19.40
C LEU A 357 -3.78 -11.33 -19.27
N ASP A 358 -5.08 -11.19 -19.11
CA ASP A 358 -6.00 -12.30 -18.95
C ASP A 358 -6.21 -12.94 -20.33
N ILE A 359 -5.62 -14.10 -20.56
CA ILE A 359 -5.77 -14.76 -21.85
C ILE A 359 -6.62 -16.03 -21.78
N THR A 360 -7.25 -16.29 -20.64
CA THR A 360 -8.06 -17.50 -20.50
C THR A 360 -9.53 -17.22 -20.25
N THR A 361 -9.85 -16.00 -19.86
CA THR A 361 -11.24 -15.68 -19.64
C THR A 361 -11.92 -15.57 -21.00
N PRO A 362 -13.12 -16.16 -21.16
CA PRO A 362 -13.86 -16.12 -22.43
C PRO A 362 -14.19 -14.68 -22.83
N PRO A 363 -14.08 -14.37 -24.13
CA PRO A 363 -14.37 -13.03 -24.65
C PRO A 363 -15.76 -12.55 -24.31
N THR A 364 -15.90 -11.24 -24.09
CA THR A 364 -17.19 -10.63 -23.81
C THR A 364 -17.81 -10.41 -25.20
N PRO A 365 -19.12 -10.12 -25.26
CA PRO A 365 -19.79 -9.89 -26.55
C PRO A 365 -19.09 -8.77 -27.30
N LEU A 366 -18.70 -7.74 -26.56
CA LEU A 366 -18.00 -6.61 -27.15
C LEU A 366 -16.76 -7.09 -27.88
N GLN A 367 -15.87 -7.75 -27.13
CA GLN A 367 -14.63 -8.27 -27.71
C GLN A 367 -14.86 -9.17 -28.93
N LEU A 368 -16.00 -9.86 -28.97
CA LEU A 368 -16.26 -10.72 -30.12
C LEU A 368 -16.54 -9.82 -31.32
N GLN A 369 -17.23 -8.71 -31.05
CA GLN A 369 -17.58 -7.73 -32.09
C GLN A 369 -16.34 -7.21 -32.83
N GLN A 370 -15.26 -6.98 -32.09
CA GLN A 370 -14.02 -6.50 -32.70
C GLN A 370 -13.36 -7.66 -33.40
N PHE A 371 -13.60 -8.87 -32.91
CA PHE A 371 -13.02 -10.06 -33.53
C PHE A 371 -13.66 -10.29 -34.88
N ALA A 372 -14.97 -10.15 -34.94
CA ALA A 372 -15.74 -10.34 -36.17
C ALA A 372 -15.21 -9.53 -37.35
N SER A 373 -14.97 -8.24 -37.14
CA SER A 373 -14.49 -7.39 -38.21
C SER A 373 -13.08 -7.77 -38.66
N LEU A 374 -12.59 -8.90 -38.16
CA LEU A 374 -11.26 -9.35 -38.54
C LEU A 374 -11.38 -10.70 -39.21
N ALA A 375 -12.58 -11.26 -39.16
CA ALA A 375 -12.86 -12.56 -39.77
C ALA A 375 -13.06 -12.36 -41.27
N THR A 376 -12.46 -13.26 -42.05
CA THR A 376 -12.52 -13.21 -43.50
C THR A 376 -13.22 -14.43 -44.09
N ASN A 377 -14.26 -14.92 -43.41
CA ASN A 377 -14.98 -16.09 -43.89
C ASN A 377 -16.47 -15.94 -43.58
N GLU A 378 -17.27 -15.77 -44.64
CA GLU A 378 -18.71 -15.59 -44.52
C GLU A 378 -19.34 -16.33 -43.34
N LYS A 379 -19.38 -17.66 -43.39
CA LYS A 379 -19.97 -18.44 -42.30
C LYS A 379 -19.26 -18.18 -40.98
N GLU A 380 -17.94 -18.26 -41.02
CA GLU A 380 -17.11 -18.07 -39.85
C GLU A 380 -17.22 -16.70 -39.18
N LYS A 381 -17.69 -15.70 -39.92
CA LYS A 381 -17.80 -14.35 -39.37
C LYS A 381 -19.20 -14.01 -38.85
N GLN A 382 -20.21 -14.73 -39.35
CA GLN A 382 -21.58 -14.49 -38.91
C GLN A 382 -21.78 -15.12 -37.55
N ARG A 383 -21.16 -16.29 -37.35
CA ARG A 383 -21.25 -16.97 -36.06
C ARG A 383 -20.69 -16.00 -35.03
N LEU A 384 -19.59 -15.34 -35.40
CA LEU A 384 -18.96 -14.36 -34.53
C LEU A 384 -19.90 -13.22 -34.20
N LEU A 385 -20.74 -12.83 -35.16
CA LEU A 385 -21.69 -11.74 -34.95
C LEU A 385 -22.90 -12.21 -34.16
N VAL A 386 -23.23 -13.49 -34.29
CA VAL A 386 -24.36 -14.06 -33.57
C VAL A 386 -23.98 -14.14 -32.10
N LEU A 387 -22.72 -14.49 -31.85
CA LEU A 387 -22.23 -14.59 -30.49
C LEU A 387 -22.05 -13.19 -29.90
N SER A 388 -21.77 -12.21 -30.76
CA SER A 388 -21.57 -10.83 -30.32
C SER A 388 -22.77 -10.24 -29.58
N LYS A 389 -23.88 -10.96 -29.59
CA LYS A 389 -25.12 -10.47 -28.98
C LYS A 389 -25.28 -10.68 -27.49
N GLY A 390 -24.65 -11.72 -26.95
CA GLY A 390 -24.75 -11.98 -25.53
C GLY A 390 -26.06 -12.63 -25.15
N LEU A 391 -26.76 -13.16 -26.15
CA LEU A 391 -28.03 -13.82 -25.90
C LEU A 391 -27.75 -15.29 -25.70
N GLN A 392 -28.68 -16.13 -26.04
CA GLN A 392 -28.37 -17.50 -25.77
C GLN A 392 -27.20 -18.12 -26.43
N GLU A 393 -27.10 -18.01 -27.74
CA GLU A 393 -25.93 -18.56 -28.42
C GLU A 393 -24.66 -18.26 -27.62
N TYR A 394 -24.42 -16.99 -27.30
CA TYR A 394 -23.24 -16.61 -26.54
C TYR A 394 -23.18 -17.42 -25.25
N GLU A 395 -24.25 -17.37 -24.47
CA GLU A 395 -24.34 -18.10 -23.21
C GLU A 395 -23.88 -19.54 -23.39
N GLU A 396 -24.56 -20.26 -24.28
CA GLU A 396 -24.23 -21.65 -24.56
C GLU A 396 -22.78 -21.88 -24.98
N TRP A 397 -22.26 -21.04 -25.86
CA TRP A 397 -20.89 -21.16 -26.35
C TRP A 397 -19.90 -20.97 -25.20
N LYS A 398 -20.07 -19.86 -24.49
CA LYS A 398 -19.23 -19.54 -23.35
C LYS A 398 -19.26 -20.60 -22.26
N TRP A 399 -20.44 -20.82 -21.70
CA TRP A 399 -20.61 -21.80 -20.63
C TRP A 399 -20.36 -23.24 -21.08
N GLY A 400 -20.47 -23.50 -22.37
CA GLY A 400 -20.25 -24.84 -22.87
C GLY A 400 -18.79 -25.11 -23.17
N LYS A 401 -18.17 -24.23 -23.95
CA LYS A 401 -16.77 -24.43 -24.29
C LYS A 401 -15.79 -23.75 -23.33
N ASN A 402 -16.25 -22.76 -22.56
CA ASN A 402 -15.36 -22.04 -21.63
C ASN A 402 -14.06 -21.81 -22.40
N PRO A 403 -14.16 -21.20 -23.59
CA PRO A 403 -13.03 -20.91 -24.47
C PRO A 403 -11.99 -19.92 -24.02
N THR A 404 -10.73 -20.27 -24.21
CA THR A 404 -9.63 -19.37 -23.88
C THR A 404 -9.43 -18.57 -25.16
N MET A 405 -8.65 -17.50 -25.07
CA MET A 405 -8.38 -16.63 -26.21
C MET A 405 -7.78 -17.48 -27.34
N VAL A 406 -6.90 -18.40 -26.98
CA VAL A 406 -6.29 -19.27 -27.99
C VAL A 406 -7.36 -20.15 -28.65
N GLU A 407 -8.19 -20.81 -27.85
CA GLU A 407 -9.22 -21.67 -28.41
C GLU A 407 -10.16 -20.94 -29.37
N VAL A 408 -10.33 -19.64 -29.14
CA VAL A 408 -11.20 -18.82 -29.98
C VAL A 408 -10.54 -18.54 -31.33
N LEU A 409 -9.30 -18.08 -31.29
CA LEU A 409 -8.57 -17.79 -32.51
C LEU A 409 -8.48 -19.06 -33.34
N GLU A 410 -8.34 -20.20 -32.67
CA GLU A 410 -8.24 -21.47 -33.40
C GLU A 410 -9.57 -22.01 -33.91
N GLU A 411 -10.68 -21.58 -33.31
CA GLU A 411 -11.99 -22.03 -33.75
C GLU A 411 -12.43 -21.22 -34.98
N PHE A 412 -11.96 -19.97 -35.05
CA PHE A 412 -12.24 -19.06 -36.16
C PHE A 412 -10.84 -18.68 -36.65
N PRO A 413 -10.20 -19.58 -37.41
CA PRO A 413 -8.85 -19.41 -37.96
C PRO A 413 -8.70 -18.34 -39.03
N SER A 414 -9.81 -17.72 -39.42
CA SER A 414 -9.77 -16.70 -40.45
C SER A 414 -9.70 -15.31 -39.81
N ILE A 415 -9.39 -15.26 -38.53
CA ILE A 415 -9.27 -13.99 -37.82
C ILE A 415 -7.85 -13.46 -37.98
N GLN A 416 -7.74 -12.20 -38.39
CA GLN A 416 -6.43 -11.58 -38.56
C GLN A 416 -6.19 -10.78 -37.27
N MET A 417 -5.58 -11.44 -36.29
CA MET A 417 -5.33 -10.86 -34.97
C MET A 417 -4.09 -9.96 -34.84
N PRO A 418 -4.30 -8.66 -34.60
CA PRO A 418 -3.24 -7.66 -34.43
C PRO A 418 -2.65 -7.66 -33.02
N ALA A 419 -1.33 -7.78 -32.92
CA ALA A 419 -0.69 -7.80 -31.61
C ALA A 419 -1.19 -6.69 -30.72
N THR A 420 -1.51 -5.55 -31.31
CA THR A 420 -1.96 -4.43 -30.51
C THR A 420 -3.42 -4.48 -30.13
N LEU A 421 -4.21 -5.38 -30.70
CA LEU A 421 -5.61 -5.43 -30.33
C LEU A 421 -5.74 -6.17 -29.00
N LEU A 422 -4.99 -7.24 -28.87
CA LEU A 422 -4.99 -8.02 -27.64
C LEU A 422 -4.35 -7.22 -26.53
N LEU A 423 -3.14 -6.73 -26.77
CA LEU A 423 -2.39 -5.94 -25.79
C LEU A 423 -3.17 -4.81 -25.18
N THR A 424 -4.17 -4.31 -25.89
CA THR A 424 -4.97 -3.21 -25.39
C THR A 424 -6.40 -3.60 -25.00
N GLN A 425 -6.94 -4.67 -25.57
CA GLN A 425 -8.31 -5.07 -25.24
C GLN A 425 -8.46 -6.16 -24.20
N LEU A 426 -7.46 -7.04 -24.05
CA LEU A 426 -7.56 -8.09 -23.04
C LEU A 426 -7.60 -7.44 -21.67
N SER A 427 -8.18 -8.15 -20.71
CA SER A 427 -8.24 -7.64 -19.34
C SER A 427 -6.93 -7.96 -18.62
N LEU A 428 -6.67 -7.21 -17.56
CA LEU A 428 -5.48 -7.40 -16.76
C LEU A 428 -5.59 -8.73 -16.00
N LEU A 429 -4.46 -9.41 -15.84
CA LEU A 429 -4.43 -10.68 -15.11
C LEU A 429 -4.65 -10.31 -13.64
N GLN A 430 -5.72 -10.81 -13.05
CA GLN A 430 -5.99 -10.45 -11.68
C GLN A 430 -5.22 -11.31 -10.71
N PRO A 431 -4.95 -10.79 -9.51
CA PRO A 431 -4.23 -11.63 -8.56
C PRO A 431 -5.29 -12.51 -7.89
N ARG A 432 -4.91 -13.70 -7.43
CA ARG A 432 -5.85 -14.56 -6.73
C ARG A 432 -5.56 -14.50 -5.22
N TYR A 433 -6.62 -14.54 -4.43
CA TYR A 433 -6.50 -14.50 -2.98
C TYR A 433 -6.46 -15.87 -2.34
N TYR A 434 -5.62 -15.99 -1.31
CA TYR A 434 -5.46 -17.24 -0.58
C TYR A 434 -5.38 -16.97 0.91
N SER A 435 -6.15 -17.73 1.69
CA SER A 435 -6.15 -17.57 3.14
C SER A 435 -4.79 -18.01 3.67
N ILE A 436 -4.15 -17.15 4.44
CA ILE A 436 -2.86 -17.51 5.01
C ILE A 436 -3.05 -18.61 6.05
N SER A 437 -2.28 -19.68 5.89
CA SER A 437 -2.37 -20.85 6.75
C SER A 437 -1.30 -21.02 7.84
N SER A 438 -0.68 -19.93 8.26
CA SER A 438 0.36 -20.03 9.26
C SER A 438 0.23 -18.95 10.29
N SER A 439 0.77 -19.21 11.47
CA SER A 439 0.77 -18.20 12.52
C SER A 439 2.11 -17.50 12.32
N PRO A 440 2.11 -16.16 12.30
CA PRO A 440 3.33 -15.37 12.12
C PRO A 440 4.27 -15.50 13.33
N ASP A 441 3.74 -15.95 14.47
CA ASP A 441 4.56 -16.14 15.68
C ASP A 441 5.25 -17.50 15.60
N MET A 442 4.55 -18.51 15.08
CA MET A 442 5.15 -19.83 14.95
C MET A 442 6.05 -19.92 13.72
N TYR A 443 5.81 -19.10 12.71
CA TYR A 443 6.60 -19.10 11.48
C TYR A 443 6.94 -17.68 11.06
N PRO A 444 7.93 -17.07 11.73
CA PRO A 444 8.31 -15.69 11.38
C PRO A 444 8.89 -15.66 9.97
N ASP A 445 8.59 -14.61 9.24
CA ASP A 445 9.10 -14.44 7.90
C ASP A 445 8.72 -15.58 6.96
N GLU A 446 7.57 -16.19 7.24
CA GLU A 446 7.05 -17.29 6.41
C GLU A 446 5.53 -17.14 6.19
N VAL A 447 5.05 -17.52 5.01
CA VAL A 447 3.63 -17.49 4.72
C VAL A 447 3.25 -18.81 4.08
N HIS A 448 2.29 -19.49 4.70
CA HIS A 448 1.85 -20.79 4.19
C HIS A 448 0.49 -20.70 3.51
N LEU A 449 0.28 -21.57 2.53
CA LEU A 449 -0.97 -21.58 1.79
C LEU A 449 -1.44 -23.01 1.54
N THR A 450 -2.76 -23.15 1.50
CA THR A 450 -3.46 -24.41 1.26
C THR A 450 -4.19 -24.13 -0.07
N VAL A 451 -3.75 -24.77 -1.14
CA VAL A 451 -4.31 -24.50 -2.45
C VAL A 451 -4.91 -25.70 -3.20
N ALA A 452 -6.24 -25.66 -3.41
CA ALA A 452 -6.90 -26.73 -4.15
C ALA A 452 -6.45 -26.55 -5.60
N ILE A 453 -6.03 -27.62 -6.25
CA ILE A 453 -5.56 -27.51 -7.63
C ILE A 453 -6.73 -27.65 -8.59
N VAL A 454 -7.16 -26.53 -9.15
CA VAL A 454 -8.27 -26.47 -10.10
C VAL A 454 -7.96 -26.93 -11.51
N SER A 455 -8.61 -28.00 -11.95
CA SER A 455 -8.44 -28.50 -13.31
C SER A 455 -9.72 -29.25 -13.68
N TYR A 456 -10.21 -29.03 -14.89
CA TYR A 456 -11.45 -29.69 -15.28
C TYR A 456 -11.54 -29.83 -16.80
N HIS A 457 -12.48 -30.65 -17.24
CA HIS A 457 -12.66 -30.82 -18.66
C HIS A 457 -13.82 -29.97 -19.16
N THR A 458 -13.62 -29.34 -20.31
CA THR A 458 -14.64 -28.48 -20.90
C THR A 458 -15.75 -29.31 -21.52
N ARG A 459 -16.70 -28.64 -22.15
CA ARG A 459 -17.82 -29.30 -22.82
C ARG A 459 -18.41 -30.44 -22.02
N ASP A 460 -18.59 -30.25 -20.73
CA ASP A 460 -19.17 -31.28 -19.87
C ASP A 460 -18.40 -32.60 -19.87
N GLY A 461 -17.08 -32.52 -19.71
CA GLY A 461 -16.26 -33.71 -19.67
C GLY A 461 -15.76 -34.19 -21.01
N GLU A 462 -16.39 -33.76 -22.10
CA GLU A 462 -15.96 -34.19 -23.42
C GLU A 462 -14.74 -33.43 -23.92
N GLY A 463 -14.72 -32.12 -23.67
CA GLY A 463 -13.63 -31.30 -24.14
C GLY A 463 -12.28 -31.51 -23.45
N PRO A 464 -11.29 -30.70 -23.82
CA PRO A 464 -9.95 -30.82 -23.22
C PRO A 464 -9.89 -30.26 -21.81
N VAL A 465 -8.69 -30.34 -21.22
CA VAL A 465 -8.49 -29.86 -19.86
C VAL A 465 -8.14 -28.39 -19.79
N HIS A 466 -8.72 -27.74 -18.79
CA HIS A 466 -8.45 -26.35 -18.49
C HIS A 466 -7.94 -26.31 -17.07
N HIS A 467 -6.75 -25.76 -16.90
CA HIS A 467 -6.13 -25.66 -15.59
C HIS A 467 -6.35 -24.26 -15.06
N GLY A 468 -6.74 -24.17 -13.79
CA GLY A 468 -6.92 -22.86 -13.19
C GLY A 468 -5.59 -22.16 -13.31
N VAL A 469 -5.59 -20.87 -13.59
CA VAL A 469 -4.35 -20.12 -13.78
C VAL A 469 -3.44 -20.04 -12.56
N CYS A 470 -3.91 -19.48 -11.45
CA CYS A 470 -3.06 -19.37 -10.24
C CYS A 470 -2.75 -20.72 -9.59
N SER A 471 -3.75 -21.56 -9.38
CA SER A 471 -3.49 -22.85 -8.75
C SER A 471 -2.52 -23.70 -9.56
N SER A 472 -2.66 -23.72 -10.89
CA SER A 472 -1.73 -24.53 -11.66
C SER A 472 -0.33 -23.89 -11.65
N TRP A 473 -0.28 -22.57 -11.52
CA TRP A 473 0.99 -21.86 -11.49
C TRP A 473 1.68 -22.19 -10.15
N LEU A 474 0.97 -21.98 -9.04
CA LEU A 474 1.51 -22.30 -7.72
C LEU A 474 1.93 -23.76 -7.63
N ASN A 475 1.37 -24.60 -8.49
CA ASN A 475 1.72 -26.01 -8.45
C ASN A 475 2.91 -26.38 -9.32
N ARG A 476 3.52 -25.41 -10.00
CA ARG A 476 4.64 -25.77 -10.85
C ARG A 476 5.82 -24.79 -10.82
N ILE A 477 5.69 -23.68 -10.11
CA ILE A 477 6.81 -22.75 -10.05
C ILE A 477 7.98 -23.46 -9.37
N GLN A 478 9.19 -23.01 -9.69
CA GLN A 478 10.39 -23.60 -9.12
C GLN A 478 10.93 -22.61 -8.10
N ALA A 479 11.81 -23.07 -7.22
CA ALA A 479 12.36 -22.20 -6.17
C ALA A 479 13.03 -20.93 -6.66
N ASP A 480 13.50 -20.92 -7.90
CA ASP A 480 14.15 -19.71 -8.41
C ASP A 480 13.12 -18.71 -8.93
N ASP A 481 11.87 -19.15 -9.03
CA ASP A 481 10.75 -18.31 -9.50
C ASP A 481 10.31 -17.28 -8.48
N VAL A 482 10.10 -16.04 -8.92
CA VAL A 482 9.63 -15.00 -8.02
C VAL A 482 8.12 -15.15 -7.83
N VAL A 483 7.65 -14.89 -6.62
CA VAL A 483 6.23 -14.99 -6.34
C VAL A 483 5.68 -13.65 -5.92
N PRO A 484 5.13 -12.89 -6.88
CA PRO A 484 4.54 -11.57 -6.71
C PRO A 484 3.31 -11.68 -5.81
N CYS A 485 3.29 -10.93 -4.72
CA CYS A 485 2.14 -11.00 -3.83
C CYS A 485 2.08 -9.84 -2.86
N PHE A 486 0.99 -9.79 -2.11
CA PHE A 486 0.78 -8.76 -1.12
C PHE A 486 -0.19 -9.28 -0.07
N VAL A 487 -0.27 -8.61 1.06
CA VAL A 487 -1.20 -9.06 2.09
C VAL A 487 -2.41 -8.17 2.10
N ARG A 488 -3.59 -8.76 2.21
CA ARG A 488 -4.82 -8.00 2.29
C ARG A 488 -5.43 -8.41 3.61
N GLY A 489 -5.39 -7.52 4.58
CA GLY A 489 -5.93 -7.81 5.88
C GLY A 489 -7.40 -8.10 5.86
N ALA A 490 -7.83 -8.98 6.77
CA ALA A 490 -9.23 -9.35 6.89
C ALA A 490 -9.64 -9.19 8.36
N PRO A 491 -9.89 -7.95 8.79
CA PRO A 491 -10.27 -7.62 10.16
C PRO A 491 -11.59 -8.19 10.67
N SER A 492 -12.45 -8.64 9.76
CA SER A 492 -13.73 -9.21 10.16
C SER A 492 -13.52 -10.71 10.38
N PHE A 493 -12.32 -11.19 10.07
CA PHE A 493 -12.02 -12.60 10.25
C PHE A 493 -10.78 -12.89 11.11
N HIS A 494 -10.56 -12.08 12.13
CA HIS A 494 -9.43 -12.28 13.04
C HIS A 494 -9.94 -12.99 14.31
N LEU A 495 -9.06 -13.69 15.01
CA LEU A 495 -9.45 -14.37 16.25
C LEU A 495 -9.92 -13.32 17.24
N PRO A 496 -10.81 -13.69 18.16
CA PRO A 496 -11.30 -12.70 19.14
C PRO A 496 -10.18 -12.12 20.02
N ARG A 497 -10.40 -10.91 20.52
CA ARG A 497 -9.44 -10.28 21.41
C ARG A 497 -9.41 -11.03 22.74
N ASN A 498 -10.56 -11.56 23.13
CA ASN A 498 -10.69 -12.32 24.37
C ASN A 498 -10.55 -13.83 24.15
N PRO A 499 -9.43 -14.40 24.64
CA PRO A 499 -9.06 -15.81 24.58
C PRO A 499 -10.04 -16.78 25.27
N GLN A 500 -10.61 -16.32 26.38
CA GLN A 500 -11.50 -17.19 27.17
C GLN A 500 -12.91 -17.38 26.66
N VAL A 501 -13.14 -17.07 25.39
CA VAL A 501 -14.46 -17.26 24.82
C VAL A 501 -14.36 -18.39 23.80
N PRO A 502 -15.43 -19.18 23.65
CA PRO A 502 -15.37 -20.29 22.69
C PRO A 502 -15.56 -19.91 21.22
N CYS A 503 -14.79 -20.57 20.36
CA CYS A 503 -14.84 -20.35 18.91
C CYS A 503 -15.16 -21.63 18.16
N ILE A 504 -16.12 -21.58 17.25
CA ILE A 504 -16.48 -22.74 16.45
C ILE A 504 -16.02 -22.46 15.02
N LEU A 505 -15.06 -23.24 14.53
CA LEU A 505 -14.51 -23.05 13.18
C LEU A 505 -15.14 -24.00 12.15
N VAL A 506 -15.94 -23.43 11.24
CA VAL A 506 -16.63 -24.22 10.22
C VAL A 506 -16.12 -24.06 8.78
N GLY A 507 -15.62 -25.14 8.19
CA GLY A 507 -15.14 -25.03 6.82
C GLY A 507 -14.71 -26.31 6.12
N PRO A 508 -15.37 -26.65 5.02
CA PRO A 508 -15.05 -27.85 4.23
C PRO A 508 -13.95 -27.60 3.20
N GLY A 509 -13.21 -28.64 2.86
CA GLY A 509 -12.16 -28.46 1.88
C GLY A 509 -11.15 -27.40 2.26
N THR A 510 -10.69 -26.62 1.28
CA THR A 510 -9.69 -25.60 1.56
C THR A 510 -10.22 -24.46 2.40
N GLY A 511 -11.50 -24.55 2.74
CA GLY A 511 -12.09 -23.52 3.58
C GLY A 511 -11.51 -23.66 4.98
N ILE A 512 -10.63 -24.63 5.16
CA ILE A 512 -9.98 -24.87 6.43
C ILE A 512 -8.72 -23.99 6.55
N ALA A 513 -8.19 -23.55 5.40
CA ALA A 513 -6.98 -22.73 5.30
C ALA A 513 -6.68 -21.71 6.40
N PRO A 514 -7.63 -20.82 6.72
CA PRO A 514 -7.35 -19.83 7.77
C PRO A 514 -7.42 -20.40 9.19
N PHE A 515 -8.13 -21.51 9.35
CA PHE A 515 -8.25 -22.11 10.67
C PHE A 515 -6.90 -22.68 11.09
N ARG A 516 -6.03 -22.94 10.12
CA ARG A 516 -4.72 -23.46 10.44
C ARG A 516 -3.81 -22.39 11.06
N SER A 517 -4.19 -21.13 10.90
CA SER A 517 -3.39 -20.08 11.48
C SER A 517 -3.99 -19.80 12.85
N PHE A 518 -5.28 -20.09 12.97
CA PHE A 518 -5.97 -19.94 14.24
C PHE A 518 -5.39 -20.93 15.25
N TRP A 519 -5.37 -22.21 14.89
CA TRP A 519 -4.85 -23.23 15.80
C TRP A 519 -3.34 -23.14 16.04
N GLN A 520 -2.56 -22.87 15.01
CA GLN A 520 -1.13 -22.74 15.24
C GLN A 520 -0.91 -21.59 16.21
N GLN A 521 -1.63 -20.50 15.99
CA GLN A 521 -1.52 -19.33 16.84
C GLN A 521 -1.94 -19.63 18.28
N ARG A 522 -3.07 -20.31 18.47
CA ARG A 522 -3.53 -20.67 19.81
C ARG A 522 -2.52 -21.62 20.47
N GLN A 523 -1.93 -22.48 19.65
CA GLN A 523 -0.96 -23.46 20.12
C GLN A 523 0.28 -22.74 20.66
N PHE A 524 0.76 -21.74 19.92
CA PHE A 524 1.93 -20.98 20.32
C PHE A 524 1.62 -20.19 21.59
N ASP A 525 0.40 -19.66 21.68
CA ASP A 525 -0.03 -18.89 22.85
C ASP A 525 0.16 -19.72 24.11
N ILE A 526 -0.43 -20.92 24.09
CA ILE A 526 -0.40 -21.90 25.17
C ILE A 526 1.03 -22.29 25.58
N GLN A 527 1.78 -22.78 24.60
CA GLN A 527 3.14 -23.24 24.81
C GLN A 527 4.20 -22.19 25.15
N HIS A 528 4.09 -20.98 24.62
CA HIS A 528 5.09 -19.96 24.89
C HIS A 528 4.66 -18.67 25.53
N LYS A 529 3.37 -18.34 25.46
CA LYS A 529 2.90 -17.09 26.05
C LYS A 529 2.24 -17.30 27.39
N GLY A 530 2.24 -18.54 27.84
CA GLY A 530 1.66 -18.86 29.12
C GLY A 530 0.18 -18.59 29.26
N MET A 531 -0.59 -18.79 28.19
CA MET A 531 -2.03 -18.58 28.30
C MET A 531 -2.85 -19.86 28.18
N ASN A 532 -4.08 -19.81 28.67
CA ASN A 532 -4.97 -20.96 28.62
C ASN A 532 -6.22 -20.42 28.00
N PRO A 533 -6.29 -20.45 26.67
CA PRO A 533 -7.47 -19.92 25.99
C PRO A 533 -8.55 -21.00 25.96
N CYS A 534 -9.80 -20.57 25.93
CA CYS A 534 -10.91 -21.53 25.86
C CYS A 534 -10.68 -22.37 24.60
N PRO A 535 -10.64 -23.71 24.73
CA PRO A 535 -10.41 -24.54 23.54
C PRO A 535 -11.49 -24.37 22.47
N MET A 536 -11.10 -24.57 21.21
CA MET A 536 -12.03 -24.41 20.09
C MET A 536 -12.54 -25.73 19.51
N VAL A 537 -13.58 -25.61 18.68
CA VAL A 537 -14.19 -26.76 18.02
C VAL A 537 -14.03 -26.58 16.51
N LEU A 538 -13.55 -27.62 15.83
CA LEU A 538 -13.38 -27.55 14.39
C LEU A 538 -14.39 -28.47 13.71
N VAL A 539 -15.09 -27.94 12.72
CA VAL A 539 -16.06 -28.69 11.95
C VAL A 539 -15.51 -28.67 10.53
N PHE A 540 -14.80 -29.72 10.16
CA PHE A 540 -14.20 -29.86 8.84
C PHE A 540 -15.11 -30.73 7.97
N GLY A 541 -14.83 -30.79 6.67
CA GLY A 541 -15.65 -31.58 5.78
C GLY A 541 -14.90 -31.93 4.52
N CYS A 542 -14.94 -33.19 4.11
CA CYS A 542 -14.27 -33.61 2.90
C CYS A 542 -14.93 -34.83 2.26
N ARG A 543 -14.27 -35.44 1.28
CA ARG A 543 -14.86 -36.57 0.57
C ARG A 543 -14.57 -37.97 1.09
N GLN A 544 -13.32 -38.24 1.48
CA GLN A 544 -12.96 -39.56 1.96
C GLN A 544 -11.89 -39.61 3.03
N SER A 545 -12.25 -40.27 4.14
CA SER A 545 -11.40 -40.47 5.32
C SER A 545 -9.90 -40.47 5.13
N LYS A 546 -9.41 -41.36 4.27
CA LYS A 546 -7.96 -41.45 4.06
C LYS A 546 -7.46 -40.89 2.74
N ILE A 547 -8.21 -39.97 2.16
CA ILE A 547 -7.82 -39.40 0.88
C ILE A 547 -7.78 -37.88 0.98
N ASP A 548 -8.90 -37.33 1.43
CA ASP A 548 -9.14 -35.89 1.52
C ASP A 548 -8.95 -35.15 2.82
N HIS A 549 -8.96 -35.84 3.95
CA HIS A 549 -8.83 -35.18 5.24
C HIS A 549 -7.44 -34.55 5.38
N ILE A 550 -7.26 -33.39 4.76
CA ILE A 550 -5.97 -32.70 4.81
C ILE A 550 -5.71 -32.15 6.21
N TYR A 551 -4.43 -32.12 6.59
CA TYR A 551 -4.03 -31.61 7.92
C TYR A 551 -4.66 -32.43 9.07
N ARG A 552 -5.09 -33.66 8.78
CA ARG A 552 -5.72 -34.51 9.79
C ARG A 552 -4.87 -34.73 11.04
N GLU A 553 -3.63 -35.19 10.83
CA GLU A 553 -2.74 -35.46 11.95
C GLU A 553 -2.45 -34.15 12.63
N GLU A 554 -2.18 -33.13 11.82
CA GLU A 554 -1.86 -31.82 12.35
C GLU A 554 -2.95 -31.25 13.26
N THR A 555 -4.21 -31.55 12.99
CA THR A 555 -5.29 -31.06 13.84
C THR A 555 -5.37 -31.94 15.07
N LEU A 556 -5.00 -33.20 14.90
CA LEU A 556 -5.00 -34.17 16.00
C LEU A 556 -4.03 -33.70 17.06
N GLN A 557 -2.78 -33.49 16.65
CA GLN A 557 -1.72 -33.01 17.53
C GLN A 557 -2.13 -31.73 18.23
N ALA A 558 -2.86 -30.87 17.53
CA ALA A 558 -3.31 -29.60 18.11
C ALA A 558 -4.38 -29.80 19.18
N LYS A 559 -5.21 -30.83 19.00
CA LYS A 559 -6.26 -31.13 19.97
C LYS A 559 -5.65 -31.65 21.26
N ASN A 560 -4.67 -32.54 21.14
CA ASN A 560 -4.02 -33.10 22.31
C ASN A 560 -3.30 -32.04 23.11
N LYS A 561 -2.99 -30.91 22.47
CA LYS A 561 -2.29 -29.84 23.17
C LYS A 561 -3.23 -28.83 23.78
N GLY A 562 -4.52 -29.14 23.78
CA GLY A 562 -5.52 -28.25 24.37
C GLY A 562 -6.18 -27.23 23.46
N VAL A 563 -5.61 -27.02 22.27
CA VAL A 563 -6.17 -26.06 21.33
C VAL A 563 -7.64 -26.31 21.00
N PHE A 564 -7.96 -27.56 20.68
CA PHE A 564 -9.33 -27.95 20.33
C PHE A 564 -9.98 -28.85 21.37
N ARG A 565 -11.27 -28.65 21.56
CA ARG A 565 -12.04 -29.46 22.51
C ARG A 565 -12.39 -30.76 21.79
N GLU A 566 -12.90 -30.63 20.57
CA GLU A 566 -13.27 -31.79 19.75
C GLU A 566 -13.19 -31.47 18.25
N LEU A 567 -12.98 -32.51 17.45
CA LEU A 567 -12.87 -32.35 16.02
C LEU A 567 -13.95 -33.15 15.30
N TYR A 568 -14.85 -32.45 14.61
CA TYR A 568 -15.92 -33.12 13.87
C TYR A 568 -15.59 -33.11 12.39
N THR A 569 -15.90 -34.19 11.70
CA THR A 569 -15.61 -34.25 10.28
C THR A 569 -16.78 -34.86 9.52
N ALA A 570 -17.11 -34.23 8.39
CA ALA A 570 -18.21 -34.67 7.53
C ALA A 570 -17.65 -35.25 6.25
N TYR A 571 -17.96 -36.53 5.99
CA TYR A 571 -17.50 -37.18 4.77
C TYR A 571 -18.66 -37.18 3.78
N SER A 572 -18.36 -36.84 2.54
CA SER A 572 -19.40 -36.75 1.53
C SER A 572 -19.38 -37.85 0.46
N ARG A 573 -18.24 -38.50 0.26
CA ARG A 573 -18.16 -39.57 -0.74
C ARG A 573 -17.58 -40.85 -0.18
N GLU A 574 -17.96 -41.17 1.05
CA GLU A 574 -17.51 -42.38 1.72
C GLU A 574 -18.41 -43.49 1.20
N PRO A 575 -17.84 -44.57 0.67
CA PRO A 575 -18.70 -45.65 0.18
C PRO A 575 -19.49 -46.27 1.33
N ASP A 576 -18.86 -46.23 2.51
CA ASP A 576 -19.39 -46.81 3.75
C ASP A 576 -20.55 -46.12 4.47
N ARG A 577 -21.07 -45.02 3.95
CA ARG A 577 -22.14 -44.33 4.67
C ARG A 577 -22.86 -43.30 3.79
N PRO A 578 -23.70 -42.46 4.39
CA PRO A 578 -24.44 -41.42 3.64
C PRO A 578 -23.60 -40.15 3.52
N LYS A 579 -24.03 -39.25 2.63
CA LYS A 579 -23.32 -38.00 2.39
C LYS A 579 -23.64 -37.01 3.50
N LYS A 580 -22.59 -36.49 4.12
CA LYS A 580 -22.73 -35.53 5.21
C LYS A 580 -21.99 -34.23 4.92
N TYR A 581 -22.63 -33.12 5.26
CA TYR A 581 -22.04 -31.79 5.07
C TYR A 581 -21.89 -31.13 6.42
N VAL A 582 -20.94 -30.21 6.56
CA VAL A 582 -20.74 -29.56 7.85
C VAL A 582 -22.06 -29.01 8.39
N GLN A 583 -23.01 -28.68 7.50
CA GLN A 583 -24.33 -28.20 7.92
C GLN A 583 -24.98 -29.24 8.81
N ASP A 584 -24.76 -30.51 8.44
CA ASP A 584 -25.32 -31.65 9.13
C ASP A 584 -24.65 -31.91 10.46
N VAL A 585 -23.32 -32.00 10.46
CA VAL A 585 -22.57 -32.22 11.67
C VAL A 585 -22.99 -31.19 12.72
N LEU A 586 -23.32 -29.99 12.26
CA LEU A 586 -23.73 -28.89 13.14
C LEU A 586 -25.12 -29.05 13.75
N GLN A 587 -26.04 -29.64 12.99
CA GLN A 587 -27.40 -29.83 13.45
C GLN A 587 -27.60 -31.18 14.11
N GLU A 588 -26.68 -32.11 13.87
CA GLU A 588 -26.79 -33.44 14.41
C GLU A 588 -25.88 -33.76 15.58
N GLN A 589 -24.79 -33.03 15.73
CA GLN A 589 -23.88 -33.33 16.82
C GLN A 589 -23.37 -32.16 17.66
N LEU A 590 -23.76 -30.93 17.34
CA LEU A 590 -23.32 -29.77 18.11
C LEU A 590 -24.42 -28.78 18.42
N ALA A 591 -25.63 -29.07 17.92
CA ALA A 591 -26.75 -28.18 18.14
C ALA A 591 -26.71 -27.55 19.55
N GLU A 592 -26.46 -28.38 20.55
CA GLU A 592 -26.41 -27.88 21.93
C GLU A 592 -25.19 -27.00 22.19
N SER A 593 -24.00 -27.50 21.83
CA SER A 593 -22.76 -26.73 22.03
C SER A 593 -22.86 -25.39 21.32
N VAL A 594 -23.24 -25.43 20.06
CA VAL A 594 -23.40 -24.22 19.28
C VAL A 594 -24.25 -23.30 20.12
N TYR A 595 -25.46 -23.75 20.45
CA TYR A 595 -26.38 -22.96 21.26
C TYR A 595 -25.78 -22.43 22.57
N ARG A 596 -25.11 -23.29 23.33
CA ARG A 596 -24.54 -22.85 24.59
C ARG A 596 -23.39 -21.90 24.37
N ALA A 597 -22.64 -22.14 23.30
CA ALA A 597 -21.50 -21.30 22.95
C ALA A 597 -21.94 -19.89 22.62
N LEU A 598 -22.91 -19.77 21.71
CA LEU A 598 -23.38 -18.46 21.29
C LEU A 598 -24.36 -17.76 22.22
N LYS A 599 -25.24 -18.51 22.87
CA LYS A 599 -26.23 -17.88 23.75
C LYS A 599 -25.81 -17.56 25.19
N GLU A 600 -24.90 -18.34 25.76
CA GLU A 600 -24.48 -18.14 27.13
C GLU A 600 -23.00 -17.81 27.35
N GLN A 601 -22.13 -18.48 26.61
CA GLN A 601 -20.69 -18.29 26.74
C GLN A 601 -20.08 -17.16 25.91
N GLY A 602 -20.89 -16.45 25.14
CA GLY A 602 -20.37 -15.36 24.33
C GLY A 602 -19.38 -15.79 23.25
N GLY A 603 -19.54 -17.01 22.76
CA GLY A 603 -18.65 -17.53 21.75
C GLY A 603 -18.80 -16.92 20.36
N HIS A 604 -17.92 -17.36 19.47
CA HIS A 604 -17.92 -16.92 18.10
C HIS A 604 -17.97 -18.12 17.19
N ILE A 605 -18.57 -17.95 16.02
CA ILE A 605 -18.58 -19.03 15.05
C ILE A 605 -17.95 -18.45 13.79
N TYR A 606 -17.05 -19.20 13.15
CA TYR A 606 -16.39 -18.74 11.93
C TYR A 606 -16.70 -19.69 10.79
N VAL A 607 -17.22 -19.15 9.69
CA VAL A 607 -17.53 -19.98 8.52
C VAL A 607 -16.62 -19.54 7.37
N CYS A 608 -15.89 -20.48 6.78
CA CYS A 608 -15.01 -20.11 5.69
C CYS A 608 -15.05 -21.06 4.52
N GLY A 609 -15.24 -20.50 3.32
CA GLY A 609 -15.25 -21.31 2.11
C GLY A 609 -16.29 -20.91 1.09
N ASP A 610 -16.67 -21.89 0.29
CA ASP A 610 -17.67 -21.74 -0.75
C ASP A 610 -18.89 -20.99 -0.27
N VAL A 611 -19.43 -20.09 -1.09
CA VAL A 611 -20.61 -19.32 -0.70
C VAL A 611 -21.90 -20.13 -0.50
N THR A 612 -22.03 -21.25 -1.21
CA THR A 612 -23.24 -22.08 -1.09
C THR A 612 -23.26 -22.74 0.29
N MET A 613 -22.13 -23.31 0.68
CA MET A 613 -21.96 -23.93 1.99
C MET A 613 -22.23 -22.89 3.06
N ALA A 614 -21.54 -21.76 2.99
CA ALA A 614 -21.74 -20.70 3.99
C ALA A 614 -23.20 -20.31 4.17
N ALA A 615 -23.94 -20.27 3.07
CA ALA A 615 -25.36 -19.91 3.14
C ALA A 615 -26.13 -21.01 3.87
N ASP A 616 -25.72 -22.24 3.64
CA ASP A 616 -26.35 -23.40 4.26
C ASP A 616 -26.05 -23.44 5.75
N VAL A 617 -24.82 -23.11 6.10
CA VAL A 617 -24.44 -23.11 7.50
C VAL A 617 -25.22 -22.04 8.26
N LEU A 618 -25.65 -20.99 7.58
CA LEU A 618 -26.40 -19.92 8.23
C LEU A 618 -27.82 -20.35 8.50
N LYS A 619 -28.30 -21.34 7.76
CA LYS A 619 -29.65 -21.82 7.97
C LYS A 619 -29.58 -22.86 9.06
N ALA A 620 -28.56 -23.70 9.01
CA ALA A 620 -28.38 -24.74 10.01
C ALA A 620 -28.27 -24.15 11.40
N ILE A 621 -27.72 -22.95 11.49
CA ILE A 621 -27.56 -22.27 12.77
C ILE A 621 -28.85 -21.57 13.17
N GLN A 622 -29.58 -21.07 12.18
CA GLN A 622 -30.85 -20.39 12.44
C GLN A 622 -31.83 -21.42 12.97
N ARG A 623 -31.73 -22.65 12.48
CA ARG A 623 -32.60 -23.74 12.92
C ARG A 623 -32.22 -24.13 14.33
N ILE A 624 -30.95 -24.46 14.53
CA ILE A 624 -30.45 -24.84 15.84
C ILE A 624 -30.87 -23.81 16.88
N MET A 625 -30.88 -22.54 16.49
CA MET A 625 -31.29 -21.49 17.41
C MET A 625 -32.78 -21.54 17.69
N THR A 626 -33.57 -21.86 16.66
CA THR A 626 -35.02 -21.94 16.79
C THR A 626 -35.38 -23.17 17.61
N GLN A 627 -35.12 -24.33 17.04
CA GLN A 627 -35.45 -25.60 17.68
C GLN A 627 -34.68 -25.94 18.96
N GLN A 628 -33.94 -24.98 19.51
CA GLN A 628 -33.19 -25.23 20.73
C GLN A 628 -33.28 -24.03 21.66
N GLY A 629 -34.35 -23.26 21.52
CA GLY A 629 -34.54 -22.09 22.38
C GLY A 629 -35.92 -21.51 22.21
N LYS A 630 -36.73 -22.18 21.38
CA LYS A 630 -38.09 -21.72 21.12
C LYS A 630 -38.06 -20.25 20.71
N LEU A 631 -37.76 -20.01 19.43
CA LEU A 631 -37.70 -18.67 18.88
C LEU A 631 -38.16 -18.91 17.46
N SER A 632 -39.00 -18.02 16.93
CA SER A 632 -39.48 -18.20 15.57
C SER A 632 -38.39 -17.78 14.58
N GLU A 633 -38.71 -17.85 13.29
CA GLU A 633 -37.76 -17.46 12.26
C GLU A 633 -37.41 -15.99 12.49
N GLU A 634 -38.02 -15.40 13.52
CA GLU A 634 -37.80 -14.02 13.89
C GLU A 634 -36.63 -13.91 14.88
N ASP A 635 -36.87 -14.32 16.12
CA ASP A 635 -35.83 -14.25 17.14
C ASP A 635 -34.55 -14.95 16.72
N ALA A 636 -34.67 -16.02 15.95
CA ALA A 636 -33.50 -16.75 15.49
C ALA A 636 -32.74 -15.90 14.47
N GLY A 637 -33.49 -15.28 13.57
CA GLY A 637 -32.89 -14.44 12.55
C GLY A 637 -32.28 -13.18 13.13
N VAL A 638 -32.99 -12.57 14.08
CA VAL A 638 -32.51 -11.36 14.71
C VAL A 638 -31.37 -11.67 15.67
N PHE A 639 -31.31 -12.90 16.18
CA PHE A 639 -30.21 -13.23 17.08
C PHE A 639 -28.93 -13.32 16.26
N ILE A 640 -29.04 -13.93 15.09
CA ILE A 640 -27.92 -14.07 14.17
C ILE A 640 -27.52 -12.68 13.73
N SER A 641 -28.47 -11.96 13.16
CA SER A 641 -28.23 -10.61 12.68
C SER A 641 -27.53 -9.78 13.75
N ARG A 642 -27.71 -10.14 15.02
CA ARG A 642 -27.07 -9.41 16.11
C ARG A 642 -25.63 -9.89 16.24
N LEU A 643 -25.43 -11.21 16.18
CA LEU A 643 -24.10 -11.75 16.28
C LEU A 643 -23.19 -11.04 15.27
N ARG A 644 -23.62 -10.99 14.01
CA ARG A 644 -22.83 -10.32 12.97
C ARG A 644 -22.51 -8.90 13.41
N ASP A 645 -23.57 -8.18 13.77
CA ASP A 645 -23.45 -6.81 14.22
C ASP A 645 -22.30 -6.65 15.20
N ASP A 646 -22.26 -7.54 16.18
CA ASP A 646 -21.24 -7.47 17.21
C ASP A 646 -19.95 -8.22 16.88
N ASN A 647 -19.79 -8.51 15.60
CA ASN A 647 -18.61 -9.22 15.09
C ASN A 647 -18.32 -10.56 15.78
N ARG A 648 -19.37 -11.36 15.99
CA ARG A 648 -19.20 -12.66 16.61
C ARG A 648 -19.60 -13.76 15.64
N TYR A 649 -20.08 -13.37 14.48
CA TYR A 649 -20.45 -14.32 13.44
C TYR A 649 -19.58 -13.90 12.26
N HIS A 650 -18.55 -14.67 11.97
CA HIS A 650 -17.61 -14.35 10.91
C HIS A 650 -17.76 -15.23 9.69
N GLU A 651 -17.62 -14.62 8.51
CA GLU A 651 -17.72 -15.36 7.24
C GLU A 651 -16.65 -14.90 6.26
N ASP A 652 -15.90 -15.84 5.71
CA ASP A 652 -14.88 -15.50 4.73
C ASP A 652 -15.25 -16.27 3.46
N ILE A 653 -15.87 -15.56 2.52
CA ILE A 653 -16.33 -16.18 1.26
C ILE A 653 -15.30 -16.30 0.15
N PHE A 654 -15.06 -17.54 -0.27
CA PHE A 654 -14.13 -17.82 -1.36
C PHE A 654 -14.83 -17.65 -2.71
N GLY A 655 -16.15 -17.53 -2.68
CA GLY A 655 -16.88 -17.42 -3.93
C GLY A 655 -17.45 -18.79 -4.23
N VAL A 656 -17.76 -19.09 -5.50
CA VAL A 656 -18.32 -20.40 -5.81
C VAL A 656 -17.20 -21.37 -6.15
N THR A 657 -16.95 -22.30 -5.24
CA THR A 657 -15.88 -23.27 -5.44
C THR A 657 -16.30 -24.72 -5.38
N LEU A 658 -17.42 -25.00 -4.75
CA LEU A 658 -17.87 -26.37 -4.65
C LEU A 658 -18.95 -26.66 -5.69
N ARG A 659 -18.94 -27.88 -6.23
CA ARG A 659 -19.94 -28.31 -7.22
C ARG A 659 -20.22 -27.18 -8.20
N THR A 660 -19.15 -26.58 -8.71
CA THR A 660 -19.24 -25.47 -9.65
C THR A 660 -20.14 -25.71 -10.84
N TYR A 661 -19.92 -26.82 -11.53
CA TYR A 661 -20.70 -27.17 -12.71
C TYR A 661 -22.19 -27.29 -12.43
N GLU A 662 -22.53 -28.14 -11.45
CA GLU A 662 -23.91 -28.36 -11.07
C GLU A 662 -24.58 -27.12 -10.49
N VAL A 663 -23.82 -26.32 -9.75
CA VAL A 663 -24.37 -25.11 -9.14
C VAL A 663 -24.62 -24.04 -10.19
N THR A 664 -23.62 -23.80 -11.01
CA THR A 664 -23.71 -22.80 -12.06
C THR A 664 -24.77 -23.20 -13.07
N ASN A 665 -24.90 -24.51 -13.31
CA ASN A 665 -25.85 -25.03 -14.27
C ASN A 665 -27.28 -24.81 -13.78
N ARG A 666 -27.54 -25.24 -12.55
CA ARG A 666 -28.85 -25.09 -11.94
C ARG A 666 -29.32 -23.63 -11.98
N LEU A 667 -28.48 -22.74 -11.47
CA LEU A 667 -28.79 -21.31 -11.41
C LEU A 667 -28.88 -20.68 -12.80
N ARG A 668 -27.86 -20.90 -13.63
CA ARG A 668 -27.84 -20.37 -14.99
C ARG A 668 -29.22 -20.54 -15.60
N SER A 669 -29.60 -21.80 -15.78
CA SER A 669 -30.88 -22.17 -16.34
C SER A 669 -31.99 -21.47 -15.57
N GLU A 670 -32.37 -22.07 -14.44
CA GLU A 670 -33.41 -21.58 -13.55
C GLU A 670 -33.68 -20.07 -13.52
N SER A 671 -32.70 -19.24 -13.90
CA SER A 671 -32.90 -17.79 -13.85
C SER A 671 -32.98 -17.04 -15.19
N ILE A 672 -33.15 -17.74 -16.30
CA ILE A 672 -33.23 -17.06 -17.60
C ILE A 672 -34.59 -17.14 -18.30
N ARG B 11 29.12 4.06 -26.69
CA ARG B 11 29.01 4.49 -25.27
C ARG B 11 28.95 3.30 -24.30
N VAL B 12 29.32 3.53 -23.05
CA VAL B 12 29.26 2.47 -22.05
C VAL B 12 28.05 2.76 -21.18
N LYS B 13 27.35 1.73 -20.74
CA LYS B 13 26.17 1.92 -19.89
C LYS B 13 26.53 2.14 -18.43
N ALA B 14 26.09 3.29 -17.90
CA ALA B 14 26.34 3.65 -16.53
C ALA B 14 25.03 3.68 -15.76
N THR B 15 24.86 2.75 -14.84
CA THR B 15 23.67 2.69 -14.03
C THR B 15 23.93 3.38 -12.70
N ILE B 16 23.18 4.46 -12.47
CA ILE B 16 23.29 5.23 -11.25
C ILE B 16 22.14 4.81 -10.35
N LEU B 17 22.47 4.06 -9.30
CA LEU B 17 21.47 3.57 -8.36
C LEU B 17 21.44 4.47 -7.13
N TYR B 18 20.24 4.92 -6.75
CA TYR B 18 20.09 5.80 -5.60
C TYR B 18 19.04 5.35 -4.59
N ALA B 19 19.30 5.68 -3.33
CA ALA B 19 18.40 5.36 -2.23
C ALA B 19 18.03 6.71 -1.62
N THR B 20 16.78 6.88 -1.21
CA THR B 20 16.37 8.18 -0.68
C THR B 20 15.06 8.18 0.12
N GLU B 21 14.98 9.06 1.12
CA GLU B 21 13.77 9.18 1.92
C GLU B 21 13.18 10.58 1.64
N THR B 22 13.91 11.62 2.05
CA THR B 22 13.42 12.98 1.82
C THR B 22 13.75 13.49 0.43
N GLY B 23 14.22 12.61 -0.44
CA GLY B 23 14.51 12.95 -1.83
C GLY B 23 15.72 13.75 -2.27
N LYS B 24 16.77 13.84 -1.46
CA LYS B 24 17.94 14.63 -1.86
C LYS B 24 18.87 13.81 -2.75
N SER B 25 19.08 12.56 -2.38
CA SER B 25 19.94 11.67 -3.14
C SER B 25 19.33 11.45 -4.52
N GLN B 26 18.02 11.56 -4.62
CA GLN B 26 17.35 11.38 -5.91
C GLN B 26 17.79 12.50 -6.83
N ALA B 27 17.74 13.71 -6.30
CA ALA B 27 18.12 14.89 -7.06
C ALA B 27 19.57 14.75 -7.50
N TYR B 28 20.45 14.37 -6.56
CA TYR B 28 21.85 14.23 -6.87
C TYR B 28 22.13 13.25 -8.00
N ALA B 29 21.41 12.13 -8.01
CA ALA B 29 21.59 11.12 -9.04
C ALA B 29 21.15 11.62 -10.41
N LYS B 30 19.98 12.25 -10.46
CA LYS B 30 19.44 12.77 -11.71
C LYS B 30 20.40 13.79 -12.34
N THR B 31 21.12 14.51 -11.48
CA THR B 31 22.09 15.50 -11.95
C THR B 31 23.31 14.70 -12.41
N LEU B 32 23.69 13.73 -11.59
CA LEU B 32 24.82 12.87 -11.88
C LEU B 32 24.57 12.17 -13.22
N CYS B 33 23.30 11.91 -13.50
CA CYS B 33 22.94 11.24 -14.75
C CYS B 33 23.11 12.20 -15.91
N GLU B 34 22.79 13.48 -15.67
CA GLU B 34 22.90 14.51 -16.69
C GLU B 34 24.35 14.83 -17.04
N ILE B 35 25.26 14.48 -16.13
CA ILE B 35 26.67 14.73 -16.40
C ILE B 35 27.28 13.52 -17.11
N PHE B 36 26.98 12.32 -16.61
CA PHE B 36 27.52 11.12 -17.23
C PHE B 36 26.96 10.86 -18.62
N LYS B 37 26.00 11.69 -19.04
CA LYS B 37 25.40 11.58 -20.37
C LYS B 37 26.46 11.90 -21.41
N HIS B 38 27.26 12.91 -21.08
CA HIS B 38 28.34 13.39 -21.94
C HIS B 38 29.23 12.31 -22.54
N ALA B 39 29.76 11.42 -21.70
CA ALA B 39 30.64 10.36 -22.19
C ALA B 39 30.07 8.94 -22.04
N PHE B 40 28.93 8.81 -21.37
CA PHE B 40 28.34 7.49 -21.18
C PHE B 40 26.85 7.41 -21.48
N ASP B 41 26.36 6.19 -21.47
CA ASP B 41 24.95 5.91 -21.65
C ASP B 41 24.52 5.75 -20.18
N ALA B 42 24.08 6.85 -19.58
CA ALA B 42 23.70 6.84 -18.16
C ALA B 42 22.21 6.79 -17.85
N LYS B 43 21.89 6.06 -16.77
CA LYS B 43 20.51 5.90 -16.31
C LYS B 43 20.43 6.13 -14.80
N ALA B 44 19.21 6.30 -14.30
CA ALA B 44 18.97 6.55 -12.87
C ALA B 44 17.64 5.95 -12.40
N MET B 45 17.67 5.30 -11.23
CA MET B 45 16.47 4.68 -10.65
C MET B 45 16.77 4.24 -9.23
N SER B 46 15.74 3.80 -8.50
CA SER B 46 15.92 3.35 -7.13
C SER B 46 16.48 1.93 -7.07
N MET B 47 17.06 1.59 -5.94
CA MET B 47 17.64 0.26 -5.76
C MET B 47 16.51 -0.76 -5.64
N GLU B 48 15.29 -0.26 -5.77
CA GLU B 48 14.09 -1.10 -5.70
C GLU B 48 13.53 -1.30 -7.09
N GLU B 49 13.49 -0.22 -7.88
CA GLU B 49 12.98 -0.28 -9.24
C GLU B 49 14.04 -0.93 -10.14
N TYR B 50 14.78 -1.89 -9.60
CA TYR B 50 15.85 -2.53 -10.34
C TYR B 50 16.07 -4.01 -9.97
N ASP B 51 16.41 -4.83 -10.95
CA ASP B 51 16.69 -6.26 -10.75
C ASP B 51 18.11 -6.43 -10.19
N ILE B 52 18.25 -6.93 -8.97
CA ILE B 52 19.59 -7.12 -8.41
C ILE B 52 20.31 -8.19 -9.21
N VAL B 53 19.57 -8.84 -10.11
CA VAL B 53 20.15 -9.90 -10.92
C VAL B 53 21.00 -9.35 -12.07
N HIS B 54 20.65 -8.16 -12.56
CA HIS B 54 21.38 -7.53 -13.66
C HIS B 54 22.71 -6.92 -13.22
N LEU B 55 22.83 -6.67 -11.92
CA LEU B 55 24.03 -6.08 -11.35
C LEU B 55 25.32 -6.60 -11.97
N GLU B 56 25.57 -7.91 -11.83
CA GLU B 56 26.78 -8.54 -12.35
C GLU B 56 26.99 -8.34 -13.86
N HIS B 57 25.95 -7.95 -14.58
CA HIS B 57 26.06 -7.75 -16.02
C HIS B 57 26.17 -6.26 -16.32
N GLU B 58 26.58 -5.51 -15.31
CA GLU B 58 26.75 -4.06 -15.44
C GLU B 58 28.21 -3.68 -15.60
N ALA B 59 28.47 -2.70 -16.46
CA ALA B 59 29.83 -2.23 -16.70
C ALA B 59 30.17 -1.14 -15.68
N LEU B 60 29.22 -0.23 -15.46
CA LEU B 60 29.42 0.86 -14.53
C LEU B 60 28.19 1.15 -13.66
N VAL B 61 28.38 1.06 -12.35
CA VAL B 61 27.33 1.30 -11.38
C VAL B 61 27.72 2.41 -10.43
N LEU B 62 26.91 3.46 -10.40
CA LEU B 62 27.16 4.60 -9.53
C LEU B 62 26.09 4.58 -8.44
N VAL B 63 26.51 4.70 -7.19
CA VAL B 63 25.57 4.66 -6.07
C VAL B 63 25.51 5.97 -5.32
N VAL B 64 24.32 6.56 -5.26
CA VAL B 64 24.07 7.80 -4.52
C VAL B 64 23.03 7.40 -3.47
N THR B 65 23.42 7.36 -2.19
CA THR B 65 22.47 6.97 -1.17
C THR B 65 22.64 7.59 0.20
N SER B 66 21.50 7.87 0.83
CA SER B 66 21.47 8.44 2.17
C SER B 66 21.38 7.28 3.16
N THR B 67 21.51 7.58 4.45
CA THR B 67 21.40 6.56 5.48
C THR B 67 20.30 7.02 6.45
N PHE B 68 19.41 6.11 6.84
CA PHE B 68 18.35 6.48 7.78
C PHE B 68 18.36 5.65 9.07
N GLY B 69 17.35 5.86 9.92
CA GLY B 69 17.30 5.13 11.18
C GLY B 69 18.54 5.39 12.01
N ASN B 70 19.23 4.33 12.41
CA ASN B 70 20.46 4.52 13.17
C ASN B 70 21.58 3.77 12.45
N GLY B 71 21.80 4.17 11.21
CA GLY B 71 22.80 3.54 10.39
C GLY B 71 22.11 2.59 9.44
N ASP B 72 20.79 2.53 9.55
CA ASP B 72 20.02 1.63 8.70
C ASP B 72 19.90 2.19 7.29
N PRO B 73 19.65 1.29 6.32
CA PRO B 73 19.51 1.70 4.92
C PRO B 73 18.15 2.38 4.79
N PRO B 74 18.03 3.39 3.90
CA PRO B 74 16.71 4.00 3.81
C PRO B 74 15.75 2.86 3.46
N GLU B 75 14.44 3.07 3.55
CA GLU B 75 13.52 1.98 3.24
C GLU B 75 13.72 1.44 1.84
N ASN B 76 13.60 2.28 0.81
CA ASN B 76 13.77 1.77 -0.54
C ASN B 76 15.17 1.21 -0.83
N GLY B 77 16.01 1.19 0.19
CA GLY B 77 17.35 0.65 0.03
C GLY B 77 17.55 -0.56 0.90
N GLU B 78 16.44 -1.18 1.31
CA GLU B 78 16.48 -2.37 2.16
C GLU B 78 16.70 -3.65 1.35
N LYS B 79 15.95 -3.81 0.27
CA LYS B 79 16.09 -4.98 -0.60
C LYS B 79 17.56 -5.15 -0.97
N PHE B 80 18.06 -4.13 -1.65
CA PHE B 80 19.42 -4.07 -2.12
C PHE B 80 20.45 -4.41 -1.05
N GLY B 81 20.29 -3.80 0.12
CA GLY B 81 21.23 -4.03 1.21
C GLY B 81 21.51 -5.49 1.56
N CYS B 82 20.46 -6.21 1.94
CA CYS B 82 20.60 -7.62 2.31
C CYS B 82 21.03 -8.48 1.13
N ALA B 83 20.62 -8.09 -0.07
CA ALA B 83 20.97 -8.83 -1.28
C ALA B 83 22.49 -8.92 -1.40
N LEU B 84 23.17 -7.79 -1.23
CA LEU B 84 24.63 -7.76 -1.32
C LEU B 84 25.21 -8.49 -0.11
N MET B 85 24.48 -8.45 0.99
CA MET B 85 24.89 -9.10 2.24
C MET B 85 24.97 -10.62 2.12
N GLU B 86 23.88 -11.25 1.69
CA GLU B 86 23.84 -12.70 1.51
C GLU B 86 24.70 -13.08 0.31
N MET B 87 24.43 -12.45 -0.83
CA MET B 87 25.18 -12.69 -2.06
C MET B 87 26.67 -12.70 -1.75
N ARG B 88 27.09 -11.77 -0.87
CA ARG B 88 28.48 -11.69 -0.47
C ARG B 88 28.67 -12.55 0.77
N SER B 99 27.10 -9.25 11.63
CA SER B 99 25.90 -8.86 10.83
C SER B 99 26.00 -7.38 10.47
N TYR B 100 25.03 -6.86 9.71
CA TYR B 100 25.05 -5.45 9.31
C TYR B 100 25.48 -4.54 10.46
N LYS B 101 24.62 -4.43 11.48
CA LYS B 101 24.89 -3.61 12.65
C LYS B 101 26.33 -3.77 13.09
N VAL B 102 26.76 -5.02 13.20
CA VAL B 102 28.13 -5.29 13.59
C VAL B 102 29.06 -4.48 12.71
N ARG B 103 29.23 -4.96 11.49
CA ARG B 103 30.14 -4.37 10.51
C ARG B 103 30.02 -2.89 10.13
N PHE B 104 28.83 -2.40 9.84
CA PHE B 104 28.72 -1.02 9.42
C PHE B 104 28.08 -0.03 10.37
N ASN B 105 27.93 -0.41 11.63
CA ASN B 105 27.36 0.46 12.64
C ASN B 105 28.21 0.26 13.91
N VAL B 136 32.09 -5.28 -12.92
CA VAL B 136 31.48 -3.91 -12.71
C VAL B 136 32.44 -2.93 -12.04
N ARG B 137 32.25 -1.66 -12.35
CA ARG B 137 33.07 -0.63 -11.74
C ARG B 137 32.00 0.12 -10.96
N PHE B 138 32.41 0.97 -10.03
CA PHE B 138 31.44 1.66 -9.24
C PHE B 138 32.16 2.59 -8.30
N SER B 139 31.41 3.51 -7.73
CA SER B 139 31.92 4.46 -6.78
C SER B 139 30.65 4.92 -6.09
N VAL B 140 30.76 5.14 -4.79
CA VAL B 140 29.63 5.52 -3.96
C VAL B 140 29.72 6.91 -3.34
N PHE B 141 28.58 7.58 -3.27
CA PHE B 141 28.52 8.88 -2.61
C PHE B 141 27.35 8.75 -1.64
N GLY B 142 27.65 8.77 -0.34
CA GLY B 142 26.61 8.62 0.64
C GLY B 142 26.26 9.88 1.38
N LEU B 143 24.99 10.28 1.31
CA LEU B 143 24.56 11.47 2.01
C LEU B 143 24.32 11.07 3.47
N GLY B 144 24.51 12.01 4.39
CA GLY B 144 24.31 11.70 5.79
C GLY B 144 24.42 12.93 6.65
N SER B 145 24.79 12.72 7.91
CA SER B 145 24.91 13.82 8.84
C SER B 145 25.87 13.39 9.95
N ARG B 146 26.85 14.23 10.24
CA ARG B 146 27.82 13.91 11.27
C ARG B 146 27.24 13.99 12.67
N ALA B 147 25.92 14.18 12.75
CA ALA B 147 25.24 14.26 14.04
C ALA B 147 24.83 12.86 14.47
N TYR B 148 24.94 11.92 13.54
CA TYR B 148 24.58 10.55 13.84
C TYR B 148 25.83 9.68 13.91
N PRO B 149 25.92 8.80 14.94
CA PRO B 149 26.97 7.83 15.28
C PRO B 149 27.54 7.07 14.05
N HIS B 150 26.66 6.36 13.36
CA HIS B 150 27.05 5.57 12.18
C HIS B 150 26.91 6.39 10.88
N PHE B 151 27.73 7.43 10.79
CA PHE B 151 27.74 8.34 9.65
C PHE B 151 27.83 7.63 8.30
N CYS B 152 26.91 7.94 7.39
CA CYS B 152 26.85 7.35 6.05
C CYS B 152 26.99 5.83 6.08
N ALA B 153 26.53 5.23 7.17
CA ALA B 153 26.59 3.79 7.37
C ALA B 153 26.20 2.98 6.15
N PHE B 154 25.10 3.35 5.50
CA PHE B 154 24.67 2.60 4.34
C PHE B 154 25.59 2.73 3.14
N GLY B 155 26.01 3.95 2.82
CA GLY B 155 26.90 4.13 1.70
C GLY B 155 28.20 3.36 1.90
N HIS B 156 28.72 3.43 3.12
CA HIS B 156 29.96 2.73 3.50
C HIS B 156 29.80 1.21 3.47
N ALA B 157 28.56 0.76 3.65
CA ALA B 157 28.29 -0.67 3.64
C ALA B 157 28.20 -1.14 2.20
N VAL B 158 27.43 -0.40 1.39
CA VAL B 158 27.27 -0.74 -0.03
C VAL B 158 28.62 -0.71 -0.73
N ASP B 159 29.47 0.24 -0.33
CA ASP B 159 30.80 0.38 -0.91
C ASP B 159 31.65 -0.85 -0.61
N THR B 160 31.60 -1.31 0.64
CA THR B 160 32.34 -2.47 1.10
C THR B 160 31.90 -3.78 0.44
N LEU B 161 30.59 -3.95 0.33
CA LEU B 161 29.99 -5.16 -0.26
C LEU B 161 30.02 -5.25 -1.77
N LEU B 162 30.06 -4.12 -2.45
CA LEU B 162 30.11 -4.15 -3.92
C LEU B 162 31.42 -4.84 -4.29
N GLU B 163 32.47 -4.45 -3.58
CA GLU B 163 33.80 -5.00 -3.78
C GLU B 163 33.77 -6.53 -3.67
N GLU B 164 33.09 -7.03 -2.64
CA GLU B 164 32.97 -8.46 -2.38
C GLU B 164 32.05 -9.18 -3.36
N LEU B 165 31.82 -8.58 -4.54
CA LEU B 165 30.96 -9.19 -5.54
C LEU B 165 31.48 -8.92 -6.96
N GLY B 166 32.77 -9.17 -7.16
CA GLY B 166 33.37 -8.93 -8.46
C GLY B 166 33.26 -7.46 -8.83
N GLY B 167 33.59 -6.61 -7.86
CA GLY B 167 33.52 -5.17 -8.07
C GLY B 167 34.85 -4.44 -7.93
N GLU B 168 35.08 -3.49 -8.82
CA GLU B 168 36.30 -2.69 -8.81
C GLU B 168 35.95 -1.22 -8.59
N ARG B 169 36.49 -0.65 -7.51
CA ARG B 169 36.22 0.72 -7.14
C ARG B 169 36.99 1.78 -7.93
N ILE B 170 36.23 2.71 -8.53
CA ILE B 170 36.79 3.81 -9.30
C ILE B 170 37.34 4.87 -8.36
N LEU B 171 36.44 5.57 -7.67
CA LEU B 171 36.85 6.61 -6.76
C LEU B 171 36.55 6.26 -5.31
N LYS B 172 37.30 6.87 -4.41
CA LYS B 172 37.14 6.68 -2.99
C LYS B 172 35.75 7.18 -2.61
N MET B 173 34.98 6.34 -1.94
CA MET B 173 33.63 6.72 -1.52
C MET B 173 33.68 8.03 -0.74
N ARG B 174 32.85 8.98 -1.13
CA ARG B 174 32.79 10.28 -0.46
C ARG B 174 31.58 10.35 0.48
N GLU B 175 31.63 11.29 1.41
CA GLU B 175 30.55 11.47 2.38
C GLU B 175 30.02 12.90 2.18
N GLY B 176 28.73 13.08 2.43
CA GLY B 176 28.13 14.40 2.28
C GLY B 176 27.38 14.76 3.55
N ASP B 177 28.01 15.57 4.41
CA ASP B 177 27.40 15.97 5.68
C ASP B 177 26.33 17.05 5.52
N GLU B 178 25.09 16.66 5.79
CA GLU B 178 23.93 17.55 5.70
C GLU B 178 24.15 18.83 6.52
N LEU B 179 25.06 18.75 7.49
CA LEU B 179 25.34 19.90 8.34
C LEU B 179 26.44 20.83 7.85
N CYS B 180 27.24 20.37 6.89
CA CYS B 180 28.32 21.20 6.41
C CYS B 180 28.91 20.78 5.06
N GLY B 181 28.58 21.56 4.03
CA GLY B 181 29.07 21.33 2.69
C GLY B 181 28.58 20.08 1.99
N GLN B 182 27.28 19.80 2.04
CA GLN B 182 26.77 18.61 1.37
C GLN B 182 26.88 18.79 -0.14
N GLU B 183 26.07 19.69 -0.68
CA GLU B 183 26.06 19.99 -2.11
C GLU B 183 27.48 20.27 -2.64
N GLU B 184 28.36 20.72 -1.76
CA GLU B 184 29.74 21.04 -2.11
C GLU B 184 30.58 19.80 -2.40
N ALA B 185 30.56 18.86 -1.47
CA ALA B 185 31.33 17.63 -1.61
C ALA B 185 30.79 16.80 -2.77
N PHE B 186 29.50 16.97 -3.06
CA PHE B 186 28.86 16.23 -4.15
C PHE B 186 29.35 16.75 -5.50
N ARG B 187 29.21 18.04 -5.73
CA ARG B 187 29.64 18.66 -6.98
C ARG B 187 31.07 18.21 -7.28
N THR B 188 31.92 18.26 -6.27
CA THR B 188 33.32 17.86 -6.39
C THR B 188 33.41 16.40 -6.79
N TRP B 189 33.05 15.51 -5.86
CA TRP B 189 33.07 14.07 -6.12
C TRP B 189 32.44 13.79 -7.48
N ALA B 190 31.42 14.58 -7.84
CA ALA B 190 30.73 14.43 -9.11
C ALA B 190 31.69 14.62 -10.28
N LYS B 191 32.48 15.68 -10.25
CA LYS B 191 33.43 15.92 -11.33
C LYS B 191 34.59 14.94 -11.24
N LYS B 192 35.07 14.68 -10.04
CA LYS B 192 36.19 13.76 -9.84
C LYS B 192 35.88 12.32 -10.28
N VAL B 193 34.63 11.89 -10.14
CA VAL B 193 34.26 10.52 -10.52
C VAL B 193 33.93 10.44 -12.01
N PHE B 194 33.50 11.55 -12.59
CA PHE B 194 33.17 11.58 -14.02
C PHE B 194 34.45 11.41 -14.80
N LYS B 195 35.44 12.23 -14.48
CA LYS B 195 36.74 12.15 -15.15
C LYS B 195 37.32 10.76 -14.88
N ALA B 196 37.24 10.33 -13.63
CA ALA B 196 37.76 9.03 -13.21
C ALA B 196 37.25 7.87 -14.05
N ALA B 197 35.94 7.82 -14.29
CA ALA B 197 35.37 6.75 -15.10
C ALA B 197 35.66 7.05 -16.56
N CYS B 198 35.68 8.33 -16.89
CA CYS B 198 35.95 8.76 -18.26
C CYS B 198 37.24 8.18 -18.80
N ASP B 199 38.26 8.08 -17.96
CA ASP B 199 39.49 7.51 -18.45
C ASP B 199 39.55 6.02 -18.18
N VAL B 200 39.04 5.60 -17.03
CA VAL B 200 39.01 4.18 -16.70
C VAL B 200 38.41 3.44 -17.90
N PHE B 201 37.36 4.01 -18.50
CA PHE B 201 36.70 3.41 -19.65
C PHE B 201 37.22 3.93 -20.99
N CYS B 202 38.30 4.69 -20.91
CA CYS B 202 38.98 5.24 -22.08
C CYS B 202 38.29 6.00 -23.20
N VAL B 203 37.73 7.17 -22.90
CA VAL B 203 37.16 8.05 -23.93
C VAL B 203 38.29 9.08 -23.85
N GLY B 204 38.58 9.80 -24.93
CA GLY B 204 39.68 10.73 -24.87
C GLY B 204 39.36 12.17 -24.51
N ASP B 205 39.35 13.01 -25.53
CA ASP B 205 39.07 14.42 -25.38
C ASP B 205 37.62 14.65 -25.83
N ASP B 206 36.72 14.77 -24.87
CA ASP B 206 35.32 15.01 -25.20
C ASP B 206 34.81 16.14 -24.32
N VAL B 207 33.66 16.70 -24.70
CA VAL B 207 33.03 17.82 -24.00
C VAL B 207 33.06 17.75 -22.48
N ASN B 208 34.26 17.83 -21.89
CA ASN B 208 34.45 17.78 -20.45
C ASN B 208 34.51 19.17 -19.82
N ILE B 209 33.63 20.06 -20.27
CA ILE B 209 33.59 21.41 -19.75
C ILE B 209 32.13 21.87 -19.59
N GLU B 210 31.21 21.08 -20.15
CA GLU B 210 29.78 21.41 -20.08
C GLU B 210 29.31 21.49 -18.64
N LYS B 211 29.66 20.49 -17.83
CA LYS B 211 29.26 20.46 -16.43
C LYS B 211 29.48 21.81 -15.75
N SER B 218 23.78 24.27 -13.45
CA SER B 218 22.50 24.60 -14.14
C SER B 218 22.39 23.78 -15.44
N ASN B 219 21.79 22.59 -15.34
CA ASN B 219 21.65 21.72 -16.49
C ASN B 219 20.29 21.68 -17.18
N ASP B 220 20.18 20.83 -18.19
CA ASP B 220 18.99 20.66 -19.01
C ASP B 220 17.65 20.37 -18.33
N ARG B 221 17.61 19.38 -17.46
CA ARG B 221 16.37 19.04 -16.77
C ARG B 221 15.89 20.18 -15.87
N SER B 222 16.62 21.29 -15.91
CA SER B 222 16.27 22.47 -15.12
C SER B 222 15.28 23.34 -15.90
N TRP B 223 14.26 23.79 -15.18
CA TRP B 223 13.19 24.63 -15.73
C TRP B 223 13.63 25.69 -16.76
N LYS B 224 12.93 25.73 -17.88
CA LYS B 224 13.14 26.72 -18.95
C LYS B 224 11.72 27.27 -19.19
N ARG B 225 11.49 28.16 -20.17
CA ARG B 225 10.13 28.71 -20.27
C ARG B 225 9.05 28.30 -21.28
N ASN B 226 9.18 27.15 -21.94
CA ASN B 226 8.11 26.72 -22.85
C ASN B 226 8.22 25.22 -22.92
N LYS B 227 8.77 24.70 -21.84
CA LYS B 227 8.98 23.28 -21.62
C LYS B 227 7.84 22.87 -20.70
N PHE B 228 7.13 23.87 -20.15
CA PHE B 228 6.02 23.67 -19.21
C PHE B 228 4.80 24.61 -19.36
N ARG B 229 3.61 24.06 -19.15
CA ARG B 229 2.37 24.82 -19.23
C ARG B 229 1.28 24.22 -18.32
N LEU B 230 0.36 25.06 -17.85
CA LEU B 230 -0.73 24.64 -16.97
C LEU B 230 -2.08 24.55 -17.66
N THR B 231 -2.47 23.36 -18.09
CA THR B 231 -3.74 23.18 -18.77
C THR B 231 -4.87 22.75 -17.84
N TYR B 232 -5.97 23.51 -17.85
CA TYR B 232 -7.11 23.20 -17.01
C TYR B 232 -7.59 21.76 -17.16
N VAL B 233 -8.27 21.30 -16.12
CA VAL B 233 -8.84 19.96 -16.03
C VAL B 233 -10.03 20.16 -15.09
N ALA B 234 -11.15 19.49 -15.35
CA ALA B 234 -12.31 19.68 -14.48
C ALA B 234 -12.53 18.56 -13.47
N GLU B 235 -11.54 17.69 -13.34
CA GLU B 235 -11.64 16.56 -12.43
C GLU B 235 -10.35 16.35 -11.62
N ALA B 236 -10.38 16.76 -10.37
CA ALA B 236 -9.22 16.57 -9.50
C ALA B 236 -9.56 15.48 -8.46
N PRO B 237 -8.61 14.53 -8.26
CA PRO B 237 -8.71 13.40 -7.33
C PRO B 237 -8.94 13.82 -5.88
N ASP B 238 -9.19 12.85 -5.03
CA ASP B 238 -9.35 13.17 -3.63
C ASP B 238 -7.92 13.21 -3.10
N LEU B 239 -7.65 14.06 -2.12
CA LEU B 239 -6.32 14.18 -1.52
C LEU B 239 -5.62 12.86 -1.21
N THR B 240 -6.25 11.98 -0.42
CA THR B 240 -5.58 10.72 -0.08
C THR B 240 -5.24 9.91 -1.33
N GLN B 241 -6.10 9.96 -2.33
CA GLN B 241 -5.83 9.24 -3.57
C GLN B 241 -4.71 9.95 -4.35
N GLY B 242 -4.75 11.28 -4.35
CA GLY B 242 -3.72 12.05 -5.01
C GLY B 242 -2.36 11.68 -4.41
N LEU B 243 -2.30 11.66 -3.08
CA LEU B 243 -1.06 11.33 -2.38
C LEU B 243 -0.57 9.92 -2.69
N SER B 244 -1.49 8.97 -2.77
CA SER B 244 -1.09 7.61 -3.09
C SER B 244 -0.47 7.61 -4.48
N ASN B 245 -0.99 8.43 -5.39
CA ASN B 245 -0.43 8.48 -6.75
C ASN B 245 0.96 9.11 -6.73
N VAL B 246 1.11 10.25 -6.07
CA VAL B 246 2.39 10.93 -5.98
C VAL B 246 3.47 10.07 -5.31
N HIS B 247 3.17 9.50 -4.14
CA HIS B 247 4.17 8.70 -3.46
C HIS B 247 4.15 7.22 -3.71
N LYS B 248 3.31 6.78 -4.65
CA LYS B 248 3.27 5.37 -4.99
C LYS B 248 3.16 4.45 -3.79
N LYS B 249 2.29 4.78 -2.86
CA LYS B 249 2.10 3.93 -1.69
C LYS B 249 0.65 4.17 -1.29
N ARG B 250 0.05 3.21 -0.61
CA ARG B 250 -1.34 3.33 -0.17
C ARG B 250 -1.43 4.24 1.03
N VAL B 251 -2.07 5.38 0.85
CA VAL B 251 -2.27 6.36 1.92
C VAL B 251 -3.75 6.27 2.24
N SER B 252 -4.10 6.16 3.51
CA SER B 252 -5.51 6.04 3.89
C SER B 252 -6.04 7.31 4.49
N ALA B 253 -7.36 7.45 4.46
CA ALA B 253 -7.95 8.62 5.07
C ALA B 253 -8.40 8.21 6.46
N ALA B 254 -7.79 8.83 7.46
CA ALA B 254 -8.14 8.57 8.86
C ALA B 254 -8.80 9.86 9.31
N ARG B 255 -9.52 9.81 10.43
CA ARG B 255 -10.18 11.01 10.92
C ARG B 255 -9.74 11.35 12.34
N LEU B 256 -9.71 12.64 12.64
CA LEU B 256 -9.32 13.08 13.97
C LEU B 256 -10.44 12.83 14.98
N LEU B 257 -10.11 12.13 16.06
CA LEU B 257 -11.11 11.90 17.09
C LEU B 257 -10.97 13.00 18.13
N SER B 258 -9.73 13.24 18.60
CA SER B 258 -9.48 14.27 19.60
C SER B 258 -7.99 14.54 19.80
N ARG B 259 -7.70 15.69 20.41
CA ARG B 259 -6.33 16.09 20.74
C ARG B 259 -6.39 16.81 22.08
N GLN B 260 -5.42 16.56 22.95
CA GLN B 260 -5.36 17.21 24.25
C GLN B 260 -3.91 17.40 24.67
N ASN B 261 -3.64 18.50 25.37
CA ASN B 261 -2.27 18.78 25.81
C ASN B 261 -1.90 17.89 26.98
N LEU B 262 -0.71 17.31 26.91
CA LEU B 262 -0.23 16.45 27.97
C LEU B 262 0.73 17.24 28.86
N GLN B 263 1.07 18.47 28.46
CA GLN B 263 1.95 19.28 29.30
C GLN B 263 1.10 20.25 30.07
N SER B 264 1.60 20.66 31.23
CA SER B 264 0.89 21.61 32.09
C SER B 264 0.65 22.93 31.32
N PRO B 265 -0.51 23.57 31.52
CA PRO B 265 -0.80 24.82 30.82
C PRO B 265 0.30 25.83 31.09
N LYS B 266 0.87 25.72 32.29
CA LYS B 266 1.92 26.61 32.74
C LYS B 266 3.24 26.30 32.06
N SER B 267 3.18 25.45 31.04
CA SER B 267 4.39 25.09 30.30
C SER B 267 4.53 26.10 29.18
N SER B 268 5.77 26.36 28.76
CA SER B 268 6.02 27.28 27.66
C SER B 268 5.92 26.44 26.39
N ARG B 269 6.42 25.21 26.48
CA ARG B 269 6.37 24.25 25.39
C ARG B 269 5.02 23.56 25.40
N SER B 270 4.90 22.54 24.56
CA SER B 270 3.66 21.79 24.47
C SER B 270 3.75 20.48 23.68
N THR B 271 3.02 19.48 24.16
CA THR B 271 2.98 18.16 23.54
C THR B 271 1.49 17.79 23.53
N ILE B 272 1.03 17.15 22.47
CA ILE B 272 -0.36 16.80 22.42
C ILE B 272 -0.62 15.32 22.27
N PHE B 273 -1.78 14.89 22.75
CA PHE B 273 -2.18 13.49 22.65
C PHE B 273 -3.14 13.53 21.47
N VAL B 274 -2.94 12.64 20.52
CA VAL B 274 -3.79 12.65 19.33
C VAL B 274 -4.45 11.31 19.10
N ARG B 275 -5.75 11.34 18.91
CA ARG B 275 -6.50 10.12 18.65
C ARG B 275 -7.10 10.15 17.25
N LEU B 276 -6.75 9.16 16.44
CA LEU B 276 -7.26 9.06 15.10
C LEU B 276 -8.08 7.78 14.96
N HIS B 277 -9.13 7.86 14.16
CA HIS B 277 -10.00 6.73 13.89
C HIS B 277 -9.62 6.18 12.53
N THR B 278 -9.32 4.90 12.47
CA THR B 278 -8.92 4.26 11.23
C THR B 278 -10.09 3.91 10.31
N ASN B 279 -11.29 3.86 10.87
CA ASN B 279 -12.46 3.50 10.10
C ASN B 279 -12.38 2.06 9.57
N GLY B 280 -12.05 1.13 10.46
CA GLY B 280 -11.95 -0.27 10.07
C GLY B 280 -10.99 -0.58 8.93
N ASN B 281 -10.22 0.41 8.52
CA ASN B 281 -9.24 0.33 7.43
C ASN B 281 -8.14 -0.73 7.55
N GLN B 282 -8.30 -1.86 6.87
CA GLN B 282 -7.29 -2.93 6.91
C GLN B 282 -5.89 -2.42 6.58
N GLU B 283 -5.81 -1.42 5.71
CA GLU B 283 -4.52 -0.86 5.33
C GLU B 283 -3.81 -0.26 6.54
N LEU B 284 -4.58 0.06 7.58
CA LEU B 284 -4.01 0.66 8.79
C LEU B 284 -3.84 -0.25 10.00
N GLN B 285 -3.54 -1.52 9.75
CA GLN B 285 -3.31 -2.47 10.82
C GLN B 285 -1.85 -2.33 11.25
N TYR B 286 -1.64 -2.31 12.56
CA TYR B 286 -0.30 -2.16 13.11
C TYR B 286 -0.07 -2.96 14.38
N GLN B 287 1.19 -3.00 14.78
CA GLN B 287 1.64 -3.67 15.99
C GLN B 287 2.39 -2.66 16.84
N PRO B 288 2.38 -2.83 18.16
CA PRO B 288 3.08 -1.89 19.04
C PRO B 288 4.52 -1.77 18.53
N GLY B 289 5.04 -0.56 18.48
CA GLY B 289 6.40 -0.37 17.98
C GLY B 289 6.45 0.23 16.56
N ASP B 290 5.33 0.15 15.84
CA ASP B 290 5.23 0.65 14.46
C ASP B 290 5.02 2.17 14.36
N HIS B 291 5.33 2.74 13.19
CA HIS B 291 5.14 4.17 12.99
C HIS B 291 4.01 4.46 12.04
N LEU B 292 3.49 5.67 12.15
CA LEU B 292 2.42 6.14 11.29
C LEU B 292 3.01 7.30 10.47
N GLY B 293 2.98 7.19 9.14
CA GLY B 293 3.49 8.25 8.29
C GLY B 293 2.32 9.18 8.03
N VAL B 294 2.48 10.47 8.34
CA VAL B 294 1.42 11.45 8.17
C VAL B 294 1.72 12.59 7.15
N PHE B 295 0.73 12.90 6.30
CA PHE B 295 0.87 13.99 5.31
C PHE B 295 0.10 15.21 5.78
N PRO B 296 0.80 16.29 6.14
CA PRO B 296 0.13 17.50 6.62
C PRO B 296 -0.20 18.52 5.56
N GLY B 297 -0.75 19.64 6.02
CA GLY B 297 -1.07 20.72 5.14
C GLY B 297 -0.28 21.93 5.62
N ASN B 298 0.34 22.67 4.70
CA ASN B 298 1.07 23.87 5.11
C ASN B 298 0.02 24.87 5.54
N HIS B 299 0.42 25.84 6.35
CA HIS B 299 -0.50 26.86 6.81
C HIS B 299 -1.02 27.68 5.63
N GLU B 300 -2.27 28.09 5.69
CA GLU B 300 -2.86 28.86 4.62
C GLU B 300 -2.20 30.23 4.38
N ASP B 301 -1.92 30.96 5.45
CA ASP B 301 -1.29 32.26 5.28
C ASP B 301 -0.01 32.18 4.46
N LEU B 302 0.81 31.17 4.71
CA LEU B 302 2.04 31.02 3.96
C LEU B 302 1.76 30.55 2.54
N VAL B 303 0.65 29.85 2.35
CA VAL B 303 0.29 29.36 1.03
C VAL B 303 -0.22 30.49 0.14
N ASN B 304 -1.00 31.39 0.73
CA ASN B 304 -1.57 32.53 0.02
C ASN B 304 -0.57 33.66 -0.17
N ALA B 305 0.45 33.72 0.67
CA ALA B 305 1.45 34.76 0.56
C ALA B 305 2.36 34.35 -0.57
N LEU B 306 2.45 33.05 -0.76
CA LEU B 306 3.28 32.48 -1.80
C LEU B 306 2.59 32.64 -3.15
N ILE B 307 1.26 32.54 -3.17
CA ILE B 307 0.52 32.66 -4.42
C ILE B 307 0.41 34.10 -4.91
N GLU B 308 0.26 35.01 -3.95
CA GLU B 308 0.12 36.45 -4.18
C GLU B 308 1.44 37.11 -4.59
N ARG B 309 2.53 36.37 -4.45
CA ARG B 309 3.86 36.86 -4.78
C ARG B 309 4.23 36.21 -6.09
N LEU B 310 3.31 35.40 -6.60
CA LEU B 310 3.51 34.66 -7.84
C LEU B 310 3.24 35.52 -9.08
N GLU B 311 4.07 35.30 -10.10
CA GLU B 311 3.96 36.02 -11.37
C GLU B 311 2.89 35.36 -12.24
N ASP B 312 3.09 34.07 -12.52
CA ASP B 312 2.17 33.30 -13.33
C ASP B 312 0.72 33.65 -12.94
N ALA B 313 -0.22 33.43 -13.86
CA ALA B 313 -1.61 33.80 -13.62
C ALA B 313 -2.66 32.82 -13.10
N PRO B 314 -2.35 31.52 -13.03
CA PRO B 314 -3.36 30.59 -12.52
C PRO B 314 -4.20 30.98 -11.31
N PRO B 315 -5.50 31.26 -11.52
CA PRO B 315 -6.31 31.60 -10.36
C PRO B 315 -6.07 30.44 -9.38
N ALA B 316 -6.29 30.64 -8.09
CA ALA B 316 -6.00 29.58 -7.13
C ALA B 316 -7.10 28.54 -6.92
N ASN B 317 -8.30 28.87 -7.40
CA ASN B 317 -9.47 28.02 -7.24
C ASN B 317 -9.78 27.12 -8.42
N HIS B 318 -8.88 27.07 -9.42
CA HIS B 318 -9.12 26.25 -10.60
C HIS B 318 -8.22 25.03 -10.65
N VAL B 319 -8.77 23.91 -11.06
CA VAL B 319 -8.03 22.67 -11.16
C VAL B 319 -7.16 22.71 -12.41
N VAL B 320 -5.88 22.38 -12.26
CA VAL B 320 -4.97 22.42 -13.38
C VAL B 320 -4.03 21.21 -13.39
N LYS B 321 -3.19 21.13 -14.41
CA LYS B 321 -2.25 20.02 -14.52
C LYS B 321 -1.00 20.59 -15.19
N VAL B 322 0.14 19.95 -15.00
CA VAL B 322 1.36 20.46 -15.61
C VAL B 322 1.83 19.60 -16.77
N GLU B 323 1.79 20.18 -17.97
CA GLU B 323 2.25 19.45 -19.15
C GLU B 323 3.66 19.93 -19.47
N MET B 324 4.46 19.06 -20.04
CA MET B 324 5.81 19.43 -20.40
C MET B 324 6.04 19.08 -21.86
N LEU B 325 6.85 19.89 -22.52
CA LEU B 325 7.14 19.69 -23.91
C LEU B 325 8.18 18.59 -24.10
N GLU B 326 7.78 17.50 -24.73
CA GLU B 326 8.70 16.41 -25.01
C GLU B 326 9.09 16.54 -26.47
N GLU B 327 10.35 16.88 -26.70
CA GLU B 327 10.85 17.06 -28.05
C GLU B 327 11.91 16.02 -28.41
N ARG B 328 11.85 15.53 -29.64
CA ARG B 328 12.80 14.53 -30.13
C ARG B 328 13.45 15.06 -31.40
N ASN B 329 14.66 15.61 -31.27
CA ASN B 329 15.37 16.17 -32.41
C ASN B 329 15.33 15.32 -33.68
N THR B 330 15.53 15.99 -34.81
CA THR B 330 15.54 15.34 -36.11
C THR B 330 16.66 16.00 -36.90
N ALA B 331 16.66 15.84 -38.22
CA ALA B 331 17.71 16.43 -39.04
C ALA B 331 17.38 17.86 -39.52
N LEU B 332 16.12 18.25 -39.43
CA LEU B 332 15.69 19.57 -39.88
C LEU B 332 14.72 20.24 -38.89
N GLY B 333 14.88 19.92 -37.61
CA GLY B 333 14.01 20.48 -36.60
C GLY B 333 13.71 19.44 -35.54
N VAL B 334 12.47 19.39 -35.08
CA VAL B 334 12.10 18.41 -34.04
C VAL B 334 10.69 17.88 -34.19
N ILE B 335 10.50 16.64 -33.74
CA ILE B 335 9.19 15.99 -33.75
C ILE B 335 8.80 15.95 -32.27
N SER B 336 7.78 16.72 -31.90
CA SER B 336 7.38 16.81 -30.49
C SER B 336 5.89 16.79 -30.15
N ASN B 337 5.63 16.70 -28.84
CA ASN B 337 4.28 16.69 -28.28
C ASN B 337 4.30 17.00 -26.78
N TRP B 338 3.23 17.62 -26.28
CA TRP B 338 3.11 17.98 -24.87
C TRP B 338 2.55 16.82 -24.03
N LYS B 339 3.41 16.21 -23.22
CA LYS B 339 3.03 15.09 -22.36
C LYS B 339 2.80 15.61 -20.95
N ASP B 340 1.96 14.94 -20.18
CA ASP B 340 1.70 15.36 -18.80
C ASP B 340 2.97 15.16 -17.98
N GLU B 341 3.35 16.14 -17.16
CA GLU B 341 4.56 15.96 -16.35
C GLU B 341 4.33 14.74 -15.46
N SER B 342 3.14 14.68 -14.87
CA SER B 342 2.78 13.53 -14.08
C SER B 342 3.56 13.32 -12.77
N ARG B 343 3.86 14.39 -12.03
CA ARG B 343 4.55 14.25 -10.74
C ARG B 343 3.47 14.51 -9.69
N LEU B 344 2.70 15.56 -9.94
CA LEU B 344 1.60 15.96 -9.09
C LEU B 344 0.34 15.61 -9.85
N PRO B 345 -0.78 15.51 -9.14
CA PRO B 345 -2.05 15.18 -9.79
C PRO B 345 -2.76 16.46 -10.17
N PRO B 346 -3.86 16.36 -10.93
CA PRO B 346 -4.54 17.60 -11.26
C PRO B 346 -5.14 18.15 -9.97
N CYS B 347 -4.86 19.42 -9.66
CA CYS B 347 -5.39 20.04 -8.45
C CYS B 347 -5.26 21.55 -8.58
N THR B 348 -5.94 22.28 -7.70
CA THR B 348 -5.84 23.73 -7.73
C THR B 348 -4.44 24.05 -7.19
N ILE B 349 -3.91 25.19 -7.64
CA ILE B 349 -2.59 25.59 -7.22
C ILE B 349 -2.51 25.83 -5.71
N PHE B 350 -3.64 26.16 -5.09
CA PHE B 350 -3.68 26.38 -3.64
C PHE B 350 -3.38 25.04 -2.99
N GLN B 351 -4.01 23.99 -3.54
CA GLN B 351 -3.88 22.62 -3.07
C GLN B 351 -2.52 22.00 -3.28
N ALA B 352 -1.80 22.42 -4.31
CA ALA B 352 -0.48 21.85 -4.56
C ALA B 352 0.47 22.44 -3.54
N PHE B 353 0.30 23.73 -3.27
CA PHE B 353 1.15 24.40 -2.33
C PHE B 353 0.84 23.98 -0.91
N LYS B 354 -0.43 23.80 -0.59
CA LYS B 354 -0.80 23.40 0.76
C LYS B 354 -0.61 21.94 1.08
N TYR B 355 -0.85 21.04 0.12
CA TYR B 355 -0.75 19.62 0.39
C TYR B 355 0.25 18.78 -0.35
N TYR B 356 0.80 19.25 -1.46
CA TYR B 356 1.73 18.39 -2.19
C TYR B 356 3.15 18.85 -2.25
N LEU B 357 3.38 20.14 -2.02
CA LEU B 357 4.71 20.69 -2.13
C LEU B 357 5.32 21.31 -0.87
N ASP B 358 6.62 21.13 -0.73
CA ASP B 358 7.40 21.66 0.37
C ASP B 358 7.70 23.13 0.09
N ILE B 359 7.04 24.03 0.79
CA ILE B 359 7.26 25.46 0.61
C ILE B 359 8.04 26.06 1.79
N THR B 360 8.55 25.22 2.67
CA THR B 360 9.27 25.74 3.83
C THR B 360 10.76 25.44 3.89
N THR B 361 11.16 24.28 3.39
CA THR B 361 12.55 23.91 3.38
C THR B 361 13.37 24.91 2.55
N PRO B 362 14.52 25.36 3.06
CA PRO B 362 15.35 26.34 2.34
C PRO B 362 15.77 25.85 0.95
N PRO B 363 15.77 26.77 -0.04
CA PRO B 363 16.14 26.43 -1.40
C PRO B 363 17.54 25.80 -1.44
N THR B 364 17.71 24.80 -2.29
CA THR B 364 19.00 24.17 -2.43
C THR B 364 19.81 25.08 -3.36
N PRO B 365 21.12 24.89 -3.43
CA PRO B 365 21.95 25.73 -4.29
C PRO B 365 21.49 25.68 -5.76
N LEU B 366 20.95 24.53 -6.17
CA LEU B 366 20.48 24.35 -7.54
C LEU B 366 19.24 25.19 -7.82
N GLN B 367 18.34 25.29 -6.84
CA GLN B 367 17.12 26.08 -7.02
C GLN B 367 17.38 27.59 -6.99
N LEU B 368 18.44 28.00 -6.31
CA LEU B 368 18.76 29.42 -6.25
C LEU B 368 19.25 29.92 -7.60
N GLN B 369 20.26 29.25 -8.17
CA GLN B 369 20.79 29.65 -9.46
C GLN B 369 19.63 30.00 -10.39
N GLN B 370 18.60 29.16 -10.37
CA GLN B 370 17.43 29.36 -11.20
C GLN B 370 16.72 30.67 -10.87
N PHE B 371 16.66 31.01 -9.58
CA PHE B 371 16.02 32.27 -9.18
C PHE B 371 16.87 33.42 -9.68
N ALA B 372 18.18 33.20 -9.72
CA ALA B 372 19.12 34.22 -10.18
C ALA B 372 18.66 34.81 -11.51
N SER B 373 18.55 33.94 -12.51
CA SER B 373 18.13 34.36 -13.84
C SER B 373 16.72 34.93 -13.86
N LEU B 374 16.15 35.21 -12.70
CA LEU B 374 14.80 35.75 -12.63
C LEU B 374 14.69 37.04 -11.86
N ALA B 375 15.82 37.50 -11.31
CA ALA B 375 15.84 38.76 -10.56
C ALA B 375 16.08 39.95 -11.50
N THR B 376 15.34 41.03 -11.28
CA THR B 376 15.46 42.23 -12.11
C THR B 376 16.14 43.34 -11.31
N ASN B 377 17.31 43.00 -10.77
CA ASN B 377 18.12 43.93 -10.00
C ASN B 377 19.53 43.39 -10.23
N GLU B 378 20.54 43.99 -9.61
CA GLU B 378 21.88 43.50 -9.84
C GLU B 378 22.46 42.92 -8.56
N LYS B 379 22.30 43.64 -7.45
CA LYS B 379 22.81 43.14 -6.19
C LYS B 379 22.10 41.82 -5.93
N GLU B 380 20.77 41.85 -5.98
CA GLU B 380 19.95 40.67 -5.76
C GLU B 380 20.38 39.48 -6.62
N LYS B 381 20.45 39.67 -7.94
CA LYS B 381 20.87 38.59 -8.82
C LYS B 381 22.27 38.11 -8.47
N GLN B 382 23.05 38.98 -7.87
CA GLN B 382 24.43 38.66 -7.50
C GLN B 382 24.56 37.92 -6.17
N ARG B 383 23.76 38.33 -5.20
CA ARG B 383 23.77 37.68 -3.89
C ARG B 383 23.29 36.27 -4.19
N LEU B 384 22.23 36.19 -5.00
CA LEU B 384 21.69 34.90 -5.38
C LEU B 384 22.78 34.01 -5.94
N LEU B 385 23.63 34.59 -6.78
CA LEU B 385 24.74 33.85 -7.38
C LEU B 385 25.72 33.37 -6.32
N VAL B 386 26.06 34.26 -5.38
CA VAL B 386 26.98 33.88 -4.32
C VAL B 386 26.42 32.65 -3.60
N LEU B 387 25.20 32.78 -3.11
CA LEU B 387 24.54 31.70 -2.39
C LEU B 387 24.31 30.45 -3.26
N SER B 388 24.20 30.63 -4.57
CA SER B 388 23.97 29.49 -5.45
C SER B 388 25.12 28.48 -5.36
N LYS B 389 26.27 28.93 -4.90
CA LYS B 389 27.43 28.04 -4.75
C LYS B 389 27.49 27.60 -3.29
N GLY B 390 26.65 26.62 -2.94
CA GLY B 390 26.60 26.11 -1.57
C GLY B 390 27.90 26.11 -0.78
N LEU B 391 28.38 27.29 -0.43
CA LEU B 391 29.61 27.43 0.32
C LEU B 391 29.36 28.40 1.45
N GLN B 392 30.29 28.49 2.38
CA GLN B 392 30.19 29.36 3.55
C GLN B 392 29.08 30.42 3.50
N GLU B 393 29.03 31.17 2.40
CA GLU B 393 28.01 32.22 2.27
C GLU B 393 26.59 31.64 2.33
N TYR B 394 26.34 30.59 1.55
CA TYR B 394 25.04 29.95 1.51
C TYR B 394 24.74 29.20 2.80
N GLU B 395 25.72 28.48 3.33
CA GLU B 395 25.52 27.74 4.56
C GLU B 395 25.15 28.64 5.73
N GLU B 396 25.81 29.79 5.81
CA GLU B 396 25.53 30.73 6.89
C GLU B 396 24.14 31.30 6.72
N TRP B 397 23.78 31.58 5.47
CA TRP B 397 22.46 32.12 5.13
C TRP B 397 21.40 31.12 5.55
N LYS B 398 21.47 29.93 4.99
CA LYS B 398 20.50 28.88 5.29
C LYS B 398 20.33 28.55 6.76
N TRP B 399 21.41 28.14 7.41
CA TRP B 399 21.36 27.78 8.81
C TRP B 399 20.93 28.94 9.71
N GLY B 400 21.47 30.13 9.46
CA GLY B 400 21.12 31.27 10.27
C GLY B 400 19.67 31.74 10.17
N LYS B 401 19.15 31.84 8.95
CA LYS B 401 17.79 32.31 8.76
C LYS B 401 16.79 31.17 8.54
N ASN B 402 17.25 30.09 7.94
CA ASN B 402 16.39 28.95 7.62
C ASN B 402 15.12 29.51 6.98
N PRO B 403 15.27 30.22 5.84
CA PRO B 403 14.18 30.85 5.07
C PRO B 403 13.15 29.97 4.38
N THR B 404 11.88 30.32 4.50
CA THR B 404 10.83 29.59 3.81
C THR B 404 10.91 30.15 2.39
N MET B 405 10.21 29.52 1.45
CA MET B 405 10.22 30.02 0.07
C MET B 405 9.65 31.41 0.00
N VAL B 406 8.68 31.69 0.88
CA VAL B 406 8.06 32.99 0.91
C VAL B 406 9.05 34.06 1.38
N GLU B 407 9.85 33.72 2.38
CA GLU B 407 10.82 34.68 2.91
C GLU B 407 11.92 34.96 1.91
N VAL B 408 12.21 33.98 1.06
CA VAL B 408 13.25 34.11 0.04
C VAL B 408 12.78 35.13 -1.00
N LEU B 409 11.52 35.01 -1.43
CA LEU B 409 10.98 35.93 -2.41
C LEU B 409 10.77 37.32 -1.82
N GLU B 410 10.87 37.44 -0.51
CA GLU B 410 10.69 38.73 0.12
C GLU B 410 12.04 39.39 0.44
N GLU B 411 13.07 38.57 0.57
CA GLU B 411 14.42 39.06 0.84
C GLU B 411 14.97 39.55 -0.51
N PHE B 412 14.41 39.01 -1.59
CA PHE B 412 14.80 39.37 -2.96
C PHE B 412 13.51 39.61 -3.74
N PRO B 413 12.90 40.78 -3.56
CA PRO B 413 11.66 41.19 -4.21
C PRO B 413 11.65 41.45 -5.71
N SER B 414 12.80 41.42 -6.37
CA SER B 414 12.83 41.66 -7.82
C SER B 414 12.68 40.36 -8.59
N ILE B 415 12.68 39.24 -7.89
CA ILE B 415 12.52 37.94 -8.51
C ILE B 415 11.11 37.85 -9.09
N GLN B 416 11.02 37.51 -10.38
CA GLN B 416 9.72 37.36 -11.02
C GLN B 416 9.52 35.84 -11.08
N MET B 417 8.65 35.36 -10.21
CA MET B 417 8.40 33.93 -10.06
C MET B 417 7.23 33.37 -10.84
N PRO B 418 7.50 32.50 -11.81
CA PRO B 418 6.43 31.89 -12.60
C PRO B 418 5.89 30.71 -11.80
N ALA B 419 4.58 30.47 -11.88
CA ALA B 419 3.97 29.37 -11.16
C ALA B 419 4.47 27.99 -11.56
N THR B 420 4.80 27.79 -12.84
CA THR B 420 5.26 26.49 -13.28
C THR B 420 6.66 26.12 -12.83
N LEU B 421 7.44 27.10 -12.36
CA LEU B 421 8.78 26.79 -11.88
C LEU B 421 8.67 26.23 -10.46
N LEU B 422 7.85 26.86 -9.63
CA LEU B 422 7.65 26.38 -8.27
C LEU B 422 6.98 25.00 -8.35
N LEU B 423 5.87 24.93 -9.08
CA LEU B 423 5.13 23.69 -9.25
C LEU B 423 5.92 22.54 -9.82
N THR B 424 7.10 22.81 -10.39
CA THR B 424 7.89 21.73 -10.97
C THR B 424 9.24 21.57 -10.30
N GLN B 425 9.70 22.61 -9.62
CA GLN B 425 11.01 22.51 -8.98
C GLN B 425 10.99 22.32 -7.46
N LEU B 426 9.92 22.74 -6.80
CA LEU B 426 9.83 22.55 -5.35
C LEU B 426 9.74 21.06 -5.06
N SER B 427 10.32 20.66 -3.95
CA SER B 427 10.31 19.28 -3.48
C SER B 427 8.91 18.89 -3.06
N LEU B 428 8.62 17.60 -3.06
CA LEU B 428 7.31 17.09 -2.64
C LEU B 428 7.22 17.21 -1.12
N LEU B 429 6.04 17.55 -0.60
CA LEU B 429 5.84 17.63 0.83
C LEU B 429 6.01 16.21 1.32
N GLN B 430 6.99 16.01 2.18
CA GLN B 430 7.28 14.70 2.72
C GLN B 430 6.34 14.39 3.90
N PRO B 431 6.09 13.10 4.17
CA PRO B 431 5.20 12.82 5.31
C PRO B 431 6.08 12.74 6.58
N ARG B 432 5.50 13.07 7.74
CA ARG B 432 6.24 12.99 9.01
C ARG B 432 5.86 11.70 9.71
N TYR B 433 6.85 11.00 10.28
CA TYR B 433 6.63 9.76 11.00
C TYR B 433 6.37 9.96 12.48
N TYR B 434 5.47 9.15 13.03
CA TYR B 434 5.11 9.24 14.44
C TYR B 434 4.95 7.84 15.03
N SER B 435 5.59 7.61 16.18
CA SER B 435 5.51 6.33 16.86
C SER B 435 4.09 6.16 17.35
N ILE B 436 3.45 5.08 16.97
CA ILE B 436 2.08 4.86 17.42
C ILE B 436 2.04 4.61 18.94
N SER B 437 1.24 5.43 19.62
CA SER B 437 1.15 5.35 21.07
C SER B 437 -0.05 4.60 21.61
N SER B 438 -0.55 3.62 20.85
CA SER B 438 -1.70 2.86 21.30
C SER B 438 -1.55 1.39 20.94
N SER B 439 -2.20 0.54 21.73
CA SER B 439 -2.16 -0.89 21.46
C SER B 439 -3.40 -1.12 20.61
N PRO B 440 -3.31 -1.95 19.58
CA PRO B 440 -4.51 -2.18 18.77
C PRO B 440 -5.51 -3.08 19.51
N ASP B 441 -5.02 -3.85 20.49
CA ASP B 441 -5.90 -4.72 21.25
C ASP B 441 -6.74 -3.88 22.21
N MET B 442 -6.12 -2.87 22.81
CA MET B 442 -6.82 -2.00 23.75
C MET B 442 -7.69 -0.94 23.06
N TYR B 443 -7.24 -0.42 21.93
CA TYR B 443 -8.01 0.60 21.19
C TYR B 443 -8.25 0.19 19.75
N PRO B 444 -9.19 -0.74 19.53
CA PRO B 444 -9.51 -1.24 18.19
C PRO B 444 -9.92 -0.08 17.28
N ASP B 445 -9.45 -0.13 16.03
CA ASP B 445 -9.80 0.90 15.05
C ASP B 445 -9.33 2.30 15.45
N GLU B 446 -8.29 2.35 16.26
CA GLU B 446 -7.76 3.63 16.70
C GLU B 446 -6.24 3.69 16.59
N VAL B 447 -5.74 4.90 16.39
CA VAL B 447 -4.31 5.15 16.32
C VAL B 447 -4.10 6.41 17.13
N HIS B 448 -3.25 6.33 18.15
CA HIS B 448 -2.95 7.47 19.02
C HIS B 448 -1.50 7.90 18.75
N LEU B 449 -1.23 9.20 18.84
CA LEU B 449 0.12 9.69 18.63
C LEU B 449 0.49 10.63 19.76
N THR B 450 1.77 10.70 20.07
CA THR B 450 2.31 11.59 21.12
C THR B 450 3.14 12.61 20.32
N VAL B 451 2.63 13.83 20.19
CA VAL B 451 3.29 14.83 19.35
C VAL B 451 3.83 16.10 19.97
N ALA B 452 5.14 16.28 19.87
CA ALA B 452 5.75 17.49 20.39
C ALA B 452 5.56 18.60 19.36
N ILE B 453 5.01 19.73 19.80
CA ILE B 453 4.76 20.87 18.94
C ILE B 453 6.04 21.69 18.71
N VAL B 454 6.67 21.49 17.55
CA VAL B 454 7.87 22.24 17.16
C VAL B 454 7.50 23.68 16.74
N SER B 455 8.31 24.65 17.19
CA SER B 455 8.12 26.07 17.02
C SER B 455 9.38 26.74 17.59
N TYR B 456 10.06 27.50 16.74
CA TYR B 456 11.27 28.19 17.15
C TYR B 456 11.39 29.53 16.44
N HIS B 457 12.28 30.38 16.94
CA HIS B 457 12.50 31.68 16.34
C HIS B 457 13.79 31.61 15.53
N THR B 458 13.77 32.14 14.31
CA THR B 458 14.96 32.12 13.47
C THR B 458 16.03 33.05 14.01
N ARG B 459 17.15 33.10 13.29
CA ARG B 459 18.26 33.96 13.65
C ARG B 459 18.56 33.88 15.13
N ASP B 460 18.73 32.66 15.62
CA ASP B 460 19.01 32.41 17.03
C ASP B 460 18.02 33.15 17.92
N GLY B 461 16.78 32.68 17.91
CA GLY B 461 15.73 33.27 18.73
C GLY B 461 15.46 34.76 18.57
N GLU B 462 16.08 35.40 17.58
CA GLU B 462 15.88 36.84 17.36
C GLU B 462 14.95 37.15 16.19
N GLY B 463 14.78 36.19 15.27
CA GLY B 463 13.92 36.41 14.13
C GLY B 463 12.47 35.99 14.34
N PRO B 464 11.67 35.91 13.26
CA PRO B 464 10.25 35.52 13.34
C PRO B 464 10.10 34.04 13.69
N VAL B 465 8.96 33.69 14.28
CA VAL B 465 8.71 32.31 14.66
C VAL B 465 8.43 31.44 13.44
N HIS B 466 8.97 30.24 13.45
CA HIS B 466 8.72 29.28 12.39
C HIS B 466 8.02 28.11 13.05
N HIS B 467 6.90 27.68 12.47
CA HIS B 467 6.16 26.55 13.03
C HIS B 467 6.45 25.24 12.32
N GLY B 468 6.53 24.16 13.09
CA GLY B 468 6.75 22.86 12.50
C GLY B 468 5.57 22.64 11.57
N VAL B 469 5.82 22.11 10.38
CA VAL B 469 4.75 21.90 9.43
C VAL B 469 3.70 20.89 9.91
N CYS B 470 4.10 19.65 10.11
CA CYS B 470 3.18 18.59 10.55
C CYS B 470 2.70 18.76 11.99
N SER B 471 3.64 19.04 12.91
CA SER B 471 3.27 19.20 14.31
C SER B 471 2.24 20.31 14.54
N SER B 472 2.40 21.43 13.85
CA SER B 472 1.46 22.54 14.00
C SER B 472 0.15 22.26 13.26
N TRP B 473 0.22 21.53 12.15
CA TRP B 473 -0.99 21.20 11.40
C TRP B 473 -1.84 20.25 12.25
N LEU B 474 -1.19 19.25 12.83
CA LEU B 474 -1.87 18.30 13.70
C LEU B 474 -2.40 19.05 14.92
N ASN B 475 -1.89 20.26 15.14
CA ASN B 475 -2.32 21.04 16.30
C ASN B 475 -3.43 22.01 16.03
N ARG B 476 -3.98 22.00 14.82
CA ARG B 476 -5.05 22.92 14.51
C ARG B 476 -6.14 22.31 13.63
N ILE B 477 -5.94 21.08 13.15
CA ILE B 477 -7.00 20.47 12.34
C ILE B 477 -8.23 20.24 13.23
N GLN B 478 -9.43 20.38 12.67
CA GLN B 478 -10.64 20.20 13.45
C GLN B 478 -11.15 18.76 13.40
N ALA B 479 -11.89 18.40 14.44
CA ALA B 479 -12.47 17.05 14.54
C ALA B 479 -13.07 16.63 13.21
N ASP B 480 -12.77 15.40 12.81
CA ASP B 480 -13.23 14.80 11.57
C ASP B 480 -12.53 15.29 10.29
N ASP B 481 -11.57 16.21 10.41
CA ASP B 481 -10.84 16.63 9.21
C ASP B 481 -10.10 15.38 8.78
N VAL B 482 -9.72 15.29 7.51
CA VAL B 482 -9.02 14.11 7.03
C VAL B 482 -7.55 14.09 7.37
N VAL B 483 -7.07 12.92 7.76
CA VAL B 483 -5.67 12.76 8.09
C VAL B 483 -5.06 11.68 7.21
N PRO B 484 -4.38 12.09 6.12
CA PRO B 484 -3.75 11.12 5.21
C PRO B 484 -2.55 10.56 5.96
N CYS B 485 -2.40 9.25 5.94
CA CYS B 485 -1.32 8.62 6.68
C CYS B 485 -1.31 7.19 6.26
N PHE B 486 -0.26 6.49 6.64
CA PHE B 486 -0.12 5.09 6.32
C PHE B 486 0.68 4.53 7.47
N VAL B 487 0.85 3.21 7.50
CA VAL B 487 1.61 2.59 8.55
C VAL B 487 2.87 2.01 7.99
N ARG B 488 3.96 2.18 8.71
CA ARG B 488 5.24 1.66 8.31
C ARG B 488 5.78 0.85 9.48
N GLY B 489 5.86 -0.46 9.31
CA GLY B 489 6.34 -1.32 10.39
C GLY B 489 7.77 -1.09 10.82
N ALA B 490 8.01 -1.35 12.11
CA ALA B 490 9.34 -1.24 12.70
C ALA B 490 9.56 -2.62 13.32
N PRO B 491 9.85 -3.62 12.47
CA PRO B 491 10.08 -4.99 12.94
C PRO B 491 11.21 -5.10 13.96
N SER B 492 12.08 -4.10 14.02
CA SER B 492 13.18 -4.18 14.98
C SER B 492 12.85 -3.43 16.27
N PHE B 493 11.62 -2.92 16.39
CA PHE B 493 11.22 -2.25 17.63
C PHE B 493 9.89 -2.81 18.13
N HIS B 494 9.74 -4.12 18.04
CA HIS B 494 8.55 -4.81 18.49
C HIS B 494 8.84 -5.54 19.81
N LEU B 495 7.80 -5.73 20.64
CA LEU B 495 7.94 -6.46 21.90
C LEU B 495 8.51 -7.84 21.56
N PRO B 496 9.24 -8.45 22.50
CA PRO B 496 9.81 -9.79 22.24
C PRO B 496 8.71 -10.82 22.03
N ARG B 497 9.02 -11.93 21.39
CA ARG B 497 7.99 -12.93 21.20
C ARG B 497 7.84 -13.63 22.54
N ASN B 498 8.96 -13.73 23.25
CA ASN B 498 9.00 -14.35 24.58
C ASN B 498 8.59 -13.26 25.55
N PRO B 499 7.41 -13.37 26.17
CA PRO B 499 7.03 -12.31 27.12
C PRO B 499 7.53 -12.56 28.55
N GLN B 500 8.40 -13.55 28.72
CA GLN B 500 8.93 -13.90 30.03
C GLN B 500 10.38 -13.43 30.24
N VAL B 501 10.78 -12.43 29.49
CA VAL B 501 12.13 -11.90 29.59
C VAL B 501 11.95 -10.44 29.96
N PRO B 502 12.90 -9.87 30.74
CA PRO B 502 12.76 -8.46 31.12
C PRO B 502 13.08 -7.47 29.99
N CYS B 503 12.37 -6.36 29.99
CA CYS B 503 12.56 -5.30 29.00
C CYS B 503 12.82 -3.99 29.70
N ILE B 504 13.85 -3.28 29.29
CA ILE B 504 14.16 -1.98 29.88
C ILE B 504 13.92 -0.87 28.83
N LEU B 505 12.83 -0.14 29.03
CA LEU B 505 12.40 0.95 28.15
C LEU B 505 12.98 2.33 28.50
N VAL B 506 13.95 2.80 27.70
CA VAL B 506 14.57 4.11 27.93
C VAL B 506 14.23 5.17 26.87
N GLY B 507 13.72 6.31 27.30
CA GLY B 507 13.38 7.35 26.36
C GLY B 507 12.75 8.59 26.97
N PRO B 508 13.37 9.77 26.78
CA PRO B 508 12.90 11.05 27.31
C PRO B 508 11.83 11.68 26.43
N GLY B 509 11.10 12.63 27.00
CA GLY B 509 10.06 13.31 26.25
C GLY B 509 9.27 12.39 25.35
N THR B 510 9.02 12.85 24.12
CA THR B 510 8.25 12.11 23.14
C THR B 510 8.83 10.74 22.83
N GLY B 511 10.07 10.52 23.24
CA GLY B 511 10.69 9.23 23.03
C GLY B 511 9.87 8.18 23.77
N ILE B 512 9.01 8.61 24.68
CA ILE B 512 8.19 7.67 25.41
C ILE B 512 7.11 7.05 24.50
N ALA B 513 6.70 7.82 23.49
CA ALA B 513 5.67 7.44 22.53
C ALA B 513 5.39 5.96 22.20
N PRO B 514 6.38 5.18 21.79
CA PRO B 514 6.08 3.78 21.48
C PRO B 514 5.88 2.91 22.71
N PHE B 515 6.44 3.36 23.83
CA PHE B 515 6.33 2.62 25.08
C PHE B 515 4.89 2.63 25.59
N ARG B 516 4.11 3.64 25.22
CA ARG B 516 2.71 3.69 25.64
C ARG B 516 1.93 2.60 24.93
N SER B 517 2.48 2.01 23.87
CA SER B 517 1.73 0.96 23.20
C SER B 517 2.28 -0.35 23.77
N PHE B 518 3.54 -0.33 24.16
CA PHE B 518 4.16 -1.47 24.78
C PHE B 518 3.41 -1.78 26.09
N TRP B 519 3.18 -0.76 26.92
CA TRP B 519 2.52 -0.95 28.20
C TRP B 519 1.00 -1.08 28.15
N GLN B 520 0.38 -0.69 27.04
CA GLN B 520 -1.06 -0.85 26.89
C GLN B 520 -1.24 -2.29 26.41
N GLN B 521 -0.26 -2.78 25.66
CA GLN B 521 -0.35 -4.14 25.16
C GLN B 521 -0.20 -5.06 26.36
N ARG B 522 0.94 -4.96 27.05
CA ARG B 522 1.19 -5.76 28.23
C ARG B 522 0.03 -5.71 29.22
N GLN B 523 -0.57 -4.53 29.40
CA GLN B 523 -1.69 -4.38 30.30
C GLN B 523 -2.89 -5.18 29.80
N PHE B 524 -2.97 -5.31 28.48
CA PHE B 524 -4.04 -6.06 27.85
C PHE B 524 -3.80 -7.56 27.90
N ASP B 525 -2.54 -7.97 27.76
CA ASP B 525 -2.21 -9.40 27.82
C ASP B 525 -2.50 -9.91 29.25
N ILE B 526 -2.36 -9.00 30.21
CA ILE B 526 -2.59 -9.28 31.62
C ILE B 526 -4.09 -9.30 31.92
N GLN B 527 -4.76 -8.17 31.76
CA GLN B 527 -6.17 -8.08 32.06
C GLN B 527 -7.12 -8.86 31.18
N HIS B 528 -6.68 -9.30 30.00
CA HIS B 528 -7.60 -10.00 29.10
C HIS B 528 -7.16 -11.32 28.50
N LYS B 529 -5.87 -11.45 28.21
CA LYS B 529 -5.37 -12.68 27.61
C LYS B 529 -4.88 -13.63 28.70
N GLY B 530 -4.96 -13.17 29.94
CA GLY B 530 -4.54 -13.98 31.06
C GLY B 530 -3.10 -14.48 31.06
N MET B 531 -2.14 -13.62 30.72
CA MET B 531 -0.76 -14.06 30.76
C MET B 531 -0.01 -13.29 31.84
N ASN B 532 1.19 -13.74 32.18
CA ASN B 532 1.94 -13.04 33.22
C ASN B 532 3.32 -12.78 32.71
N PRO B 533 3.50 -11.65 32.01
CA PRO B 533 4.83 -11.35 31.48
C PRO B 533 5.77 -10.73 32.50
N CYS B 534 7.04 -11.04 32.32
CA CYS B 534 8.10 -10.52 33.16
C CYS B 534 7.93 -8.99 33.16
N PRO B 535 7.69 -8.37 34.34
CA PRO B 535 7.51 -6.92 34.44
C PRO B 535 8.62 -6.11 33.75
N MET B 536 8.30 -4.88 33.36
CA MET B 536 9.27 -4.03 32.66
C MET B 536 9.79 -2.86 33.50
N VAL B 537 10.81 -2.19 32.99
CA VAL B 537 11.36 -1.02 33.67
C VAL B 537 11.30 0.19 32.74
N LEU B 538 10.70 1.27 33.23
CA LEU B 538 10.59 2.48 32.43
C LEU B 538 11.57 3.54 32.92
N VAL B 539 12.47 3.94 32.03
CA VAL B 539 13.46 4.96 32.32
C VAL B 539 13.10 6.15 31.45
N PHE B 540 12.33 7.07 32.02
CA PHE B 540 11.85 8.26 31.34
C PHE B 540 12.70 9.49 31.69
N GLY B 541 12.42 10.60 31.02
CA GLY B 541 13.16 11.81 31.27
C GLY B 541 12.37 13.00 30.76
N CYS B 542 12.32 14.06 31.55
CA CYS B 542 11.61 15.28 31.19
C CYS B 542 12.21 16.46 31.94
N ARG B 543 11.66 17.65 31.75
CA ARG B 543 12.20 18.85 32.38
C ARG B 543 11.84 19.11 33.85
N GLN B 544 10.55 19.18 34.16
CA GLN B 544 10.11 19.48 35.52
C GLN B 544 8.91 18.61 35.86
N SER B 545 9.06 17.73 36.86
CA SER B 545 8.00 16.81 37.26
C SER B 545 6.58 17.36 37.22
N LYS B 546 6.45 18.65 37.45
CA LYS B 546 5.14 19.30 37.46
C LYS B 546 4.72 19.88 36.10
N ILE B 547 5.61 19.78 35.12
CA ILE B 547 5.33 20.33 33.79
C ILE B 547 5.40 19.28 32.67
N ASP B 548 6.59 18.70 32.49
CA ASP B 548 6.90 17.72 31.44
C ASP B 548 6.60 16.23 31.64
N HIS B 549 6.02 15.85 32.77
CA HIS B 549 5.77 14.43 33.01
C HIS B 549 4.52 13.87 32.33
N ILE B 550 4.54 13.84 31.00
CA ILE B 550 3.42 13.34 30.22
C ILE B 550 3.13 11.87 30.52
N TYR B 551 1.84 11.54 30.63
CA TYR B 551 1.41 10.17 30.93
C TYR B 551 1.91 9.68 32.31
N ARG B 552 2.07 10.58 33.28
CA ARG B 552 2.55 10.14 34.59
C ARG B 552 1.57 9.21 35.27
N GLU B 553 0.31 9.62 35.34
CA GLU B 553 -0.71 8.79 35.97
C GLU B 553 -0.85 7.45 35.26
N GLU B 554 -0.67 7.45 33.94
CA GLU B 554 -0.78 6.23 33.14
C GLU B 554 0.34 5.21 33.36
N THR B 555 1.58 5.67 33.47
CA THR B 555 2.67 4.73 33.72
C THR B 555 2.49 4.27 35.15
N LEU B 556 2.07 5.20 35.99
CA LEU B 556 1.82 4.92 37.40
C LEU B 556 0.86 3.74 37.48
N GLN B 557 -0.29 3.88 36.83
CA GLN B 557 -1.29 2.82 36.83
C GLN B 557 -0.74 1.50 36.28
N ALA B 558 0.01 1.56 35.18
CA ALA B 558 0.60 0.38 34.56
C ALA B 558 1.49 -0.40 35.53
N LYS B 559 1.98 0.29 36.56
CA LYS B 559 2.82 -0.34 37.58
C LYS B 559 1.88 -1.11 38.52
N ASN B 560 0.83 -0.45 38.98
CA ASN B 560 -0.14 -1.06 39.87
C ASN B 560 -0.79 -2.31 39.30
N LYS B 561 -0.65 -2.52 37.98
CA LYS B 561 -1.24 -3.68 37.36
C LYS B 561 -0.22 -4.74 37.00
N GLY B 562 1.02 -4.50 37.39
CA GLY B 562 2.06 -5.48 37.11
C GLY B 562 2.78 -5.33 35.78
N VAL B 563 2.45 -4.30 35.01
CA VAL B 563 3.13 -4.13 33.74
C VAL B 563 4.56 -3.68 34.02
N PHE B 564 4.67 -2.68 34.88
CA PHE B 564 5.98 -2.17 35.24
C PHE B 564 6.40 -2.60 36.63
N ARG B 565 7.66 -3.01 36.73
CA ARG B 565 8.29 -3.43 37.97
C ARG B 565 8.62 -2.15 38.73
N GLU B 566 9.26 -1.22 38.02
CA GLU B 566 9.67 0.07 38.60
C GLU B 566 9.70 1.17 37.54
N LEU B 567 9.45 2.41 37.96
CA LEU B 567 9.44 3.58 37.08
C LEU B 567 10.54 4.57 37.51
N TYR B 568 11.50 4.80 36.62
CA TYR B 568 12.59 5.72 36.91
C TYR B 568 12.53 6.98 36.06
N THR B 569 12.46 8.14 36.71
CA THR B 569 12.40 9.40 35.98
C THR B 569 13.63 10.27 36.22
N ALA B 570 14.05 10.97 35.18
CA ALA B 570 15.18 11.87 35.24
C ALA B 570 14.64 13.24 34.89
N TYR B 571 15.01 14.25 35.66
CA TYR B 571 14.57 15.61 35.39
C TYR B 571 15.79 16.44 35.05
N SER B 572 15.64 17.35 34.09
CA SER B 572 16.77 18.17 33.67
C SER B 572 16.64 19.64 34.04
N ARG B 573 15.43 20.09 34.37
CA ARG B 573 15.28 21.49 34.72
C ARG B 573 14.53 21.74 36.00
N GLU B 574 14.62 20.78 36.93
CA GLU B 574 13.97 20.95 38.22
C GLU B 574 14.83 21.97 38.92
N PRO B 575 14.29 23.16 39.15
CA PRO B 575 15.16 24.14 39.81
C PRO B 575 15.81 23.66 41.19
N ASP B 576 15.34 22.54 41.77
CA ASP B 576 15.93 21.98 43.02
C ASP B 576 17.18 21.20 42.61
N ARG B 577 17.00 19.89 42.47
CA ARG B 577 18.04 18.94 42.08
C ARG B 577 18.80 19.21 40.77
N PRO B 578 19.94 18.52 40.56
CA PRO B 578 20.78 18.67 39.36
C PRO B 578 20.14 18.22 38.06
N LYS B 579 20.84 18.47 36.96
CA LYS B 579 20.38 18.09 35.63
C LYS B 579 20.69 16.63 35.34
N LYS B 580 19.71 15.77 35.64
CA LYS B 580 19.90 14.35 35.41
C LYS B 580 19.24 13.87 34.11
N TYR B 581 20.01 13.19 33.28
CA TYR B 581 19.54 12.64 32.01
C TYR B 581 19.23 11.15 32.23
N VAL B 582 18.62 10.51 31.24
CA VAL B 582 18.31 9.08 31.37
C VAL B 582 19.58 8.25 31.42
N GLN B 583 20.66 8.72 30.83
CA GLN B 583 21.92 7.97 30.87
C GLN B 583 22.40 7.97 32.32
N ASP B 584 22.03 9.01 33.06
CA ASP B 584 22.43 9.11 34.45
C ASP B 584 21.57 8.25 35.39
N VAL B 585 20.38 7.87 34.96
CA VAL B 585 19.55 7.00 35.79
C VAL B 585 20.01 5.56 35.59
N LEU B 586 20.46 5.23 34.38
CA LEU B 586 20.91 3.86 34.10
C LEU B 586 22.04 3.47 35.03
N GLN B 587 23.08 4.32 35.05
CA GLN B 587 24.26 4.06 35.88
C GLN B 587 24.03 4.29 37.36
N GLU B 588 23.52 5.47 37.70
CA GLU B 588 23.27 5.87 39.08
C GLU B 588 22.09 5.20 39.78
N GLN B 589 21.42 4.25 39.13
CA GLN B 589 20.26 3.60 39.77
C GLN B 589 19.92 2.19 39.32
N LEU B 590 20.36 1.77 38.13
CA LEU B 590 20.03 0.44 37.63
C LEU B 590 21.19 -0.28 36.94
N ALA B 591 22.40 0.19 37.13
CA ALA B 591 23.57 -0.43 36.50
C ALA B 591 23.60 -1.95 36.66
N GLU B 592 23.03 -2.45 37.77
CA GLU B 592 23.01 -3.88 38.03
C GLU B 592 21.84 -4.61 37.36
N SER B 593 20.65 -4.03 37.43
CA SER B 593 19.48 -4.63 36.81
C SER B 593 19.69 -4.76 35.30
N VAL B 594 20.41 -3.79 34.74
CA VAL B 594 20.70 -3.78 33.31
C VAL B 594 21.73 -4.84 32.93
N TYR B 595 22.78 -4.97 33.73
CA TYR B 595 23.82 -5.96 33.45
C TYR B 595 23.29 -7.39 33.50
N ARG B 596 22.47 -7.69 34.52
CA ARG B 596 21.91 -9.02 34.70
C ARG B 596 20.94 -9.37 33.58
N ALA B 597 20.20 -8.37 33.11
CA ALA B 597 19.23 -8.55 32.04
C ALA B 597 19.92 -8.85 30.72
N LEU B 598 20.78 -7.95 30.26
CA LEU B 598 21.48 -8.15 28.99
C LEU B 598 22.52 -9.26 29.00
N LYS B 599 22.84 -9.77 30.19
CA LYS B 599 23.87 -10.81 30.28
C LYS B 599 23.36 -12.16 30.76
N GLU B 600 22.46 -12.15 31.75
CA GLU B 600 22.00 -13.41 32.30
C GLU B 600 20.52 -13.72 32.13
N GLN B 601 19.66 -12.73 32.30
CA GLN B 601 18.22 -12.93 32.16
C GLN B 601 17.70 -12.95 30.73
N GLY B 602 18.60 -12.80 29.75
CA GLY B 602 18.20 -12.80 28.34
C GLY B 602 17.28 -11.62 28.01
N GLY B 603 17.55 -10.49 28.66
CA GLY B 603 16.73 -9.30 28.50
C GLY B 603 16.83 -8.47 27.25
N HIS B 604 15.95 -7.46 27.22
CA HIS B 604 15.86 -6.54 26.12
C HIS B 604 15.84 -5.10 26.62
N ILE B 605 16.54 -4.25 25.90
CA ILE B 605 16.59 -2.83 26.22
C ILE B 605 16.20 -2.06 24.95
N TYR B 606 15.20 -1.20 25.10
CA TYR B 606 14.68 -0.40 24.02
C TYR B 606 15.01 1.08 24.25
N VAL B 607 15.65 1.70 23.26
CA VAL B 607 16.02 3.10 23.34
C VAL B 607 15.25 3.85 22.25
N CYS B 608 14.55 4.93 22.62
CA CYS B 608 13.77 5.69 21.65
C CYS B 608 13.86 7.21 21.84
N GLY B 609 14.10 7.91 20.72
CA GLY B 609 14.18 9.36 20.76
C GLY B 609 15.33 9.96 19.98
N ASP B 610 15.75 11.16 20.39
CA ASP B 610 16.85 11.90 19.77
C ASP B 610 18.09 11.02 19.65
N VAL B 611 18.77 11.14 18.51
CA VAL B 611 19.96 10.36 18.22
C VAL B 611 21.11 10.61 19.21
N THR B 612 21.23 11.86 19.70
CA THR B 612 22.26 12.21 20.65
C THR B 612 22.05 11.38 21.92
N MET B 613 20.84 11.48 22.48
CA MET B 613 20.47 10.73 23.67
C MET B 613 20.74 9.24 23.49
N ALA B 614 20.22 8.67 22.41
CA ALA B 614 20.41 7.26 22.14
C ALA B 614 21.88 6.89 22.13
N ALA B 615 22.73 7.81 21.72
CA ALA B 615 24.17 7.54 21.65
C ALA B 615 24.80 7.63 23.04
N ASP B 616 24.39 8.62 23.82
CA ASP B 616 24.91 8.79 25.16
C ASP B 616 24.52 7.55 25.97
N VAL B 617 23.36 6.98 25.65
CA VAL B 617 22.86 5.77 26.31
C VAL B 617 23.66 4.53 25.92
N LEU B 618 24.01 4.42 24.65
CA LEU B 618 24.79 3.27 24.20
C LEU B 618 26.13 3.30 24.92
N LYS B 619 26.81 4.43 24.82
CA LYS B 619 28.10 4.60 25.45
C LYS B 619 27.98 4.40 26.96
N ALA B 620 26.81 4.62 27.54
CA ALA B 620 26.63 4.44 28.98
C ALA B 620 26.55 2.96 29.31
N ILE B 621 25.62 2.27 28.67
CA ILE B 621 25.43 0.84 28.88
C ILE B 621 26.72 0.07 28.62
N GLN B 622 27.44 0.46 27.57
CA GLN B 622 28.71 -0.20 27.23
C GLN B 622 29.65 -0.15 28.42
N ARG B 623 29.57 0.93 29.21
CA ARG B 623 30.41 1.05 30.39
C ARG B 623 29.84 0.26 31.53
N ILE B 624 28.52 0.29 31.68
CA ILE B 624 27.90 -0.47 32.75
C ILE B 624 28.31 -1.92 32.56
N MET B 625 28.76 -2.24 31.34
CA MET B 625 29.19 -3.60 31.02
C MET B 625 30.63 -3.76 31.50
N THR B 626 31.43 -2.72 31.31
CA THR B 626 32.82 -2.74 31.75
C THR B 626 32.82 -2.87 33.27
N GLN B 627 32.51 -1.77 33.92
CA GLN B 627 32.48 -1.69 35.38
C GLN B 627 31.88 -2.91 36.09
N GLN B 628 30.57 -3.08 35.96
CA GLN B 628 29.86 -4.16 36.63
C GLN B 628 30.23 -5.61 36.26
N GLY B 629 30.68 -5.85 35.03
CA GLY B 629 31.02 -7.21 34.63
C GLY B 629 32.47 -7.51 34.32
N LYS B 630 33.27 -6.45 34.20
CA LYS B 630 34.70 -6.56 33.90
C LYS B 630 35.12 -7.09 32.55
N LEU B 631 35.01 -6.22 31.55
CA LEU B 631 35.40 -6.52 30.18
C LEU B 631 35.85 -5.19 29.61
N SER B 632 36.78 -5.20 28.66
CA SER B 632 37.28 -3.95 28.09
C SER B 632 36.38 -3.32 27.03
N GLU B 633 36.66 -2.06 26.71
CA GLU B 633 35.87 -1.32 25.73
C GLU B 633 35.75 -1.93 24.35
N GLU B 634 36.32 -3.11 24.14
CA GLU B 634 36.23 -3.77 22.84
C GLU B 634 35.49 -5.08 23.03
N ASP B 635 35.43 -5.52 24.28
CA ASP B 635 34.78 -6.77 24.64
C ASP B 635 33.36 -6.54 25.12
N ALA B 636 33.06 -5.30 25.49
CA ALA B 636 31.73 -4.94 25.96
C ALA B 636 31.06 -4.20 24.80
N GLY B 637 31.86 -3.47 24.05
CA GLY B 637 31.35 -2.74 22.92
C GLY B 637 30.88 -3.66 21.82
N VAL B 638 31.59 -4.76 21.63
CA VAL B 638 31.23 -5.73 20.59
C VAL B 638 30.16 -6.71 21.10
N PHE B 639 29.94 -6.71 22.42
CA PHE B 639 28.93 -7.57 23.02
C PHE B 639 27.59 -6.89 22.77
N ILE B 640 27.62 -5.57 22.66
CA ILE B 640 26.40 -4.80 22.39
C ILE B 640 26.14 -4.92 20.90
N SER B 641 27.19 -5.25 20.17
CA SER B 641 27.10 -5.44 18.73
C SER B 641 26.32 -6.73 18.51
N ARG B 642 26.58 -7.70 19.38
CA ARG B 642 25.93 -9.00 19.33
C ARG B 642 24.49 -8.86 19.81
N LEU B 643 24.24 -7.83 20.61
CA LEU B 643 22.90 -7.61 21.12
C LEU B 643 22.04 -7.04 20.00
N ARG B 644 22.57 -6.01 19.33
CA ARG B 644 21.85 -5.35 18.26
C ARG B 644 21.59 -6.25 17.06
N ASP B 645 22.36 -7.33 16.92
CA ASP B 645 22.14 -8.24 15.81
C ASP B 645 21.34 -9.45 16.28
N ASP B 646 21.30 -9.66 17.60
CA ASP B 646 20.52 -10.74 18.16
C ASP B 646 19.12 -10.17 18.34
N ASN B 647 19.01 -8.87 18.10
CA ASN B 647 17.77 -8.13 18.19
C ASN B 647 17.23 -8.03 19.62
N ARG B 648 18.13 -7.79 20.56
CA ARG B 648 17.72 -7.65 21.94
C ARG B 648 17.98 -6.22 22.42
N TYR B 649 18.74 -5.47 21.62
CA TYR B 649 19.02 -4.06 21.94
C TYR B 649 18.40 -3.25 20.80
N HIS B 650 17.23 -2.68 21.08
CA HIS B 650 16.46 -1.92 20.10
C HIS B 650 16.59 -0.39 20.12
N GLU B 651 16.77 0.21 18.95
CA GLU B 651 16.90 1.66 18.84
C GLU B 651 15.90 2.26 17.83
N ASP B 652 15.28 3.36 18.20
CA ASP B 652 14.34 4.04 17.32
C ASP B 652 14.61 5.54 17.37
N ILE B 653 15.42 5.97 16.39
CA ILE B 653 15.87 7.34 16.19
C ILE B 653 14.86 8.25 15.49
N PHE B 654 14.56 9.39 16.11
CA PHE B 654 13.64 10.39 15.57
C PHE B 654 14.39 11.44 14.76
N GLY B 655 15.71 11.41 14.86
CA GLY B 655 16.52 12.38 14.17
C GLY B 655 17.09 13.26 15.25
N VAL B 656 17.38 14.51 14.94
CA VAL B 656 17.92 15.41 15.95
C VAL B 656 16.80 16.30 16.43
N THR B 657 16.18 15.85 17.50
CA THR B 657 15.07 16.56 18.05
C THR B 657 15.42 17.31 19.32
N LEU B 658 16.50 17.01 20.03
CA LEU B 658 16.73 17.78 21.26
C LEU B 658 17.92 18.72 21.14
N ARG B 659 17.87 19.85 21.86
CA ARG B 659 18.99 20.81 21.84
C ARG B 659 19.44 21.00 20.40
N THR B 660 18.46 21.13 19.51
CA THR B 660 18.72 21.29 18.09
C THR B 660 19.73 22.37 17.79
N TYR B 661 19.44 23.58 18.27
CA TYR B 661 20.33 24.70 18.03
C TYR B 661 21.72 24.45 18.59
N GLU B 662 21.78 24.19 19.89
CA GLU B 662 23.05 23.94 20.56
C GLU B 662 23.84 22.80 19.90
N VAL B 663 23.20 21.65 19.77
CA VAL B 663 23.80 20.45 19.19
C VAL B 663 24.28 20.59 17.75
N THR B 664 23.40 21.01 16.86
CA THR B 664 23.72 21.15 15.45
C THR B 664 24.76 22.24 15.16
N ASN B 665 24.94 23.16 16.10
CA ASN B 665 25.92 24.23 15.93
C ASN B 665 27.30 23.66 16.22
N ARG B 666 27.47 23.16 17.45
CA ARG B 666 28.75 22.57 17.85
C ARG B 666 29.23 21.64 16.75
N LEU B 667 28.29 20.97 16.09
CA LEU B 667 28.59 20.03 15.02
C LEU B 667 29.00 20.74 13.73
N ARG B 668 28.50 21.94 13.53
CA ARG B 668 28.90 22.70 12.36
C ARG B 668 30.33 23.13 12.71
N SER B 669 30.52 23.46 13.98
CA SER B 669 31.82 23.89 14.48
C SER B 669 32.80 22.71 14.56
N GLU B 670 32.26 21.50 14.65
CA GLU B 670 33.06 20.28 14.75
C GLU B 670 33.92 20.03 13.51
N SER B 671 33.27 20.03 12.36
CA SER B 671 33.89 19.77 11.08
C SER B 671 34.58 20.98 10.44
N ILE B 672 34.06 22.16 10.74
CA ILE B 672 34.59 23.41 10.19
C ILE B 672 35.81 23.94 10.95
S SO3 C . -14.09 -26.01 -32.28
O1 SO3 C . -13.32 -27.15 -32.98
O2 SO3 C . -15.49 -26.51 -32.33
O3 SO3 C . -13.64 -25.89 -30.88
N1 FMN D . -22.22 -10.88 -6.45
C2 FMN D . -23.34 -10.52 -5.81
O2 FMN D . -24.45 -10.16 -6.26
N3 FMN D . -23.25 -10.56 -4.34
C4 FMN D . -22.05 -10.99 -3.57
O4 FMN D . -22.24 -10.95 -2.33
C4A FMN D . -20.98 -11.35 -4.28
N5 FMN D . -19.88 -11.77 -3.68
C5A FMN D . -18.67 -12.25 -4.42
C6 FMN D . -17.49 -12.79 -3.76
C7 FMN D . -16.34 -13.29 -4.57
C7M FMN D . -15.32 -13.80 -3.65
C8 FMN D . -16.36 -13.24 -6.10
C8M FMN D . -15.23 -13.76 -6.95
C9 FMN D . -17.48 -12.72 -6.72
C9A FMN D . -18.73 -12.19 -5.93
N10 FMN D . -19.90 -11.69 -6.66
C10 FMN D . -21.06 -11.29 -5.86
C1' FMN D . -19.99 -11.62 -8.08
C2' FMN D . -19.40 -10.30 -8.59
O2' FMN D . -20.12 -9.30 -8.04
C3' FMN D . -19.53 -10.38 -10.01
O3' FMN D . -18.66 -11.52 -10.51
C4' FMN D . -19.08 -9.19 -10.83
O4' FMN D . -19.31 -9.51 -12.17
C5' FMN D . -17.57 -8.79 -10.69
O5' FMN D . -17.59 -7.46 -11.11
P FMN D . -16.28 -6.62 -11.10
O1P FMN D . -16.61 -5.33 -11.57
O2P FMN D . -15.78 -6.43 -9.68
O3P FMN D . -15.43 -7.27 -12.10
PA FAD E . -9.13 -19.48 -12.48
O1A FAD E . -8.50 -19.84 -13.66
O2A FAD E . -9.42 -18.25 -12.36
O5B FAD E . -10.45 -20.37 -12.76
C5B FAD E . -11.63 -20.55 -11.96
C4B FAD E . -12.94 -20.35 -12.94
O4B FAD E . -13.07 -21.72 -13.48
C3B FAD E . -14.17 -20.26 -12.34
O3B FAD E . -14.50 -18.99 -12.13
C2B FAD E . -15.11 -21.00 -13.20
O2B FAD E . -15.77 -20.16 -14.12
C1B FAD E . -14.45 -21.90 -13.88
N9A FAD E . -14.00 -23.45 -13.54
C8A FAD E . -13.71 -24.23 -12.27
N7A FAD E . -14.16 -25.32 -12.12
C5A FAD E . -14.86 -25.54 -13.18
C6A FAD E . -15.70 -26.80 -13.58
N6A FAD E . -15.79 -27.93 -12.72
N1A FAD E . -16.34 -26.81 -14.73
C2A FAD E . -16.33 -25.66 -15.77
N3A FAD E . -15.57 -24.41 -15.51
C4A FAD E . -14.85 -24.45 -14.15
N1 FAD E . -8.58 -21.02 -2.81
C2 FAD E . -7.77 -21.92 -2.19
O2 FAD E . -7.43 -22.92 -2.65
N3 FAD E . -7.34 -21.61 -0.94
C4 FAD E . -7.70 -20.39 -0.28
O4 FAD E . -7.29 -20.22 0.74
C4X FAD E . -8.55 -19.49 -0.94
N5 FAD E . -8.86 -18.31 -0.23
C5X FAD E . -9.68 -17.37 -0.82
C6 FAD E . -9.98 -16.24 -0.13
C7 FAD E . -10.75 -15.26 -0.66
C7M FAD E . -10.98 -14.11 0.24
C8 FAD E . -11.33 -15.39 -2.15
C8M FAD E . -12.11 -14.40 -2.76
C9 FAD E . -11.10 -16.49 -2.93
C9A FAD E . -10.25 -17.54 -2.31
N10 FAD E . -9.83 -18.80 -2.88
C10 FAD E . -8.98 -19.80 -2.21
C1' FAD E . -10.27 -19.17 -4.35
C2' FAD E . -8.95 -18.69 -5.24
O2' FAD E . -8.57 -17.43 -5.07
C3' FAD E . -8.98 -18.97 -6.85
O3' FAD E . -10.37 -18.56 -7.20
C4' FAD E . -8.83 -20.32 -7.21
O4' FAD E . -7.42 -20.90 -6.77
C5' FAD E . -8.93 -20.55 -8.70
O5' FAD E . -8.14 -19.74 -9.26
P FAD E . -7.30 -20.27 -10.55
O1P FAD E . -6.74 -19.04 -10.59
O2P FAD E . -6.64 -21.34 -10.39
O3P FAD E . -8.51 -20.62 -11.81
PA NAP F . -14.14 -30.29 -2.34
O1A NAP F . -13.41 -31.57 -2.23
O2A NAP F . -14.66 -29.86 -3.67
O5B NAP F . -15.38 -30.36 -1.33
C5B NAP F . -15.30 -29.77 -0.01
C4B NAP F . -16.14 -30.75 0.79
O4B NAP F . -17.29 -29.93 1.11
C3B NAP F . -16.72 -32.00 0.07
O3B NAP F . -16.87 -33.14 0.92
C2B NAP F . -18.06 -31.54 -0.44
O2B NAP F . -18.98 -32.64 -0.69
C1B NAP F . -18.49 -30.60 0.64
N9A NAP F . -19.59 -29.72 0.19
C8A NAP F . -19.93 -29.57 -1.11
N7A NAP F . -20.95 -28.72 -1.24
C5A NAP F . -21.23 -28.37 0.01
C6A NAP F . -22.25 -27.48 0.36
N6A NAP F . -23.02 -26.94 -0.59
N1A NAP F . -22.39 -27.25 1.72
C2A NAP F . -21.57 -27.83 2.61
N3A NAP F . -20.61 -28.66 2.21
C4A NAP F . -20.39 -28.95 0.92
O3 NAP F . -13.25 -29.04 -1.79
PN NAP F . -11.88 -28.23 -2.06
O1N NAP F . -10.77 -28.98 -1.49
O2N NAP F . -12.14 -26.88 -1.48
O5D NAP F . -11.69 -28.37 -3.63
C5D NAP F . -11.50 -27.22 -4.46
C4D NAP F . -12.65 -27.06 -5.44
O4D NAP F . -12.17 -26.79 -6.81
C3D NAP F . -13.37 -28.36 -5.47
O3D NAP F . -14.25 -28.54 -4.38
C2D NAP F . -14.00 -28.40 -6.79
O2D NAP F . -15.29 -27.80 -6.80
C1D NAP F . -13.03 -27.66 -7.59
N1N NAP F . -12.26 -28.49 -8.50
C2N NAP F . -12.96 -29.46 -9.30
C3N NAP F . -12.21 -30.22 -10.21
C7N NAP F . -12.93 -31.27 -11.07
O7N NAP F . -12.23 -31.94 -11.84
N7N NAP F . -14.27 -31.39 -11.00
C4N NAP F . -10.79 -30.11 -10.21
C5N NAP F . -10.10 -29.18 -9.42
C6N NAP F . -10.82 -28.40 -8.53
P2B NAP F . -19.10 -33.42 -2.17
O1X NAP F . -18.74 -34.88 -1.92
O2X NAP F . -20.52 -33.20 -2.51
O3X NAP F . -18.12 -32.84 -3.16
S SO3 G . -6.02 23.74 8.46
O1 SO3 G . -6.84 22.91 7.44
O2 SO3 G . -4.90 24.25 7.62
O3 SO3 G . -6.84 24.86 8.95
N1 FMN H . 22.84 10.22 8.18
C2 FMN H . 23.93 9.44 8.35
O2 FMN H . 25.07 9.55 7.86
N3 FMN H . 23.74 8.28 9.27
C4 FMN H . 22.44 7.97 9.98
O4 FMN H . 22.51 6.94 10.71
C4A FMN H . 21.40 8.79 9.75
N5 FMN H . 20.23 8.58 10.32
C5A FMN H . 19.04 9.45 10.12
C6 FMN H . 17.76 9.21 10.77
C7 FMN H . 16.61 10.14 10.54
C7M FMN H . 15.47 9.65 11.33
C8 FMN H . 16.73 11.35 9.62
C8M FMN H . 15.59 12.29 9.38
C9 FMN H . 17.96 11.58 8.98
C9A FMN H . 19.21 10.66 9.17
N10 FMN H . 20.49 10.96 8.48
C10 FMN H . 21.61 10.05 8.75
C1' FMN H . 20.69 12.07 7.60
C2' FMN H . 20.32 11.74 6.15
O2' FMN H . 21.11 10.73 5.74
C3' FMN H . 20.53 12.94 5.43
O3' FMN H . 19.60 14.02 5.96
C4' FMN H . 20.27 12.90 3.92
O4' FMN H . 20.52 14.21 3.43
C5' FMN H . 18.82 12.51 3.50
O5' FMN H . 18.97 12.21 2.16
P FMN H . 17.74 11.76 1.32
O1P FMN H . 18.21 11.56 0.00
O2P FMN H . 17.21 10.42 1.83
O3P FMN H . 16.87 12.92 1.26
PA FAD I . 9.49 20.33 10.34
O1A FAD I . 8.87 21.43 9.81
O2A FAD I . 9.95 19.48 9.50
O5B FAD I . 10.66 21.22 11.00
C5B FAD I . 11.78 20.82 11.78
C4B FAD I . 13.13 21.42 11.12
O4B FAD I . 13.27 22.64 11.94
C3B FAD I . 14.29 20.77 11.46
O3B FAD I . 14.66 19.92 10.50
C2B FAD I . 15.31 21.80 11.78
O2B FAD I . 16.14 22.10 10.68
C1B FAD I . 14.70 22.92 12.11
N9A FAD I . 14.07 23.51 13.51
C8A FAD I . 13.41 22.94 14.75
N7A FAD I . 13.71 23.35 15.81
C5A FAD I . 14.61 24.25 15.60
C6A FAD I . 15.38 25.15 16.62
N6A FAD I . 15.12 25.06 18.04
N1A FAD I . 16.31 26.03 16.18
C2A FAD I . 16.68 26.24 14.69
N3A FAD I . 16.01 25.43 13.62
C4A FAD I . 14.95 24.44 14.21
N1 FAD I . 7.93 13.42 16.90
C2 FAD I . 6.95 13.44 17.90
O2 FAD I . 6.52 14.43 18.44
N3 FAD I . 6.40 12.22 18.29
C4 FAD I . 6.83 10.99 17.72
O4 FAD I . 6.31 10.05 18.11
C4X FAD I . 7.84 11.01 16.70
N5 FAD I . 8.19 9.76 16.18
C5X FAD I . 9.15 9.68 15.15
C6 FAD I . 9.48 8.45 14.62
C7 FAD I . 10.40 8.32 13.60
C7M FAD I . 10.64 6.92 13.15
C8 FAD I . 11.10 9.60 12.99
C8M FAD I . 12.04 9.53 11.92
C9 FAD I . 10.84 10.85 13.43
C9A FAD I . 9.86 10.96 14.55
N10 FAD I . 9.40 12.15 15.19
C10 FAD I . 8.37 12.22 16.30
C1' FAD I . 9.95 13.54 14.71
C2' FAD I . 8.72 14.00 13.66
O2' FAD I . 8.41 13.15 12.70
C3' FAD I . 8.82 15.46 12.98
O3' FAD I . 10.28 15.49 12.55
C4' FAD I . 8.57 16.47 13.90
O4' FAD I . 7.10 16.35 14.42
C5' FAD I . 8.68 17.85 13.30
O5' FAD I . 8.06 17.90 12.17
P FAD I . 7.38 19.27 11.76
O1P FAD I . 6.99 18.64 10.63
O2P FAD I . 6.55 19.79 12.58
O3P FAD I . 8.68 20.44 11.55
PA NAP J . 12.35 17.86 25.34
O1A NAP J . 11.59 18.72 26.20
O2A NAP J . 13.03 18.51 24.12
O5B NAP J . 13.51 17.12 26.27
C5B NAP J . 13.42 15.70 26.46
C4B NAP J . 14.18 15.54 27.82
O4B NAP J . 15.39 14.81 27.46
C3B NAP J . 14.70 16.80 28.55
O3B NAP J . 14.65 16.63 29.98
C2B NAP J . 16.14 16.93 28.07
O2B NAP J . 16.96 17.67 28.99
C1B NAP J . 16.57 15.51 27.90
N9A NAP J . 17.77 15.40 27.00
C8A NAP J . 18.19 16.40 26.18
N7A NAP J . 19.27 16.04 25.50
C5A NAP J . 19.51 14.81 25.92
C6A NAP J . 20.57 14.00 25.47
N6A NAP J . 21.41 14.50 24.56
N1A NAP J . 20.66 12.73 26.03
C2A NAP J . 19.76 12.31 26.95
N3A NAP J . 18.76 13.12 27.34
C4A NAP J . 18.59 14.37 26.85
O3 NAP J . 11.50 16.75 24.67
PN NAP J . 10.23 16.55 23.70
O1N NAP J . 8.96 16.42 24.52
O2N NAP J . 10.67 15.41 22.91
O5D NAP J . 10.10 17.91 23.04
C5D NAP J . 9.88 17.92 21.66
C4D NAP J . 10.93 18.61 20.82
O4D NAP J . 10.45 19.72 20.01
C3D NAP J . 11.83 19.25 21.80
O3D NAP J . 12.56 18.39 22.77
C2D NAP J . 12.60 20.11 20.85
O2D NAP J . 13.41 19.41 19.93
C1D NAP J . 11.57 20.69 20.15
N1N NAP J . 11.25 21.97 20.75
C2N NAP J . 12.40 22.87 21.04
C3N NAP J . 12.13 24.06 21.61
C7N NAP J . 13.28 25.00 21.93
O7N NAP J . 12.98 26.07 22.49
N7N NAP J . 14.51 24.69 21.53
C4N NAP J . 10.78 24.38 22.03
C5N NAP J . 9.66 23.58 21.77
C6N NAP J . 9.90 22.33 21.16
P2B NAP J . 17.47 19.24 28.73
O1X NAP J . 16.75 20.06 29.80
O2X NAP J . 18.93 19.12 28.94
O3X NAP J . 17.02 19.75 27.38
#